data_7FVM
# 
_entry.id   7FVM 
# 
_audit_conform.dict_name       mmcif_pdbx.dic 
_audit_conform.dict_version    5.392 
_audit_conform.dict_location   http://mmcif.pdb.org/dictionaries/ascii/mmcif_pdbx.dic 
# 
loop_
_database_2.database_id 
_database_2.database_code 
_database_2.pdbx_database_accession 
_database_2.pdbx_DOI 
PDB   7FVM         pdb_00007fvm 10.2210/pdb7fvm/pdb 
WWPDB D_1001405403 ?            ?                   
# 
loop_
_pdbx_audit_revision_history.ordinal 
_pdbx_audit_revision_history.data_content_type 
_pdbx_audit_revision_history.major_revision 
_pdbx_audit_revision_history.minor_revision 
_pdbx_audit_revision_history.revision_date 
1 'Structure model' 1 0 2023-03-29 
2 'Structure model' 1 1 2024-05-22 
# 
_pdbx_audit_revision_details.ordinal             1 
_pdbx_audit_revision_details.revision_ordinal    1 
_pdbx_audit_revision_details.data_content_type   'Structure model' 
_pdbx_audit_revision_details.provider            repository 
_pdbx_audit_revision_details.type                'Initial release' 
_pdbx_audit_revision_details.description         ? 
_pdbx_audit_revision_details.details             ? 
# 
_pdbx_audit_revision_group.ordinal             1 
_pdbx_audit_revision_group.revision_ordinal    2 
_pdbx_audit_revision_group.data_content_type   'Structure model' 
_pdbx_audit_revision_group.group               'Data collection' 
# 
loop_
_pdbx_audit_revision_category.ordinal 
_pdbx_audit_revision_category.revision_ordinal 
_pdbx_audit_revision_category.data_content_type 
_pdbx_audit_revision_category.category 
1 2 'Structure model' chem_comp_atom 
2 2 'Structure model' chem_comp_bond 
# 
_pdbx_database_status.entry_id                        7FVM 
_pdbx_database_status.status_code                     REL 
_pdbx_database_status.status_code_sf                  REL 
_pdbx_database_status.status_code_mr                  ? 
_pdbx_database_status.status_code_cs                  ? 
_pdbx_database_status.recvd_initial_deposition_date   2023-03-09 
_pdbx_database_status.status_code_nmr_data            ? 
_pdbx_database_status.deposit_site                    RCSB 
_pdbx_database_status.process_site                    RCSB 
_pdbx_database_status.SG_entry                        ? 
_pdbx_database_status.pdb_format_compatible           Y 
_pdbx_database_status.methods_development_category    ? 
# 
_pdbx_contact_author.id                 1 
_pdbx_contact_author.email              frank.von-delft@diamond.ac.uk 
_pdbx_contact_author.name_first         Frank 
_pdbx_contact_author.name_last          'von Delft' 
_pdbx_contact_author.role               'principal investigator/group leader' 
_pdbx_contact_author.identifier_ORCID   0000-0003-0378-0017 
_pdbx_contact_author.name_mi            ? 
# 
loop_
_audit_author.name 
_audit_author.pdbx_ordinal 
'Grosjean, H.'   1 
'Tomlinson, C.'  2 
'Bradshaw, W.J.' 3 
'Koekemoer, L.'  4 
'Krojer, T.'     5 
'Fearon, D.'     6 
'Biggin, P.C.'   7 
'von Delft, F.'  8 
# 
_citation.id                        primary 
_citation.title                     'PanDDA analysis group deposition' 
_citation.journal_abbrev            'To Be Published' 
_citation.journal_volume            ? 
_citation.page_first                ? 
_citation.page_last                 ? 
_citation.year                      ? 
_citation.journal_id_ASTM           ? 
_citation.country                   ? 
_citation.journal_id_ISSN           ? 
_citation.journal_id_CSD            0353 
_citation.book_publisher            ? 
_citation.pdbx_database_id_PubMed   ? 
_citation.pdbx_database_id_DOI      ? 
# 
loop_
_citation_author.citation_id 
_citation_author.name 
_citation_author.identifier_ORCID 
_citation_author.ordinal 
primary 'Grosjean, H.'   ? 1 
primary 'Tomlinson, C.'  ? 2 
primary 'Bradshaw, W.J.' ? 3 
primary 'Koekemoer, L.'  ? 4 
primary 'Krojer, T.'     ? 5 
primary 'Fearon, D.'     ? 6 
primary 'Biggin, P.C.'   ? 7 
primary 'von Delft, F.'  ? 8 
# 
loop_
_entity.id 
_entity.type 
_entity.src_method 
_entity.pdbx_description 
_entity.formula_weight 
_entity.pdbx_number_of_molecules 
_entity.pdbx_ec 
_entity.pdbx_mutation 
_entity.pdbx_fragment 
_entity.details 
1 polymer     man 'PH-interacting protein'                                           17627.859 1   ? ? ? ? 
2 non-polymer syn '4-(furan-2-carbonyl)-N-(1,2-oxazol-3-yl)piperazine-1-carboxamide' 290.275   1   ? ? ? ? 
3 water       nat water                                                              18.015    197 ? ? ? ? 
# 
_entity_name_com.entity_id   1 
_entity_name_com.name        
'PHIP,DDB1- and CUL4-associated factor 14,IRS-1 PH domain-binding protein,WD repeat-containing protein 11' 
# 
_entity_poly.entity_id                      1 
_entity_poly.type                           'polypeptide(L)' 
_entity_poly.nstd_linkage                   no 
_entity_poly.nstd_monomer                   no 
_entity_poly.pdbx_seq_one_letter_code       
;MHHHHHHSSGVDLGTENLYFQSMSYDIQAWKKQCEELLNLIFQCEDSEPFRQPVDLLEYPDYRDIIDTPMDFATVRETLE
AGNYESPMELCKDVRLIFSNSKAYTPSKRSRIYSMSLRLSAFFEEHISSVLSDYKSALRFHKRNTITKR
;
_entity_poly.pdbx_seq_one_letter_code_can   
;MHHHHHHSSGVDLGTENLYFQSMSYDIQAWKKQCEELLNLIFQCEDSEPFRQPVDLLEYPDYRDIIDTPMDFATVRETLE
AGNYESPMELCKDVRLIFSNSKAYTPSKRSRIYSMSLRLSAFFEEHISSVLSDYKSALRFHKRNTITKR
;
_entity_poly.pdbx_strand_id                 A 
_entity_poly.pdbx_target_identifier         ? 
# 
loop_
_pdbx_entity_nonpoly.entity_id 
_pdbx_entity_nonpoly.name 
_pdbx_entity_nonpoly.comp_id 
2 '4-(furan-2-carbonyl)-N-(1,2-oxazol-3-yl)piperazine-1-carboxamide' ZP5 
3 water                                                              HOH 
# 
loop_
_entity_poly_seq.entity_id 
_entity_poly_seq.num 
_entity_poly_seq.mon_id 
_entity_poly_seq.hetero 
1 1   MET n 
1 2   HIS n 
1 3   HIS n 
1 4   HIS n 
1 5   HIS n 
1 6   HIS n 
1 7   HIS n 
1 8   SER n 
1 9   SER n 
1 10  GLY n 
1 11  VAL n 
1 12  ASP n 
1 13  LEU n 
1 14  GLY n 
1 15  THR n 
1 16  GLU n 
1 17  ASN n 
1 18  LEU n 
1 19  TYR n 
1 20  PHE n 
1 21  GLN n 
1 22  SER n 
1 23  MET n 
1 24  SER n 
1 25  TYR n 
1 26  ASP n 
1 27  ILE n 
1 28  GLN n 
1 29  ALA n 
1 30  TRP n 
1 31  LYS n 
1 32  LYS n 
1 33  GLN n 
1 34  CYS n 
1 35  GLU n 
1 36  GLU n 
1 37  LEU n 
1 38  LEU n 
1 39  ASN n 
1 40  LEU n 
1 41  ILE n 
1 42  PHE n 
1 43  GLN n 
1 44  CYS n 
1 45  GLU n 
1 46  ASP n 
1 47  SER n 
1 48  GLU n 
1 49  PRO n 
1 50  PHE n 
1 51  ARG n 
1 52  GLN n 
1 53  PRO n 
1 54  VAL n 
1 55  ASP n 
1 56  LEU n 
1 57  LEU n 
1 58  GLU n 
1 59  TYR n 
1 60  PRO n 
1 61  ASP n 
1 62  TYR n 
1 63  ARG n 
1 64  ASP n 
1 65  ILE n 
1 66  ILE n 
1 67  ASP n 
1 68  THR n 
1 69  PRO n 
1 70  MET n 
1 71  ASP n 
1 72  PHE n 
1 73  ALA n 
1 74  THR n 
1 75  VAL n 
1 76  ARG n 
1 77  GLU n 
1 78  THR n 
1 79  LEU n 
1 80  GLU n 
1 81  ALA n 
1 82  GLY n 
1 83  ASN n 
1 84  TYR n 
1 85  GLU n 
1 86  SER n 
1 87  PRO n 
1 88  MET n 
1 89  GLU n 
1 90  LEU n 
1 91  CYS n 
1 92  LYS n 
1 93  ASP n 
1 94  VAL n 
1 95  ARG n 
1 96  LEU n 
1 97  ILE n 
1 98  PHE n 
1 99  SER n 
1 100 ASN n 
1 101 SER n 
1 102 LYS n 
1 103 ALA n 
1 104 TYR n 
1 105 THR n 
1 106 PRO n 
1 107 SER n 
1 108 LYS n 
1 109 ARG n 
1 110 SER n 
1 111 ARG n 
1 112 ILE n 
1 113 TYR n 
1 114 SER n 
1 115 MET n 
1 116 SER n 
1 117 LEU n 
1 118 ARG n 
1 119 LEU n 
1 120 SER n 
1 121 ALA n 
1 122 PHE n 
1 123 PHE n 
1 124 GLU n 
1 125 GLU n 
1 126 HIS n 
1 127 ILE n 
1 128 SER n 
1 129 SER n 
1 130 VAL n 
1 131 LEU n 
1 132 SER n 
1 133 ASP n 
1 134 TYR n 
1 135 LYS n 
1 136 SER n 
1 137 ALA n 
1 138 LEU n 
1 139 ARG n 
1 140 PHE n 
1 141 HIS n 
1 142 LYS n 
1 143 ARG n 
1 144 ASN n 
1 145 THR n 
1 146 ILE n 
1 147 THR n 
1 148 LYS n 
1 149 ARG n 
# 
_entity_src_gen.entity_id                          1 
_entity_src_gen.pdbx_src_id                        1 
_entity_src_gen.pdbx_alt_source_flag               sample 
_entity_src_gen.pdbx_seq_type                      'Biological sequence' 
_entity_src_gen.pdbx_beg_seq_num                   1 
_entity_src_gen.pdbx_end_seq_num                   149 
_entity_src_gen.gene_src_common_name               human 
_entity_src_gen.gene_src_genus                     ? 
_entity_src_gen.pdbx_gene_src_gene                 'PHIP, DCAF14, WDR11' 
_entity_src_gen.gene_src_species                   ? 
_entity_src_gen.gene_src_strain                    ? 
_entity_src_gen.gene_src_tissue                    ? 
_entity_src_gen.gene_src_tissue_fraction           ? 
_entity_src_gen.gene_src_details                   ? 
_entity_src_gen.pdbx_gene_src_fragment             ? 
_entity_src_gen.pdbx_gene_src_scientific_name      'Homo sapiens' 
_entity_src_gen.pdbx_gene_src_ncbi_taxonomy_id     9606 
_entity_src_gen.pdbx_gene_src_variant              ? 
_entity_src_gen.pdbx_gene_src_cell_line            ? 
_entity_src_gen.pdbx_gene_src_atcc                 ? 
_entity_src_gen.pdbx_gene_src_organ                ? 
_entity_src_gen.pdbx_gene_src_organelle            ? 
_entity_src_gen.pdbx_gene_src_cell                 ? 
_entity_src_gen.pdbx_gene_src_cellular_location    ? 
_entity_src_gen.host_org_common_name               ? 
_entity_src_gen.pdbx_host_org_scientific_name      'Escherichia coli' 
_entity_src_gen.pdbx_host_org_ncbi_taxonomy_id     562 
_entity_src_gen.host_org_genus                     ? 
_entity_src_gen.pdbx_host_org_gene                 ? 
_entity_src_gen.pdbx_host_org_organ                ? 
_entity_src_gen.host_org_species                   ? 
_entity_src_gen.pdbx_host_org_tissue               ? 
_entity_src_gen.pdbx_host_org_tissue_fraction      ? 
_entity_src_gen.pdbx_host_org_strain               ? 
_entity_src_gen.pdbx_host_org_variant              ? 
_entity_src_gen.pdbx_host_org_cell_line            ? 
_entity_src_gen.pdbx_host_org_atcc                 ? 
_entity_src_gen.pdbx_host_org_culture_collection   ? 
_entity_src_gen.pdbx_host_org_cell                 ? 
_entity_src_gen.pdbx_host_org_organelle            ? 
_entity_src_gen.pdbx_host_org_cellular_location    ? 
_entity_src_gen.pdbx_host_org_vector_type          ? 
_entity_src_gen.pdbx_host_org_vector               ? 
_entity_src_gen.host_org_details                   ? 
_entity_src_gen.expression_system_id               ? 
_entity_src_gen.plasmid_name                       ? 
_entity_src_gen.plasmid_details                    ? 
_entity_src_gen.pdbx_description                   ? 
# 
loop_
_chem_comp.id 
_chem_comp.type 
_chem_comp.mon_nstd_flag 
_chem_comp.name 
_chem_comp.pdbx_synonyms 
_chem_comp.formula 
_chem_comp.formula_weight 
ALA 'L-peptide linking' y ALANINE                                                            ? 'C3 H7 N O2'     89.093  
ARG 'L-peptide linking' y ARGININE                                                           ? 'C6 H15 N4 O2 1' 175.209 
ASN 'L-peptide linking' y ASPARAGINE                                                         ? 'C4 H8 N2 O3'    132.118 
ASP 'L-peptide linking' y 'ASPARTIC ACID'                                                    ? 'C4 H7 N O4'     133.103 
CYS 'L-peptide linking' y CYSTEINE                                                           ? 'C3 H7 N O2 S'   121.158 
GLN 'L-peptide linking' y GLUTAMINE                                                          ? 'C5 H10 N2 O3'   146.144 
GLU 'L-peptide linking' y 'GLUTAMIC ACID'                                                    ? 'C5 H9 N O4'     147.129 
GLY 'peptide linking'   y GLYCINE                                                            ? 'C2 H5 N O2'     75.067  
HIS 'L-peptide linking' y HISTIDINE                                                          ? 'C6 H10 N3 O2 1' 156.162 
HOH non-polymer         . WATER                                                              ? 'H2 O'           18.015  
ILE 'L-peptide linking' y ISOLEUCINE                                                         ? 'C6 H13 N O2'    131.173 
LEU 'L-peptide linking' y LEUCINE                                                            ? 'C6 H13 N O2'    131.173 
LYS 'L-peptide linking' y LYSINE                                                             ? 'C6 H15 N2 O2 1' 147.195 
MET 'L-peptide linking' y METHIONINE                                                         ? 'C5 H11 N O2 S'  149.211 
PHE 'L-peptide linking' y PHENYLALANINE                                                      ? 'C9 H11 N O2'    165.189 
PRO 'L-peptide linking' y PROLINE                                                            ? 'C5 H9 N O2'     115.130 
SER 'L-peptide linking' y SERINE                                                             ? 'C3 H7 N O3'     105.093 
THR 'L-peptide linking' y THREONINE                                                          ? 'C4 H9 N O3'     119.119 
TRP 'L-peptide linking' y TRYPTOPHAN                                                         ? 'C11 H12 N2 O2'  204.225 
TYR 'L-peptide linking' y TYROSINE                                                           ? 'C9 H11 N O3'    181.189 
VAL 'L-peptide linking' y VALINE                                                             ? 'C5 H11 N O2'    117.146 
ZP5 non-polymer         . '4-(furan-2-carbonyl)-N-(1,2-oxazol-3-yl)piperazine-1-carboxamide' ? 'C13 H14 N4 O4'  290.275 
# 
loop_
_pdbx_poly_seq_scheme.asym_id 
_pdbx_poly_seq_scheme.entity_id 
_pdbx_poly_seq_scheme.seq_id 
_pdbx_poly_seq_scheme.mon_id 
_pdbx_poly_seq_scheme.ndb_seq_num 
_pdbx_poly_seq_scheme.pdb_seq_num 
_pdbx_poly_seq_scheme.auth_seq_num 
_pdbx_poly_seq_scheme.pdb_mon_id 
_pdbx_poly_seq_scheme.auth_mon_id 
_pdbx_poly_seq_scheme.pdb_strand_id 
_pdbx_poly_seq_scheme.pdb_ins_code 
_pdbx_poly_seq_scheme.hetero 
A 1 1   MET 1   1292 ?    ?   ?   A . n 
A 1 2   HIS 2   1293 ?    ?   ?   A . n 
A 1 3   HIS 3   1294 ?    ?   ?   A . n 
A 1 4   HIS 4   1295 ?    ?   ?   A . n 
A 1 5   HIS 5   1296 ?    ?   ?   A . n 
A 1 6   HIS 6   1297 ?    ?   ?   A . n 
A 1 7   HIS 7   1298 ?    ?   ?   A . n 
A 1 8   SER 8   1299 ?    ?   ?   A . n 
A 1 9   SER 9   1300 ?    ?   ?   A . n 
A 1 10  GLY 10  1301 ?    ?   ?   A . n 
A 1 11  VAL 11  1302 ?    ?   ?   A . n 
A 1 12  ASP 12  1303 ?    ?   ?   A . n 
A 1 13  LEU 13  1304 ?    ?   ?   A . n 
A 1 14  GLY 14  1305 ?    ?   ?   A . n 
A 1 15  THR 15  1306 ?    ?   ?   A . n 
A 1 16  GLU 16  1307 ?    ?   ?   A . n 
A 1 17  ASN 17  1308 ?    ?   ?   A . n 
A 1 18  LEU 18  1309 ?    ?   ?   A . n 
A 1 19  TYR 19  1310 ?    ?   ?   A . n 
A 1 20  PHE 20  1311 ?    ?   ?   A . n 
A 1 21  GLN 21  1312 ?    ?   ?   A . n 
A 1 22  SER 22  1313 ?    ?   ?   A . n 
A 1 23  MET 23  1314 ?    ?   ?   A . n 
A 1 24  SER 24  1315 1315 SER SER A . n 
A 1 25  TYR 25  1316 1316 TYR TYR A . n 
A 1 26  ASP 26  1317 1317 ASP ASP A . n 
A 1 27  ILE 27  1318 1318 ILE ILE A . n 
A 1 28  GLN 28  1319 1319 GLN GLN A . n 
A 1 29  ALA 29  1320 1320 ALA ALA A . n 
A 1 30  TRP 30  1321 1321 TRP TRP A . n 
A 1 31  LYS 31  1322 1322 LYS LYS A . n 
A 1 32  LYS 32  1323 1323 LYS LYS A . n 
A 1 33  GLN 33  1324 1324 GLN GLN A . n 
A 1 34  CYS 34  1325 1325 CYS CYS A . n 
A 1 35  GLU 35  1326 1326 GLU GLU A . n 
A 1 36  GLU 36  1327 1327 GLU GLU A . n 
A 1 37  LEU 37  1328 1328 LEU LEU A . n 
A 1 38  LEU 38  1329 1329 LEU LEU A . n 
A 1 39  ASN 39  1330 1330 ASN ASN A . n 
A 1 40  LEU 40  1331 1331 LEU LEU A . n 
A 1 41  ILE 41  1332 1332 ILE ILE A . n 
A 1 42  PHE 42  1333 1333 PHE PHE A . n 
A 1 43  GLN 43  1334 1334 GLN GLN A . n 
A 1 44  CYS 44  1335 1335 CYS CYS A . n 
A 1 45  GLU 45  1336 1336 GLU GLU A . n 
A 1 46  ASP 46  1337 1337 ASP ASP A . n 
A 1 47  SER 47  1338 1338 SER SER A . n 
A 1 48  GLU 48  1339 1339 GLU GLU A . n 
A 1 49  PRO 49  1340 1340 PRO PRO A . n 
A 1 50  PHE 50  1341 1341 PHE PHE A . n 
A 1 51  ARG 51  1342 1342 ARG ARG A . n 
A 1 52  GLN 52  1343 1343 GLN GLN A . n 
A 1 53  PRO 53  1344 1344 PRO PRO A . n 
A 1 54  VAL 54  1345 1345 VAL VAL A . n 
A 1 55  ASP 55  1346 1346 ASP ASP A . n 
A 1 56  LEU 56  1347 1347 LEU LEU A . n 
A 1 57  LEU 57  1348 1348 LEU LEU A . n 
A 1 58  GLU 58  1349 1349 GLU GLU A . n 
A 1 59  TYR 59  1350 1350 TYR TYR A . n 
A 1 60  PRO 60  1351 1351 PRO PRO A . n 
A 1 61  ASP 61  1352 1352 ASP ASP A . n 
A 1 62  TYR 62  1353 1353 TYR TYR A . n 
A 1 63  ARG 63  1354 1354 ARG ARG A . n 
A 1 64  ASP 64  1355 1355 ASP ASP A . n 
A 1 65  ILE 65  1356 1356 ILE ILE A . n 
A 1 66  ILE 66  1357 1357 ILE ILE A . n 
A 1 67  ASP 67  1358 1358 ASP ASP A . n 
A 1 68  THR 68  1359 1359 THR THR A . n 
A 1 69  PRO 69  1360 1360 PRO PRO A . n 
A 1 70  MET 70  1361 1361 MET MET A . n 
A 1 71  ASP 71  1362 1362 ASP ASP A . n 
A 1 72  PHE 72  1363 1363 PHE PHE A . n 
A 1 73  ALA 73  1364 1364 ALA ALA A . n 
A 1 74  THR 74  1365 1365 THR THR A . n 
A 1 75  VAL 75  1366 1366 VAL VAL A . n 
A 1 76  ARG 76  1367 1367 ARG ARG A . n 
A 1 77  GLU 77  1368 1368 GLU GLU A . n 
A 1 78  THR 78  1369 1369 THR THR A . n 
A 1 79  LEU 79  1370 1370 LEU LEU A . n 
A 1 80  GLU 80  1371 1371 GLU GLU A . n 
A 1 81  ALA 81  1372 1372 ALA ALA A . n 
A 1 82  GLY 82  1373 1373 GLY GLY A . n 
A 1 83  ASN 83  1374 1374 ASN ASN A . n 
A 1 84  TYR 84  1375 1375 TYR TYR A . n 
A 1 85  GLU 85  1376 1376 GLU GLU A . n 
A 1 86  SER 86  1377 1377 SER SER A . n 
A 1 87  PRO 87  1378 1378 PRO PRO A . n 
A 1 88  MET 88  1379 1379 MET MET A . n 
A 1 89  GLU 89  1380 1380 GLU GLU A . n 
A 1 90  LEU 90  1381 1381 LEU LEU A . n 
A 1 91  CYS 91  1382 1382 CYS CYS A . n 
A 1 92  LYS 92  1383 1383 LYS LYS A . n 
A 1 93  ASP 93  1384 1384 ASP ASP A . n 
A 1 94  VAL 94  1385 1385 VAL VAL A . n 
A 1 95  ARG 95  1386 1386 ARG ARG A . n 
A 1 96  LEU 96  1387 1387 LEU LEU A . n 
A 1 97  ILE 97  1388 1388 ILE ILE A . n 
A 1 98  PHE 98  1389 1389 PHE PHE A . n 
A 1 99  SER 99  1390 1390 SER SER A . n 
A 1 100 ASN 100 1391 1391 ASN ASN A . n 
A 1 101 SER 101 1392 1392 SER SER A . n 
A 1 102 LYS 102 1393 1393 LYS LYS A . n 
A 1 103 ALA 103 1394 1394 ALA ALA A . n 
A 1 104 TYR 104 1395 1395 TYR TYR A . n 
A 1 105 THR 105 1396 1396 THR THR A . n 
A 1 106 PRO 106 1397 1397 PRO PRO A . n 
A 1 107 SER 107 1398 1398 SER SER A . n 
A 1 108 LYS 108 1399 1399 LYS LYS A . n 
A 1 109 ARG 109 1400 1400 ARG ARG A . n 
A 1 110 SER 110 1401 1401 SER SER A . n 
A 1 111 ARG 111 1402 1402 ARG ARG A . n 
A 1 112 ILE 112 1403 1403 ILE ILE A . n 
A 1 113 TYR 113 1404 1404 TYR TYR A . n 
A 1 114 SER 114 1405 1405 SER SER A . n 
A 1 115 MET 115 1406 1406 MET MET A . n 
A 1 116 SER 116 1407 1407 SER SER A . n 
A 1 117 LEU 117 1408 1408 LEU LEU A . n 
A 1 118 ARG 118 1409 1409 ARG ARG A . n 
A 1 119 LEU 119 1410 1410 LEU LEU A . n 
A 1 120 SER 120 1411 1411 SER SER A . n 
A 1 121 ALA 121 1412 1412 ALA ALA A . n 
A 1 122 PHE 122 1413 1413 PHE PHE A . n 
A 1 123 PHE 123 1414 1414 PHE PHE A . n 
A 1 124 GLU 124 1415 1415 GLU GLU A . n 
A 1 125 GLU 125 1416 1416 GLU GLU A . n 
A 1 126 HIS 126 1417 1417 HIS HIS A . n 
A 1 127 ILE 127 1418 1418 ILE ILE A . n 
A 1 128 SER 128 1419 1419 SER SER A . n 
A 1 129 SER 129 1420 1420 SER SER A . n 
A 1 130 VAL 130 1421 1421 VAL VAL A . n 
A 1 131 LEU 131 1422 1422 LEU LEU A . n 
A 1 132 SER 132 1423 1423 SER SER A . n 
A 1 133 ASP 133 1424 1424 ASP ASP A . n 
A 1 134 TYR 134 1425 1425 TYR TYR A . n 
A 1 135 LYS 135 1426 1426 LYS LYS A . n 
A 1 136 SER 136 1427 1427 SER SER A . n 
A 1 137 ALA 137 1428 1428 ALA ALA A . n 
A 1 138 LEU 138 1429 1429 LEU LEU A . n 
A 1 139 ARG 139 1430 1430 ARG ARG A . n 
A 1 140 PHE 140 1431 1431 PHE PHE A . n 
A 1 141 HIS 141 1432 1432 HIS HIS A . n 
A 1 142 LYS 142 1433 1433 LYS LYS A . n 
A 1 143 ARG 143 1434 1434 ARG ARG A . n 
A 1 144 ASN 144 1435 1435 ASN ASN A . n 
A 1 145 THR 145 1436 ?    ?   ?   A . n 
A 1 146 ILE 146 1437 ?    ?   ?   A . n 
A 1 147 THR 147 1438 ?    ?   ?   A . n 
A 1 148 LYS 148 1439 ?    ?   ?   A . n 
A 1 149 ARG 149 1440 ?    ?   ?   A . n 
# 
loop_
_pdbx_nonpoly_scheme.asym_id 
_pdbx_nonpoly_scheme.entity_id 
_pdbx_nonpoly_scheme.mon_id 
_pdbx_nonpoly_scheme.ndb_seq_num 
_pdbx_nonpoly_scheme.pdb_seq_num 
_pdbx_nonpoly_scheme.auth_seq_num 
_pdbx_nonpoly_scheme.pdb_mon_id 
_pdbx_nonpoly_scheme.auth_mon_id 
_pdbx_nonpoly_scheme.pdb_strand_id 
_pdbx_nonpoly_scheme.pdb_ins_code 
B 2 ZP5 1   1901 1901 ZP5 LIG A . 
C 3 HOH 1   2001 1662 HOH HOH A . 
C 3 HOH 2   2002 1610 HOH HOH A . 
C 3 HOH 3   2003 1605 HOH HOH A . 
C 3 HOH 4   2004 1712 HOH HOH A . 
C 3 HOH 5   2005 1609 HOH HOH A . 
C 3 HOH 6   2006 1771 HOH HOH A . 
C 3 HOH 7   2007 1631 HOH HOH A . 
C 3 HOH 8   2008 1607 HOH HOH A . 
C 3 HOH 9   2009 6    HOH HOH A . 
C 3 HOH 10  2010 1678 HOH HOH A . 
C 3 HOH 11  2011 1624 HOH HOH A . 
C 3 HOH 12  2012 1622 HOH HOH A . 
C 3 HOH 13  2013 1767 HOH HOH A . 
C 3 HOH 14  2014 1604 HOH HOH A . 
C 3 HOH 15  2015 1602 HOH HOH A . 
C 3 HOH 16  2016 1648 HOH HOH A . 
C 3 HOH 17  2017 1757 HOH HOH A . 
C 3 HOH 18  2018 1603 HOH HOH A . 
C 3 HOH 19  2019 1608 HOH HOH A . 
C 3 HOH 20  2020 1739 HOH HOH A . 
C 3 HOH 21  2021 1661 HOH HOH A . 
C 3 HOH 22  2022 1629 HOH HOH A . 
C 3 HOH 23  2023 11   HOH HOH A . 
C 3 HOH 24  2024 1613 HOH HOH A . 
C 3 HOH 25  2025 1664 HOH HOH A . 
C 3 HOH 26  2026 1732 HOH HOH A . 
C 3 HOH 27  2027 1692 HOH HOH A . 
C 3 HOH 28  2028 1625 HOH HOH A . 
C 3 HOH 29  2029 1642 HOH HOH A . 
C 3 HOH 30  2030 1644 HOH HOH A . 
C 3 HOH 31  2031 1649 HOH HOH A . 
C 3 HOH 32  2032 1658 HOH HOH A . 
C 3 HOH 33  2033 1615 HOH HOH A . 
C 3 HOH 34  2034 1676 HOH HOH A . 
C 3 HOH 35  2035 1683 HOH HOH A . 
C 3 HOH 36  2036 1623 HOH HOH A . 
C 3 HOH 37  2037 1630 HOH HOH A . 
C 3 HOH 38  2038 1633 HOH HOH A . 
C 3 HOH 39  2039 1672 HOH HOH A . 
C 3 HOH 40  2040 5    HOH HOH A . 
C 3 HOH 41  2041 1626 HOH HOH A . 
C 3 HOH 42  2042 1679 HOH HOH A . 
C 3 HOH 43  2043 1620 HOH HOH A . 
C 3 HOH 44  2044 1673 HOH HOH A . 
C 3 HOH 45  2045 1663 HOH HOH A . 
C 3 HOH 46  2046 1645 HOH HOH A . 
C 3 HOH 47  2047 1655 HOH HOH A . 
C 3 HOH 48  2048 1628 HOH HOH A . 
C 3 HOH 49  2049 1617 HOH HOH A . 
C 3 HOH 50  2050 1677 HOH HOH A . 
C 3 HOH 51  2051 1722 HOH HOH A . 
C 3 HOH 52  2052 1731 HOH HOH A . 
C 3 HOH 53  2053 1674 HOH HOH A . 
C 3 HOH 54  2054 1616 HOH HOH A . 
C 3 HOH 55  2055 1621 HOH HOH A . 
C 3 HOH 56  2056 1734 HOH HOH A . 
C 3 HOH 57  2057 1668 HOH HOH A . 
C 3 HOH 58  2058 1700 HOH HOH A . 
C 3 HOH 59  2059 1671 HOH HOH A . 
C 3 HOH 60  2060 1709 HOH HOH A . 
C 3 HOH 61  2061 1619 HOH HOH A . 
C 3 HOH 62  2062 1634 HOH HOH A . 
C 3 HOH 63  2063 1646 HOH HOH A . 
C 3 HOH 64  2064 1666 HOH HOH A . 
C 3 HOH 65  2065 1643 HOH HOH A . 
C 3 HOH 66  2066 1665 HOH HOH A . 
C 3 HOH 67  2067 1696 HOH HOH A . 
C 3 HOH 68  2068 1675 HOH HOH A . 
C 3 HOH 69  2069 1689 HOH HOH A . 
C 3 HOH 70  2070 1680 HOH HOH A . 
C 3 HOH 71  2071 1650 HOH HOH A . 
C 3 HOH 72  2072 2    HOH HOH A . 
C 3 HOH 73  2073 1725 HOH HOH A . 
C 3 HOH 74  2074 1733 HOH HOH A . 
C 3 HOH 75  2075 1651 HOH HOH A . 
C 3 HOH 76  2076 1632 HOH HOH A . 
C 3 HOH 77  2077 1699 HOH HOH A . 
C 3 HOH 78  2078 1687 HOH HOH A . 
C 3 HOH 79  2079 1652 HOH HOH A . 
C 3 HOH 80  2080 1681 HOH HOH A . 
C 3 HOH 81  2081 1637 HOH HOH A . 
C 3 HOH 82  2082 1693 HOH HOH A . 
C 3 HOH 83  2083 1747 HOH HOH A . 
C 3 HOH 84  2084 1688 HOH HOH A . 
C 3 HOH 85  2085 1740 HOH HOH A . 
C 3 HOH 86  2086 1701 HOH HOH A . 
C 3 HOH 87  2087 1721 HOH HOH A . 
C 3 HOH 88  2088 1694 HOH HOH A . 
C 3 HOH 89  2089 1736 HOH HOH A . 
C 3 HOH 90  2090 1682 HOH HOH A . 
C 3 HOH 91  2091 3    HOH HOH A . 
C 3 HOH 92  2092 1690 HOH HOH A . 
C 3 HOH 93  2093 1685 HOH HOH A . 
C 3 HOH 94  2094 1660 HOH HOH A . 
C 3 HOH 95  2095 1686 HOH HOH A . 
C 3 HOH 96  2096 1745 HOH HOH A . 
C 3 HOH 97  2097 1684 HOH HOH A . 
C 3 HOH 98  2098 1738 HOH HOH A . 
C 3 HOH 99  2099 1611 HOH HOH A . 
C 3 HOH 100 2100 1704 HOH HOH A . 
C 3 HOH 101 2101 1723 HOH HOH A . 
C 3 HOH 102 2102 1720 HOH HOH A . 
C 3 HOH 103 2103 1741 HOH HOH A . 
C 3 HOH 104 2104 1708 HOH HOH A . 
C 3 HOH 105 2105 1728 HOH HOH A . 
C 3 HOH 106 2106 1714 HOH HOH A . 
C 3 HOH 107 2107 1627 HOH HOH A . 
C 3 HOH 108 2108 1647 HOH HOH A . 
C 3 HOH 109 2109 1715 HOH HOH A . 
C 3 HOH 110 2110 1713 HOH HOH A . 
C 3 HOH 111 2111 1716 HOH HOH A . 
C 3 HOH 112 2112 1697 HOH HOH A . 
C 3 HOH 113 2113 1719 HOH HOH A . 
C 3 HOH 114 2114 1735 HOH HOH A . 
C 3 HOH 115 2115 1612 HOH HOH A . 
C 3 HOH 116 2116 1706 HOH HOH A . 
C 3 HOH 117 2117 1710 HOH HOH A . 
C 3 HOH 118 2118 1737 HOH HOH A . 
C 3 HOH 119 2119 1724 HOH HOH A . 
C 3 HOH 120 2120 14   HOH HOH A . 
C 3 HOH 121 2121 1729 HOH HOH A . 
C 3 HOH 122 2122 1640 HOH HOH A . 
C 3 HOH 123 2123 1772 HOH HOH A . 
C 3 HOH 124 2124 1669 HOH HOH A . 
C 3 HOH 125 2125 1727 HOH HOH A . 
C 3 HOH 126 2126 1641 HOH HOH A . 
C 3 HOH 127 2127 1702 HOH HOH A . 
C 3 HOH 128 2128 1703 HOH HOH A . 
C 3 HOH 129 2129 1801 HOH HOH A . 
C 3 HOH 130 2130 1744 HOH HOH A . 
C 3 HOH 131 2131 1718 HOH HOH A . 
C 3 HOH 132 2132 1726 HOH HOH A . 
C 3 HOH 133 2133 1667 HOH HOH A . 
C 3 HOH 134 2134 13   HOH HOH A . 
C 3 HOH 135 2135 1754 HOH HOH A . 
C 3 HOH 136 2136 1635 HOH HOH A . 
C 3 HOH 137 2137 1657 HOH HOH A . 
C 3 HOH 138 2138 1638 HOH HOH A . 
C 3 HOH 139 2139 1711 HOH HOH A . 
C 3 HOH 140 2140 1656 HOH HOH A . 
C 3 HOH 141 2141 1653 HOH HOH A . 
C 3 HOH 142 2142 1742 HOH HOH A . 
C 3 HOH 143 2143 12   HOH HOH A . 
C 3 HOH 144 2144 1752 HOH HOH A . 
C 3 HOH 145 2145 1743 HOH HOH A . 
C 3 HOH 146 2146 15   HOH HOH A . 
C 3 HOH 147 2147 1748 HOH HOH A . 
C 3 HOH 148 2148 1753 HOH HOH A . 
C 3 HOH 149 2149 1751 HOH HOH A . 
C 3 HOH 150 2150 1756 HOH HOH A . 
C 3 HOH 151 2151 1759 HOH HOH A . 
C 3 HOH 152 2152 1730 HOH HOH A . 
C 3 HOH 153 2153 1758 HOH HOH A . 
C 3 HOH 154 2154 1755 HOH HOH A . 
C 3 HOH 155 2155 1794 HOH HOH A . 
C 3 HOH 156 2156 1766 HOH HOH A . 
C 3 HOH 157 2157 1    HOH HOH A . 
C 3 HOH 158 2158 1762 HOH HOH A . 
C 3 HOH 159 2159 1795 HOH HOH A . 
C 3 HOH 160 2160 1769 HOH HOH A . 
C 3 HOH 161 2161 1746 HOH HOH A . 
C 3 HOH 162 2162 1765 HOH HOH A . 
C 3 HOH 163 2163 1784 HOH HOH A . 
C 3 HOH 164 2164 1779 HOH HOH A . 
C 3 HOH 165 2165 1786 HOH HOH A . 
C 3 HOH 166 2166 8    HOH HOH A . 
C 3 HOH 167 2167 1764 HOH HOH A . 
C 3 HOH 168 2168 1768 HOH HOH A . 
C 3 HOH 169 2169 1761 HOH HOH A . 
C 3 HOH 170 2170 9    HOH HOH A . 
C 3 HOH 171 2171 1774 HOH HOH A . 
C 3 HOH 172 2172 10   HOH HOH A . 
C 3 HOH 173 2173 1760 HOH HOH A . 
C 3 HOH 174 2174 1775 HOH HOH A . 
C 3 HOH 175 2175 1778 HOH HOH A . 
C 3 HOH 176 2176 1780 HOH HOH A . 
C 3 HOH 177 2177 1796 HOH HOH A . 
C 3 HOH 178 2178 1782 HOH HOH A . 
C 3 HOH 179 2179 1781 HOH HOH A . 
C 3 HOH 180 2180 1785 HOH HOH A . 
C 3 HOH 181 2181 1763 HOH HOH A . 
C 3 HOH 182 2182 1777 HOH HOH A . 
C 3 HOH 183 2183 1783 HOH HOH A . 
C 3 HOH 184 2184 1770 HOH HOH A . 
C 3 HOH 185 2185 1787 HOH HOH A . 
C 3 HOH 186 2186 1791 HOH HOH A . 
C 3 HOH 187 2187 1789 HOH HOH A . 
C 3 HOH 188 2188 7    HOH HOH A . 
C 3 HOH 189 2189 1654 HOH HOH A . 
C 3 HOH 190 2190 1790 HOH HOH A . 
C 3 HOH 191 2191 1792 HOH HOH A . 
C 3 HOH 192 2192 1793 HOH HOH A . 
C 3 HOH 193 2193 4    HOH HOH A . 
C 3 HOH 194 2194 1798 HOH HOH A . 
C 3 HOH 195 2195 1799 HOH HOH A . 
C 3 HOH 196 2196 1797 HOH HOH A . 
C 3 HOH 197 2197 1800 HOH HOH A . 
# 
loop_
_pdbx_unobs_or_zero_occ_atoms.id 
_pdbx_unobs_or_zero_occ_atoms.PDB_model_num 
_pdbx_unobs_or_zero_occ_atoms.polymer_flag 
_pdbx_unobs_or_zero_occ_atoms.occupancy_flag 
_pdbx_unobs_or_zero_occ_atoms.auth_asym_id 
_pdbx_unobs_or_zero_occ_atoms.auth_comp_id 
_pdbx_unobs_or_zero_occ_atoms.auth_seq_id 
_pdbx_unobs_or_zero_occ_atoms.PDB_ins_code 
_pdbx_unobs_or_zero_occ_atoms.auth_atom_id 
_pdbx_unobs_or_zero_occ_atoms.label_alt_id 
_pdbx_unobs_or_zero_occ_atoms.label_asym_id 
_pdbx_unobs_or_zero_occ_atoms.label_comp_id 
_pdbx_unobs_or_zero_occ_atoms.label_seq_id 
_pdbx_unobs_or_zero_occ_atoms.label_atom_id 
1 1 Y 1 A GLN 1334 ? CD  ? A GLN 43 CD  
2 1 Y 1 A GLN 1334 ? OE1 ? A GLN 43 OE1 
3 1 Y 1 A GLN 1334 ? NE2 ? A GLN 43 NE2 
# 
loop_
_software.pdbx_ordinal 
_software.name 
_software.version 
_software.date 
_software.type 
_software.contact_author 
_software.contact_author_email 
_software.classification 
_software.location 
_software.language 
_software.citation_id 
1 REFMAC      5.8.0267 ?               program 'Garib N. Murshudov' garib@ysbl.york.ac.uk    refinement        
http://www.ccp4.ac.uk/dist/html/refmac5.html        Fortran_77 ? 
2 Aimless     0.7.7    23/04/21        program 'Phil Evans'         ?                        'data scaling'    
http://www.mrc-lmb.cam.ac.uk/harry/pre/aimless.html ?          ? 
3 PDB_EXTRACT 3.23     'SEP. 23, 2016' package PDB                  deposit@deposit.rcsb.org 'data extraction' 
http://sw-tools.pdb.org/apps/PDB_EXTRACT/           C++        ? 
4 XDS         .        ?               program ?                    ?                        'data reduction'  ? ?          ? 
5 REFMAC      .        ?               program ?                    ?                        phasing           ? ?          ? 
# 
_cell.entry_id           7FVM 
_cell.length_a           81.788 
_cell.length_b           27.405 
_cell.length_c           56.326 
_cell.angle_alpha        90.000 
_cell.angle_beta         100.150 
_cell.angle_gamma        90.000 
_cell.Z_PDB              4 
_cell.pdbx_unique_axis   ? 
# 
_symmetry.entry_id                         7FVM 
_symmetry.space_group_name_H-M             'C 1 2 1' 
_symmetry.pdbx_full_space_group_name_H-M   ? 
_symmetry.cell_setting                     ? 
_symmetry.Int_Tables_number                5 
# 
_exptl.crystals_number   1 
_exptl.entry_id          7FVM 
_exptl.method            'X-RAY DIFFRACTION' 
# 
_exptl_crystal.id                    1 
_exptl_crystal.pdbx_mosaicity        0.000 
_exptl_crystal.pdbx_mosaicity_esd    ? 
_exptl_crystal.density_Matthews      1.76 
_exptl_crystal.density_diffrn        ? 
_exptl_crystal.density_meas          ? 
_exptl_crystal.density_meas_temp     ? 
_exptl_crystal.density_percent_sol   30.21 
_exptl_crystal.size_max              ? 
_exptl_crystal.size_mid              ? 
_exptl_crystal.size_min              ? 
_exptl_crystal.size_rad              ? 
_exptl_crystal.description           ? 
# 
_exptl_crystal_grow.crystal_id      1 
_exptl_crystal_grow.method          'VAPOR DIFFUSION, SITTING DROP' 
_exptl_crystal_grow.pH              5.6 
_exptl_crystal_grow.temp            277 
_exptl_crystal_grow.pdbx_details    '20% PEG 8000, 0.04M potassium phosphate' 
_exptl_crystal_grow.temp_details    ? 
_exptl_crystal_grow.pdbx_pH_range   ? 
# 
_diffrn.id                     1 
_diffrn.ambient_temp           100 
_diffrn.crystal_id             1 
_diffrn.ambient_temp_details   ? 
# 
_diffrn_detector.detector               PIXEL 
_diffrn_detector.type                   'DECTRIS PILATUS 6M' 
_diffrn_detector.pdbx_collection_date   2022-09-24 
_diffrn_detector.diffrn_id              1 
_diffrn_detector.details                ? 
# 
_diffrn_radiation.diffrn_id                        1 
_diffrn_radiation.wavelength_id                    1 
_diffrn_radiation.pdbx_diffrn_protocol             'SINGLE WAVELENGTH' 
_diffrn_radiation.pdbx_monochromatic_or_laue_m_l   ? 
_diffrn_radiation.monochromator                    ? 
_diffrn_radiation.pdbx_scattering_type             x-ray 
# 
_diffrn_radiation_wavelength.id           1 
_diffrn_radiation_wavelength.wavelength   0.92124 
_diffrn_radiation_wavelength.wt           1.0 
# 
_diffrn_source.diffrn_id                   1 
_diffrn_source.source                      SYNCHROTRON 
_diffrn_source.type                        'DIAMOND BEAMLINE I04-1' 
_diffrn_source.pdbx_wavelength_list        0.92124 
_diffrn_source.pdbx_synchrotron_site       Diamond 
_diffrn_source.pdbx_synchrotron_beamline   I04-1 
_diffrn_source.pdbx_wavelength             ? 
# 
_reflns.entry_id                     7FVM 
_reflns.pdbx_diffrn_id               1 
_reflns.pdbx_ordinal                 1 
_reflns.observed_criterion_sigma_I   ? 
_reflns.observed_criterion_sigma_F   ? 
_reflns.d_resolution_low             55.440 
_reflns.d_resolution_high            1.260 
_reflns.number_obs                   30824 
_reflns.number_all                   ? 
_reflns.percent_possible_obs         91.900 
_reflns.pdbx_Rmerge_I_obs            0.083 
_reflns.pdbx_Rsym_value              ? 
_reflns.pdbx_netI_over_sigmaI        16.000 
_reflns.B_iso_Wilson_estimate        ? 
_reflns.pdbx_redundancy              5.500 
_reflns.pdbx_Rrim_I_all              0.091 
_reflns.pdbx_Rpim_I_all              0.037 
_reflns.pdbx_CC_half                 0.982 
_reflns.pdbx_netI_over_av_sigmaI     ? 
_reflns.pdbx_number_measured_all     169660 
_reflns.pdbx_scaling_rejects         0 
_reflns.pdbx_chi_squared             ? 
_reflns.Rmerge_F_all                 ? 
_reflns.Rmerge_F_obs                 ? 
_reflns.observed_criterion_F_max     ? 
_reflns.observed_criterion_F_min     ? 
_reflns.observed_criterion_I_max     ? 
_reflns.observed_criterion_I_min     ? 
_reflns.pdbx_d_res_high_opt          ? 
_reflns.pdbx_d_res_low_opt           ? 
_reflns.details                      ? 
# 
loop_
_reflns_shell.pdbx_diffrn_id 
_reflns_shell.pdbx_ordinal 
_reflns_shell.d_res_high 
_reflns_shell.d_res_low 
_reflns_shell.number_measured_obs 
_reflns_shell.number_measured_all 
_reflns_shell.number_unique_obs 
_reflns_shell.pdbx_rejects 
_reflns_shell.Rmerge_I_obs 
_reflns_shell.meanI_over_sigI_obs 
_reflns_shell.pdbx_Rsym_value 
_reflns_shell.pdbx_chi_squared 
_reflns_shell.pdbx_redundancy 
_reflns_shell.percent_possible_obs 
_reflns_shell.pdbx_netI_over_sigmaI_obs 
_reflns_shell.number_possible 
_reflns_shell.number_unique_all 
_reflns_shell.Rmerge_F_all 
_reflns_shell.Rmerge_F_obs 
_reflns_shell.Rmerge_I_all 
_reflns_shell.meanI_over_sigI_all 
_reflns_shell.percent_possible_all 
_reflns_shell.pdbx_Rrim_I_all 
_reflns_shell.pdbx_Rpim_I_all 
_reflns_shell.pdbx_CC_half 
1 1 1.260 1.280  ? 1816 ? ? 1.260 ? ? ? 2.200 ? 2.000  ? 843 ? ? ? ? 50.900 1.723 1.166 0.218 
1 2 6.790 55.440 ? 1435 ? ? 0.079 ? ? ? 5.800 ? 36.700 ? 249 ? ? ? ? 99.800 0.088 0.038 0.986 
# 
_refine.entry_id                                 7FVM 
_refine.pdbx_refine_id                           'X-RAY DIFFRACTION' 
_refine.ls_d_res_high                            1.2600 
_refine.ls_d_res_low                             55.4400 
_refine.pdbx_ls_sigma_F                          0.000 
_refine.pdbx_data_cutoff_high_absF               ? 
_refine.pdbx_data_cutoff_low_absF                ? 
_refine.ls_percent_reflns_obs                    91.3300 
_refine.ls_number_reflns_obs                     29155 
_refine.ls_number_reflns_all                     ? 
_refine.pdbx_ls_cross_valid_method               THROUGHOUT 
_refine.ls_matrix_type                           ? 
_refine.pdbx_R_Free_selection_details            RANDOM 
_refine.details                                  
'HYDROGENS HAVE BEEN ADDED IN THE RIDING POSITIONS U VALUES      : REFINED INDIVIDUALLY' 
_refine.ls_R_factor_all                          ? 
_refine.ls_R_factor_obs                          0.1780 
_refine.ls_R_factor_R_work                       0.1770 
_refine.ls_wR_factor_R_work                      ? 
_refine.ls_R_factor_R_free                       0.1970 
_refine.ls_wR_factor_R_free                      ? 
_refine.ls_percent_reflns_R_free                 5.1000 
_refine.ls_number_reflns_R_free                  1562 
_refine.ls_number_reflns_R_work                  ? 
_refine.ls_R_factor_R_free_error                 ? 
_refine.B_iso_mean                               19.6500 
_refine.solvent_model_param_bsol                 ? 
_refine.solvent_model_param_ksol                 ? 
_refine.pdbx_isotropic_thermal_model             ? 
_refine.aniso_B[1][1]                            -0.1100 
_refine.aniso_B[2][2]                            1.1300 
_refine.aniso_B[3][3]                            -1.0500 
_refine.aniso_B[1][2]                            -0.0000 
_refine.aniso_B[1][3]                            0.2600 
_refine.aniso_B[2][3]                            0.0000 
_refine.correlation_coeff_Fo_to_Fc               0.9660 
_refine.correlation_coeff_Fo_to_Fc_free          0.9620 
_refine.overall_SU_R_Cruickshank_DPI             ? 
_refine.pdbx_overall_SU_R_free_Cruickshank_DPI   ? 
_refine.pdbx_overall_SU_R_Blow_DPI               ? 
_refine.pdbx_overall_SU_R_free_Blow_DPI          ? 
_refine.overall_SU_R_free                        ? 
_refine.pdbx_overall_ESU_R                       0.0880 
_refine.pdbx_overall_ESU_R_Free                  0.0780 
_refine.overall_SU_ML                            0.0670 
_refine.overall_SU_B                             1.6400 
_refine.solvent_model_details                    MASK 
_refine.pdbx_solvent_vdw_probe_radii             1.2000 
_refine.pdbx_solvent_ion_probe_radii             0.8000 
_refine.pdbx_solvent_shrinkage_radii             0.8000 
_refine.ls_number_parameters                     ? 
_refine.ls_number_restraints                     ? 
_refine.pdbx_starting_model                      7av9 
_refine.pdbx_method_to_determine_struct          'FOURIER SYNTHESIS' 
_refine.pdbx_stereochemistry_target_values       'MAXIMUM LIKELIHOOD' 
_refine.pdbx_stereochem_target_val_spec_case     ? 
_refine.overall_FOM_work_R_set                   ? 
_refine.B_iso_max                                51.640 
_refine.B_iso_min                                10.290 
_refine.pdbx_overall_phase_error                 ? 
_refine.occupancy_max                            ? 
_refine.occupancy_min                            ? 
_refine.pdbx_diffrn_id                           1 
_refine.pdbx_TLS_residual_ADP_flag               ? 
_refine.pdbx_ls_sigma_I                          ? 
_refine.pdbx_data_cutoff_high_rms_absF           ? 
_refine.ls_R_factor_R_free_error_details         ? 
# 
_refine_hist.cycle_id                         final 
_refine_hist.pdbx_refine_id                   'X-RAY DIFFRACTION' 
_refine_hist.d_res_high                       1.2600 
_refine_hist.d_res_low                        55.4400 
_refine_hist.pdbx_number_atoms_ligand         21 
_refine_hist.number_atoms_solvent             197 
_refine_hist.number_atoms_total               1221 
_refine_hist.pdbx_number_residues_total       121 
_refine_hist.pdbx_B_iso_mean_ligand           31.71 
_refine_hist.pdbx_B_iso_mean_solvent          29.00 
_refine_hist.pdbx_number_atoms_protein        1003 
_refine_hist.pdbx_number_atoms_nucleic_acid   0 
# 
loop_
_refine_ls_restr.pdbx_refine_id 
_refine_ls_restr.type 
_refine_ls_restr.number 
_refine_ls_restr.dev_ideal 
_refine_ls_restr.dev_ideal_target 
_refine_ls_restr.weight 
_refine_ls_restr.pdbx_restraint_function 
'X-RAY DIFFRACTION' r_bond_refined_d       3284 0.007  0.015  ? ? 
'X-RAY DIFFRACTION' r_bond_other_d         2160 0.001  0.014  ? ? 
'X-RAY DIFFRACTION' r_angle_refined_deg    3294 1.532  1.672  ? ? 
'X-RAY DIFFRACTION' r_angle_other_deg      5045 1.406  1.589  ? ? 
'X-RAY DIFFRACTION' r_dihedral_angle_1_deg 300  5.888  5.000  ? ? 
'X-RAY DIFFRACTION' r_dihedral_angle_2_deg 141  22.110 20.780 ? ? 
'X-RAY DIFFRACTION' r_dihedral_angle_3_deg 413  13.528 15.000 ? ? 
'X-RAY DIFFRACTION' r_dihedral_angle_4_deg 21   10.105 15.000 ? ? 
'X-RAY DIFFRACTION' r_chiral_restr         305  0.081  0.200  ? ? 
'X-RAY DIFFRACTION' r_gen_planes_refined   2825 0.008  0.020  ? ? 
'X-RAY DIFFRACTION' r_gen_planes_other     579  0.002  0.020  ? ? 
'X-RAY DIFFRACTION' r_mcbond_it            1554 1.243  1.903  ? ? 
'X-RAY DIFFRACTION' r_mcbond_other         1490 1.268  1.861  ? ? 
'X-RAY DIFFRACTION' r_mcangle_it           1448 2.379  2.705  ? ? 
# 
_refine_ls_shell.d_res_high                       1.2600 
_refine_ls_shell.d_res_low                        1.2930 
_refine_ls_shell.pdbx_total_number_of_bins_used   20 
_refine_ls_shell.percent_reflns_obs               49.5500 
_refine_ls_shell.number_reflns_R_work             1137 
_refine_ls_shell.R_factor_all                     ? 
_refine_ls_shell.R_factor_R_work                  0.3140 
_refine_ls_shell.R_factor_R_free                  0.2630 
_refine_ls_shell.percent_reflns_R_free            ? 
_refine_ls_shell.number_reflns_R_free             72 
_refine_ls_shell.R_factor_R_free_error            ? 
_refine_ls_shell.number_reflns_all                1209 
_refine_ls_shell.number_reflns_obs                ? 
_refine_ls_shell.pdbx_refine_id                   'X-RAY DIFFRACTION' 
# 
_struct.entry_id                  7FVM 
_struct.title                     'PanDDA analysis group deposition -- PHIP in complex with Z1590917771' 
_struct.pdbx_model_details        ? 
_struct.pdbx_CASP_flag            ? 
_struct.pdbx_model_type_details   ? 
# 
_struct_keywords.entry_id        7FVM 
_struct_keywords.text            
'False negatives, ligand features, rescreening, catalogue, fragment follow-ups, automated chemistry, SIGNALING PROTEIN' 
_struct_keywords.pdbx_keywords   'SIGNALING PROTEIN' 
# 
loop_
_struct_asym.id 
_struct_asym.pdbx_blank_PDB_chainid_flag 
_struct_asym.pdbx_modified 
_struct_asym.entity_id 
_struct_asym.details 
A N N 1 ? 
B N N 2 ? 
C N N 3 ? 
# 
_struct_ref.id                         1 
_struct_ref.db_name                    UNP 
_struct_ref.db_code                    PHIP_HUMAN 
_struct_ref.pdbx_db_accession          Q8WWQ0 
_struct_ref.pdbx_db_isoform            ? 
_struct_ref.entity_id                  1 
_struct_ref.pdbx_seq_one_letter_code   
;SYDIQAWKKQCEELLNLIFQCEDSEPFRQPVDLLEYPDYRDIIDTPMDFATVRETLEAGNYESPMELCKDVRLIFSNSKA
YTPSKRSRIYSMSLRLSAFFEEHISSVLSDYKSALRFHKRNTITKR
;
_struct_ref.pdbx_align_begin           1315 
# 
_struct_ref_seq.align_id                      1 
_struct_ref_seq.ref_id                        1 
_struct_ref_seq.pdbx_PDB_id_code              7FVM 
_struct_ref_seq.pdbx_strand_id                A 
_struct_ref_seq.seq_align_beg                 24 
_struct_ref_seq.pdbx_seq_align_beg_ins_code   ? 
_struct_ref_seq.seq_align_end                 149 
_struct_ref_seq.pdbx_seq_align_end_ins_code   ? 
_struct_ref_seq.pdbx_db_accession             Q8WWQ0 
_struct_ref_seq.db_align_beg                  1315 
_struct_ref_seq.pdbx_db_align_beg_ins_code    ? 
_struct_ref_seq.db_align_end                  1440 
_struct_ref_seq.pdbx_db_align_end_ins_code    ? 
_struct_ref_seq.pdbx_auth_seq_align_beg       1315 
_struct_ref_seq.pdbx_auth_seq_align_end       1440 
# 
loop_
_struct_ref_seq_dif.align_id 
_struct_ref_seq_dif.pdbx_pdb_id_code 
_struct_ref_seq_dif.mon_id 
_struct_ref_seq_dif.pdbx_pdb_strand_id 
_struct_ref_seq_dif.seq_num 
_struct_ref_seq_dif.pdbx_pdb_ins_code 
_struct_ref_seq_dif.pdbx_seq_db_name 
_struct_ref_seq_dif.pdbx_seq_db_accession_code 
_struct_ref_seq_dif.db_mon_id 
_struct_ref_seq_dif.pdbx_seq_db_seq_num 
_struct_ref_seq_dif.details 
_struct_ref_seq_dif.pdbx_auth_seq_num 
_struct_ref_seq_dif.pdbx_ordinal 
1 7FVM MET A 1  ? UNP Q8WWQ0 ? ? 'initiating methionine' 1292 1  
1 7FVM HIS A 2  ? UNP Q8WWQ0 ? ? 'expression tag'        1293 2  
1 7FVM HIS A 3  ? UNP Q8WWQ0 ? ? 'expression tag'        1294 3  
1 7FVM HIS A 4  ? UNP Q8WWQ0 ? ? 'expression tag'        1295 4  
1 7FVM HIS A 5  ? UNP Q8WWQ0 ? ? 'expression tag'        1296 5  
1 7FVM HIS A 6  ? UNP Q8WWQ0 ? ? 'expression tag'        1297 6  
1 7FVM HIS A 7  ? UNP Q8WWQ0 ? ? 'expression tag'        1298 7  
1 7FVM SER A 8  ? UNP Q8WWQ0 ? ? 'expression tag'        1299 8  
1 7FVM SER A 9  ? UNP Q8WWQ0 ? ? 'expression tag'        1300 9  
1 7FVM GLY A 10 ? UNP Q8WWQ0 ? ? 'expression tag'        1301 10 
1 7FVM VAL A 11 ? UNP Q8WWQ0 ? ? 'expression tag'        1302 11 
1 7FVM ASP A 12 ? UNP Q8WWQ0 ? ? 'expression tag'        1303 12 
1 7FVM LEU A 13 ? UNP Q8WWQ0 ? ? 'expression tag'        1304 13 
1 7FVM GLY A 14 ? UNP Q8WWQ0 ? ? 'expression tag'        1305 14 
1 7FVM THR A 15 ? UNP Q8WWQ0 ? ? 'expression tag'        1306 15 
1 7FVM GLU A 16 ? UNP Q8WWQ0 ? ? 'expression tag'        1307 16 
1 7FVM ASN A 17 ? UNP Q8WWQ0 ? ? 'expression tag'        1308 17 
1 7FVM LEU A 18 ? UNP Q8WWQ0 ? ? 'expression tag'        1309 18 
1 7FVM TYR A 19 ? UNP Q8WWQ0 ? ? 'expression tag'        1310 19 
1 7FVM PHE A 20 ? UNP Q8WWQ0 ? ? 'expression tag'        1311 20 
1 7FVM GLN A 21 ? UNP Q8WWQ0 ? ? 'expression tag'        1312 21 
1 7FVM SER A 22 ? UNP Q8WWQ0 ? ? 'expression tag'        1313 22 
1 7FVM MET A 23 ? UNP Q8WWQ0 ? ? 'expression tag'        1314 23 
# 
_pdbx_struct_assembly.id                   1 
_pdbx_struct_assembly.details              author_and_software_defined_assembly 
_pdbx_struct_assembly.method_details       PISA 
_pdbx_struct_assembly.oligomeric_details   monomeric 
_pdbx_struct_assembly.oligomeric_count     1 
# 
_pdbx_struct_assembly_gen.assembly_id       1 
_pdbx_struct_assembly_gen.oper_expression   1 
_pdbx_struct_assembly_gen.asym_id_list      A,B,C 
# 
_pdbx_struct_oper_list.id                   1 
_pdbx_struct_oper_list.type                 'identity operation' 
_pdbx_struct_oper_list.name                 1_555 
_pdbx_struct_oper_list.symmetry_operation   x,y,z 
_pdbx_struct_oper_list.matrix[1][1]         1.0000000000 
_pdbx_struct_oper_list.matrix[1][2]         0.0000000000 
_pdbx_struct_oper_list.matrix[1][3]         0.0000000000 
_pdbx_struct_oper_list.vector[1]            0.0000000000 
_pdbx_struct_oper_list.matrix[2][1]         0.0000000000 
_pdbx_struct_oper_list.matrix[2][2]         1.0000000000 
_pdbx_struct_oper_list.matrix[2][3]         0.0000000000 
_pdbx_struct_oper_list.vector[2]            0.0000000000 
_pdbx_struct_oper_list.matrix[3][1]         0.0000000000 
_pdbx_struct_oper_list.matrix[3][2]         0.0000000000 
_pdbx_struct_oper_list.matrix[3][3]         1.0000000000 
_pdbx_struct_oper_list.vector[3]            0.0000000000 
# 
loop_
_struct_conf.conf_type_id 
_struct_conf.id 
_struct_conf.pdbx_PDB_helix_id 
_struct_conf.beg_label_comp_id 
_struct_conf.beg_label_asym_id 
_struct_conf.beg_label_seq_id 
_struct_conf.pdbx_beg_PDB_ins_code 
_struct_conf.end_label_comp_id 
_struct_conf.end_label_asym_id 
_struct_conf.end_label_seq_id 
_struct_conf.pdbx_end_PDB_ins_code 
_struct_conf.beg_auth_comp_id 
_struct_conf.beg_auth_asym_id 
_struct_conf.beg_auth_seq_id 
_struct_conf.end_auth_comp_id 
_struct_conf.end_auth_asym_id 
_struct_conf.end_auth_seq_id 
_struct_conf.pdbx_PDB_helix_class 
_struct_conf.details 
_struct_conf.pdbx_PDB_helix_length 
HELX_P HELX_P1 AA1 ALA A 29  ? CYS A 44  ? ALA A 1320 CYS A 1335 1 ? 16 
HELX_P HELX_P2 AA2 GLU A 45  ? ARG A 51  ? GLU A 1336 ARG A 1342 5 ? 7  
HELX_P HELX_P3 AA3 ASP A 61  ? ILE A 66  ? ASP A 1352 ILE A 1357 1 ? 6  
HELX_P HELX_P4 AA4 ASP A 71  ? ALA A 81  ? ASP A 1362 ALA A 1372 1 ? 11 
HELX_P HELX_P5 AA5 SER A 86  ? THR A 105 ? SER A 1377 THR A 1396 1 ? 20 
HELX_P HELX_P6 AA6 SER A 110 ? LYS A 142 ? SER A 1401 LYS A 1433 1 ? 33 
# 
_struct_conf_type.id          HELX_P 
_struct_conf_type.criteria    ? 
_struct_conf_type.reference   ? 
# 
loop_
_pdbx_validate_close_contact.id 
_pdbx_validate_close_contact.PDB_model_num 
_pdbx_validate_close_contact.auth_atom_id_1 
_pdbx_validate_close_contact.auth_asym_id_1 
_pdbx_validate_close_contact.auth_comp_id_1 
_pdbx_validate_close_contact.auth_seq_id_1 
_pdbx_validate_close_contact.PDB_ins_code_1 
_pdbx_validate_close_contact.label_alt_id_1 
_pdbx_validate_close_contact.auth_atom_id_2 
_pdbx_validate_close_contact.auth_asym_id_2 
_pdbx_validate_close_contact.auth_comp_id_2 
_pdbx_validate_close_contact.auth_seq_id_2 
_pdbx_validate_close_contact.PDB_ins_code_2 
_pdbx_validate_close_contact.label_alt_id_2 
_pdbx_validate_close_contact.dist 
1 1 O A HOH 2058 ? ? O A HOH 2098 ? ? 2.00 
2 1 O A HOH 2041 ? ? O A HOH 2140 ? ? 2.02 
3 1 O A HOH 2070 ? ? O A HOH 2192 ? ? 2.17 
# 
loop_
_pdbx_validate_symm_contact.id 
_pdbx_validate_symm_contact.PDB_model_num 
_pdbx_validate_symm_contact.auth_atom_id_1 
_pdbx_validate_symm_contact.auth_asym_id_1 
_pdbx_validate_symm_contact.auth_comp_id_1 
_pdbx_validate_symm_contact.auth_seq_id_1 
_pdbx_validate_symm_contact.PDB_ins_code_1 
_pdbx_validate_symm_contact.label_alt_id_1 
_pdbx_validate_symm_contact.site_symmetry_1 
_pdbx_validate_symm_contact.auth_atom_id_2 
_pdbx_validate_symm_contact.auth_asym_id_2 
_pdbx_validate_symm_contact.auth_comp_id_2 
_pdbx_validate_symm_contact.auth_seq_id_2 
_pdbx_validate_symm_contact.PDB_ins_code_2 
_pdbx_validate_symm_contact.label_alt_id_2 
_pdbx_validate_symm_contact.site_symmetry_2 
_pdbx_validate_symm_contact.dist 
1 1 O A HOH 2156 ? ? 1_555 O A HOH 2171 ? ? 4_445 2.08 
2 1 O A HOH 2006 ? ? 1_555 O A HOH 2076 ? ? 4_445 2.18 
# 
loop_
_pdbx_struct_special_symmetry.id 
_pdbx_struct_special_symmetry.PDB_model_num 
_pdbx_struct_special_symmetry.auth_asym_id 
_pdbx_struct_special_symmetry.auth_comp_id 
_pdbx_struct_special_symmetry.auth_seq_id 
_pdbx_struct_special_symmetry.PDB_ins_code 
_pdbx_struct_special_symmetry.label_asym_id 
_pdbx_struct_special_symmetry.label_comp_id 
_pdbx_struct_special_symmetry.label_seq_id 
1 1 A HOH 2114 ? C HOH . 
2 1 A HOH 2190 ? C HOH . 
# 
_phasing.method   MR 
# 
_pdbx_entry_details.entry_id                 7FVM 
_pdbx_entry_details.compound_details         ? 
_pdbx_entry_details.source_details           ? 
_pdbx_entry_details.nonpolymer_details       ? 
_pdbx_entry_details.sequence_details         ? 
_pdbx_entry_details.has_ligand_of_interest   Y 
# 
loop_
_pdbx_unobs_or_zero_occ_residues.id 
_pdbx_unobs_or_zero_occ_residues.PDB_model_num 
_pdbx_unobs_or_zero_occ_residues.polymer_flag 
_pdbx_unobs_or_zero_occ_residues.occupancy_flag 
_pdbx_unobs_or_zero_occ_residues.auth_asym_id 
_pdbx_unobs_or_zero_occ_residues.auth_comp_id 
_pdbx_unobs_or_zero_occ_residues.auth_seq_id 
_pdbx_unobs_or_zero_occ_residues.PDB_ins_code 
_pdbx_unobs_or_zero_occ_residues.label_asym_id 
_pdbx_unobs_or_zero_occ_residues.label_comp_id 
_pdbx_unobs_or_zero_occ_residues.label_seq_id 
1  1 Y 1 A MET 1292 ? A MET 1   
2  1 Y 1 A HIS 1293 ? A HIS 2   
3  1 Y 1 A HIS 1294 ? A HIS 3   
4  1 Y 1 A HIS 1295 ? A HIS 4   
5  1 Y 1 A HIS 1296 ? A HIS 5   
6  1 Y 1 A HIS 1297 ? A HIS 6   
7  1 Y 1 A HIS 1298 ? A HIS 7   
8  1 Y 1 A SER 1299 ? A SER 8   
9  1 Y 1 A SER 1300 ? A SER 9   
10 1 Y 1 A GLY 1301 ? A GLY 10  
11 1 Y 1 A VAL 1302 ? A VAL 11  
12 1 Y 1 A ASP 1303 ? A ASP 12  
13 1 Y 1 A LEU 1304 ? A LEU 13  
14 1 Y 1 A GLY 1305 ? A GLY 14  
15 1 Y 1 A THR 1306 ? A THR 15  
16 1 Y 1 A GLU 1307 ? A GLU 16  
17 1 Y 1 A ASN 1308 ? A ASN 17  
18 1 Y 1 A LEU 1309 ? A LEU 18  
19 1 Y 1 A TYR 1310 ? A TYR 19  
20 1 Y 1 A PHE 1311 ? A PHE 20  
21 1 Y 1 A GLN 1312 ? A GLN 21  
22 1 Y 1 A SER 1313 ? A SER 22  
23 1 Y 1 A MET 1314 ? A MET 23  
24 1 Y 1 A THR 1436 ? A THR 145 
25 1 Y 1 A ILE 1437 ? A ILE 146 
26 1 Y 1 A THR 1438 ? A THR 147 
27 1 Y 1 A LYS 1439 ? A LYS 148 
28 1 Y 1 A ARG 1440 ? A ARG 149 
# 
loop_
_chem_comp_atom.comp_id 
_chem_comp_atom.atom_id 
_chem_comp_atom.type_symbol 
_chem_comp_atom.pdbx_aromatic_flag 
_chem_comp_atom.pdbx_stereo_config 
_chem_comp_atom.pdbx_ordinal 
ALA N    N N N 1   
ALA CA   C N S 2   
ALA C    C N N 3   
ALA O    O N N 4   
ALA CB   C N N 5   
ALA OXT  O N N 6   
ALA H    H N N 7   
ALA H2   H N N 8   
ALA HA   H N N 9   
ALA HB1  H N N 10  
ALA HB2  H N N 11  
ALA HB3  H N N 12  
ALA HXT  H N N 13  
ARG N    N N N 14  
ARG CA   C N S 15  
ARG C    C N N 16  
ARG O    O N N 17  
ARG CB   C N N 18  
ARG CG   C N N 19  
ARG CD   C N N 20  
ARG NE   N N N 21  
ARG CZ   C N N 22  
ARG NH1  N N N 23  
ARG NH2  N N N 24  
ARG OXT  O N N 25  
ARG H    H N N 26  
ARG H2   H N N 27  
ARG HA   H N N 28  
ARG HB2  H N N 29  
ARG HB3  H N N 30  
ARG HG2  H N N 31  
ARG HG3  H N N 32  
ARG HD2  H N N 33  
ARG HD3  H N N 34  
ARG HE   H N N 35  
ARG HH11 H N N 36  
ARG HH12 H N N 37  
ARG HH21 H N N 38  
ARG HH22 H N N 39  
ARG HXT  H N N 40  
ASN N    N N N 41  
ASN CA   C N S 42  
ASN C    C N N 43  
ASN O    O N N 44  
ASN CB   C N N 45  
ASN CG   C N N 46  
ASN OD1  O N N 47  
ASN ND2  N N N 48  
ASN OXT  O N N 49  
ASN H    H N N 50  
ASN H2   H N N 51  
ASN HA   H N N 52  
ASN HB2  H N N 53  
ASN HB3  H N N 54  
ASN HD21 H N N 55  
ASN HD22 H N N 56  
ASN HXT  H N N 57  
ASP N    N N N 58  
ASP CA   C N S 59  
ASP C    C N N 60  
ASP O    O N N 61  
ASP CB   C N N 62  
ASP CG   C N N 63  
ASP OD1  O N N 64  
ASP OD2  O N N 65  
ASP OXT  O N N 66  
ASP H    H N N 67  
ASP H2   H N N 68  
ASP HA   H N N 69  
ASP HB2  H N N 70  
ASP HB3  H N N 71  
ASP HD2  H N N 72  
ASP HXT  H N N 73  
CYS N    N N N 74  
CYS CA   C N R 75  
CYS C    C N N 76  
CYS O    O N N 77  
CYS CB   C N N 78  
CYS SG   S N N 79  
CYS OXT  O N N 80  
CYS H    H N N 81  
CYS H2   H N N 82  
CYS HA   H N N 83  
CYS HB2  H N N 84  
CYS HB3  H N N 85  
CYS HG   H N N 86  
CYS HXT  H N N 87  
GLN N    N N N 88  
GLN CA   C N S 89  
GLN C    C N N 90  
GLN O    O N N 91  
GLN CB   C N N 92  
GLN CG   C N N 93  
GLN CD   C N N 94  
GLN OE1  O N N 95  
GLN NE2  N N N 96  
GLN OXT  O N N 97  
GLN H    H N N 98  
GLN H2   H N N 99  
GLN HA   H N N 100 
GLN HB2  H N N 101 
GLN HB3  H N N 102 
GLN HG2  H N N 103 
GLN HG3  H N N 104 
GLN HE21 H N N 105 
GLN HE22 H N N 106 
GLN HXT  H N N 107 
GLU N    N N N 108 
GLU CA   C N S 109 
GLU C    C N N 110 
GLU O    O N N 111 
GLU CB   C N N 112 
GLU CG   C N N 113 
GLU CD   C N N 114 
GLU OE1  O N N 115 
GLU OE2  O N N 116 
GLU OXT  O N N 117 
GLU H    H N N 118 
GLU H2   H N N 119 
GLU HA   H N N 120 
GLU HB2  H N N 121 
GLU HB3  H N N 122 
GLU HG2  H N N 123 
GLU HG3  H N N 124 
GLU HE2  H N N 125 
GLU HXT  H N N 126 
GLY N    N N N 127 
GLY CA   C N N 128 
GLY C    C N N 129 
GLY O    O N N 130 
GLY OXT  O N N 131 
GLY H    H N N 132 
GLY H2   H N N 133 
GLY HA2  H N N 134 
GLY HA3  H N N 135 
GLY HXT  H N N 136 
HIS N    N N N 137 
HIS CA   C N S 138 
HIS C    C N N 139 
HIS O    O N N 140 
HIS CB   C N N 141 
HIS CG   C Y N 142 
HIS ND1  N Y N 143 
HIS CD2  C Y N 144 
HIS CE1  C Y N 145 
HIS NE2  N Y N 146 
HIS OXT  O N N 147 
HIS H    H N N 148 
HIS H2   H N N 149 
HIS HA   H N N 150 
HIS HB2  H N N 151 
HIS HB3  H N N 152 
HIS HD1  H N N 153 
HIS HD2  H N N 154 
HIS HE1  H N N 155 
HIS HE2  H N N 156 
HIS HXT  H N N 157 
HOH O    O N N 158 
HOH H1   H N N 159 
HOH H2   H N N 160 
ILE N    N N N 161 
ILE CA   C N S 162 
ILE C    C N N 163 
ILE O    O N N 164 
ILE CB   C N S 165 
ILE CG1  C N N 166 
ILE CG2  C N N 167 
ILE CD1  C N N 168 
ILE OXT  O N N 169 
ILE H    H N N 170 
ILE H2   H N N 171 
ILE HA   H N N 172 
ILE HB   H N N 173 
ILE HG12 H N N 174 
ILE HG13 H N N 175 
ILE HG21 H N N 176 
ILE HG22 H N N 177 
ILE HG23 H N N 178 
ILE HD11 H N N 179 
ILE HD12 H N N 180 
ILE HD13 H N N 181 
ILE HXT  H N N 182 
LEU N    N N N 183 
LEU CA   C N S 184 
LEU C    C N N 185 
LEU O    O N N 186 
LEU CB   C N N 187 
LEU CG   C N N 188 
LEU CD1  C N N 189 
LEU CD2  C N N 190 
LEU OXT  O N N 191 
LEU H    H N N 192 
LEU H2   H N N 193 
LEU HA   H N N 194 
LEU HB2  H N N 195 
LEU HB3  H N N 196 
LEU HG   H N N 197 
LEU HD11 H N N 198 
LEU HD12 H N N 199 
LEU HD13 H N N 200 
LEU HD21 H N N 201 
LEU HD22 H N N 202 
LEU HD23 H N N 203 
LEU HXT  H N N 204 
LYS N    N N N 205 
LYS CA   C N S 206 
LYS C    C N N 207 
LYS O    O N N 208 
LYS CB   C N N 209 
LYS CG   C N N 210 
LYS CD   C N N 211 
LYS CE   C N N 212 
LYS NZ   N N N 213 
LYS OXT  O N N 214 
LYS H    H N N 215 
LYS H2   H N N 216 
LYS HA   H N N 217 
LYS HB2  H N N 218 
LYS HB3  H N N 219 
LYS HG2  H N N 220 
LYS HG3  H N N 221 
LYS HD2  H N N 222 
LYS HD3  H N N 223 
LYS HE2  H N N 224 
LYS HE3  H N N 225 
LYS HZ1  H N N 226 
LYS HZ2  H N N 227 
LYS HZ3  H N N 228 
LYS HXT  H N N 229 
MET N    N N N 230 
MET CA   C N S 231 
MET C    C N N 232 
MET O    O N N 233 
MET CB   C N N 234 
MET CG   C N N 235 
MET SD   S N N 236 
MET CE   C N N 237 
MET OXT  O N N 238 
MET H    H N N 239 
MET H2   H N N 240 
MET HA   H N N 241 
MET HB2  H N N 242 
MET HB3  H N N 243 
MET HG2  H N N 244 
MET HG3  H N N 245 
MET HE1  H N N 246 
MET HE2  H N N 247 
MET HE3  H N N 248 
MET HXT  H N N 249 
PHE N    N N N 250 
PHE CA   C N S 251 
PHE C    C N N 252 
PHE O    O N N 253 
PHE CB   C N N 254 
PHE CG   C Y N 255 
PHE CD1  C Y N 256 
PHE CD2  C Y N 257 
PHE CE1  C Y N 258 
PHE CE2  C Y N 259 
PHE CZ   C Y N 260 
PHE OXT  O N N 261 
PHE H    H N N 262 
PHE H2   H N N 263 
PHE HA   H N N 264 
PHE HB2  H N N 265 
PHE HB3  H N N 266 
PHE HD1  H N N 267 
PHE HD2  H N N 268 
PHE HE1  H N N 269 
PHE HE2  H N N 270 
PHE HZ   H N N 271 
PHE HXT  H N N 272 
PRO N    N N N 273 
PRO CA   C N S 274 
PRO C    C N N 275 
PRO O    O N N 276 
PRO CB   C N N 277 
PRO CG   C N N 278 
PRO CD   C N N 279 
PRO OXT  O N N 280 
PRO H    H N N 281 
PRO HA   H N N 282 
PRO HB2  H N N 283 
PRO HB3  H N N 284 
PRO HG2  H N N 285 
PRO HG3  H N N 286 
PRO HD2  H N N 287 
PRO HD3  H N N 288 
PRO HXT  H N N 289 
SER N    N N N 290 
SER CA   C N S 291 
SER C    C N N 292 
SER O    O N N 293 
SER CB   C N N 294 
SER OG   O N N 295 
SER OXT  O N N 296 
SER H    H N N 297 
SER H2   H N N 298 
SER HA   H N N 299 
SER HB2  H N N 300 
SER HB3  H N N 301 
SER HG   H N N 302 
SER HXT  H N N 303 
THR N    N N N 304 
THR CA   C N S 305 
THR C    C N N 306 
THR O    O N N 307 
THR CB   C N R 308 
THR OG1  O N N 309 
THR CG2  C N N 310 
THR OXT  O N N 311 
THR H    H N N 312 
THR H2   H N N 313 
THR HA   H N N 314 
THR HB   H N N 315 
THR HG1  H N N 316 
THR HG21 H N N 317 
THR HG22 H N N 318 
THR HG23 H N N 319 
THR HXT  H N N 320 
TRP N    N N N 321 
TRP CA   C N S 322 
TRP C    C N N 323 
TRP O    O N N 324 
TRP CB   C N N 325 
TRP CG   C Y N 326 
TRP CD1  C Y N 327 
TRP CD2  C Y N 328 
TRP NE1  N Y N 329 
TRP CE2  C Y N 330 
TRP CE3  C Y N 331 
TRP CZ2  C Y N 332 
TRP CZ3  C Y N 333 
TRP CH2  C Y N 334 
TRP OXT  O N N 335 
TRP H    H N N 336 
TRP H2   H N N 337 
TRP HA   H N N 338 
TRP HB2  H N N 339 
TRP HB3  H N N 340 
TRP HD1  H N N 341 
TRP HE1  H N N 342 
TRP HE3  H N N 343 
TRP HZ2  H N N 344 
TRP HZ3  H N N 345 
TRP HH2  H N N 346 
TRP HXT  H N N 347 
TYR N    N N N 348 
TYR CA   C N S 349 
TYR C    C N N 350 
TYR O    O N N 351 
TYR CB   C N N 352 
TYR CG   C Y N 353 
TYR CD1  C Y N 354 
TYR CD2  C Y N 355 
TYR CE1  C Y N 356 
TYR CE2  C Y N 357 
TYR CZ   C Y N 358 
TYR OH   O N N 359 
TYR OXT  O N N 360 
TYR H    H N N 361 
TYR H2   H N N 362 
TYR HA   H N N 363 
TYR HB2  H N N 364 
TYR HB3  H N N 365 
TYR HD1  H N N 366 
TYR HD2  H N N 367 
TYR HE1  H N N 368 
TYR HE2  H N N 369 
TYR HH   H N N 370 
TYR HXT  H N N 371 
VAL N    N N N 372 
VAL CA   C N S 373 
VAL C    C N N 374 
VAL O    O N N 375 
VAL CB   C N N 376 
VAL CG1  C N N 377 
VAL CG2  C N N 378 
VAL OXT  O N N 379 
VAL H    H N N 380 
VAL H2   H N N 381 
VAL HA   H N N 382 
VAL HB   H N N 383 
VAL HG11 H N N 384 
VAL HG12 H N N 385 
VAL HG13 H N N 386 
VAL HG21 H N N 387 
VAL HG22 H N N 388 
VAL HG23 H N N 389 
VAL HXT  H N N 390 
ZP5 N1   N N N 391 
ZP5 N3   N N N 392 
ZP5 C4   C Y N 393 
ZP5 C5   C N N 394 
ZP5 C6   C N N 395 
ZP5 C7   C N N 396 
ZP5 C8   C N N 397 
ZP5 C10  C Y N 398 
ZP5 C13  C Y N 399 
ZP5 C1   C N N 400 
ZP5 C11  C Y N 401 
ZP5 C12  C Y N 402 
ZP5 C2   C Y N 403 
ZP5 C3   C Y N 404 
ZP5 C9   C N N 405 
ZP5 N2   N Y N 406 
ZP5 N4   N N N 407 
ZP5 O1   O N N 408 
ZP5 O2   O Y N 409 
ZP5 O3   O N N 410 
ZP5 O4   O Y N 411 
ZP5 H1   H N N 412 
ZP5 H3   H N N 413 
ZP5 H5   H N N 414 
ZP5 H4   H N N 415 
ZP5 H7   H N N 416 
ZP5 H6   H N N 417 
ZP5 H8   H N N 418 
ZP5 H9   H N N 419 
ZP5 H11  H N N 420 
ZP5 H10  H N N 421 
ZP5 H14  H N N 422 
ZP5 H12  H N N 423 
ZP5 H13  H N N 424 
ZP5 H2   H N N 425 
# 
loop_
_chem_comp_bond.comp_id 
_chem_comp_bond.atom_id_1 
_chem_comp_bond.atom_id_2 
_chem_comp_bond.value_order 
_chem_comp_bond.pdbx_aromatic_flag 
_chem_comp_bond.pdbx_stereo_config 
_chem_comp_bond.pdbx_ordinal 
ALA N   CA   sing N N 1   
ALA N   H    sing N N 2   
ALA N   H2   sing N N 3   
ALA CA  C    sing N N 4   
ALA CA  CB   sing N N 5   
ALA CA  HA   sing N N 6   
ALA C   O    doub N N 7   
ALA C   OXT  sing N N 8   
ALA CB  HB1  sing N N 9   
ALA CB  HB2  sing N N 10  
ALA CB  HB3  sing N N 11  
ALA OXT HXT  sing N N 12  
ARG N   CA   sing N N 13  
ARG N   H    sing N N 14  
ARG N   H2   sing N N 15  
ARG CA  C    sing N N 16  
ARG CA  CB   sing N N 17  
ARG CA  HA   sing N N 18  
ARG C   O    doub N N 19  
ARG C   OXT  sing N N 20  
ARG CB  CG   sing N N 21  
ARG CB  HB2  sing N N 22  
ARG CB  HB3  sing N N 23  
ARG CG  CD   sing N N 24  
ARG CG  HG2  sing N N 25  
ARG CG  HG3  sing N N 26  
ARG CD  NE   sing N N 27  
ARG CD  HD2  sing N N 28  
ARG CD  HD3  sing N N 29  
ARG NE  CZ   sing N N 30  
ARG NE  HE   sing N N 31  
ARG CZ  NH1  sing N N 32  
ARG CZ  NH2  doub N N 33  
ARG NH1 HH11 sing N N 34  
ARG NH1 HH12 sing N N 35  
ARG NH2 HH21 sing N N 36  
ARG NH2 HH22 sing N N 37  
ARG OXT HXT  sing N N 38  
ASN N   CA   sing N N 39  
ASN N   H    sing N N 40  
ASN N   H2   sing N N 41  
ASN CA  C    sing N N 42  
ASN CA  CB   sing N N 43  
ASN CA  HA   sing N N 44  
ASN C   O    doub N N 45  
ASN C   OXT  sing N N 46  
ASN CB  CG   sing N N 47  
ASN CB  HB2  sing N N 48  
ASN CB  HB3  sing N N 49  
ASN CG  OD1  doub N N 50  
ASN CG  ND2  sing N N 51  
ASN ND2 HD21 sing N N 52  
ASN ND2 HD22 sing N N 53  
ASN OXT HXT  sing N N 54  
ASP N   CA   sing N N 55  
ASP N   H    sing N N 56  
ASP N   H2   sing N N 57  
ASP CA  C    sing N N 58  
ASP CA  CB   sing N N 59  
ASP CA  HA   sing N N 60  
ASP C   O    doub N N 61  
ASP C   OXT  sing N N 62  
ASP CB  CG   sing N N 63  
ASP CB  HB2  sing N N 64  
ASP CB  HB3  sing N N 65  
ASP CG  OD1  doub N N 66  
ASP CG  OD2  sing N N 67  
ASP OD2 HD2  sing N N 68  
ASP OXT HXT  sing N N 69  
CYS N   CA   sing N N 70  
CYS N   H    sing N N 71  
CYS N   H2   sing N N 72  
CYS CA  C    sing N N 73  
CYS CA  CB   sing N N 74  
CYS CA  HA   sing N N 75  
CYS C   O    doub N N 76  
CYS C   OXT  sing N N 77  
CYS CB  SG   sing N N 78  
CYS CB  HB2  sing N N 79  
CYS CB  HB3  sing N N 80  
CYS SG  HG   sing N N 81  
CYS OXT HXT  sing N N 82  
GLN N   CA   sing N N 83  
GLN N   H    sing N N 84  
GLN N   H2   sing N N 85  
GLN CA  C    sing N N 86  
GLN CA  CB   sing N N 87  
GLN CA  HA   sing N N 88  
GLN C   O    doub N N 89  
GLN C   OXT  sing N N 90  
GLN CB  CG   sing N N 91  
GLN CB  HB2  sing N N 92  
GLN CB  HB3  sing N N 93  
GLN CG  CD   sing N N 94  
GLN CG  HG2  sing N N 95  
GLN CG  HG3  sing N N 96  
GLN CD  OE1  doub N N 97  
GLN CD  NE2  sing N N 98  
GLN NE2 HE21 sing N N 99  
GLN NE2 HE22 sing N N 100 
GLN OXT HXT  sing N N 101 
GLU N   CA   sing N N 102 
GLU N   H    sing N N 103 
GLU N   H2   sing N N 104 
GLU CA  C    sing N N 105 
GLU CA  CB   sing N N 106 
GLU CA  HA   sing N N 107 
GLU C   O    doub N N 108 
GLU C   OXT  sing N N 109 
GLU CB  CG   sing N N 110 
GLU CB  HB2  sing N N 111 
GLU CB  HB3  sing N N 112 
GLU CG  CD   sing N N 113 
GLU CG  HG2  sing N N 114 
GLU CG  HG3  sing N N 115 
GLU CD  OE1  doub N N 116 
GLU CD  OE2  sing N N 117 
GLU OE2 HE2  sing N N 118 
GLU OXT HXT  sing N N 119 
GLY N   CA   sing N N 120 
GLY N   H    sing N N 121 
GLY N   H2   sing N N 122 
GLY CA  C    sing N N 123 
GLY CA  HA2  sing N N 124 
GLY CA  HA3  sing N N 125 
GLY C   O    doub N N 126 
GLY C   OXT  sing N N 127 
GLY OXT HXT  sing N N 128 
HIS N   CA   sing N N 129 
HIS N   H    sing N N 130 
HIS N   H2   sing N N 131 
HIS CA  C    sing N N 132 
HIS CA  CB   sing N N 133 
HIS CA  HA   sing N N 134 
HIS C   O    doub N N 135 
HIS C   OXT  sing N N 136 
HIS CB  CG   sing N N 137 
HIS CB  HB2  sing N N 138 
HIS CB  HB3  sing N N 139 
HIS CG  ND1  sing Y N 140 
HIS CG  CD2  doub Y N 141 
HIS ND1 CE1  doub Y N 142 
HIS ND1 HD1  sing N N 143 
HIS CD2 NE2  sing Y N 144 
HIS CD2 HD2  sing N N 145 
HIS CE1 NE2  sing Y N 146 
HIS CE1 HE1  sing N N 147 
HIS NE2 HE2  sing N N 148 
HIS OXT HXT  sing N N 149 
HOH O   H1   sing N N 150 
HOH O   H2   sing N N 151 
ILE N   CA   sing N N 152 
ILE N   H    sing N N 153 
ILE N   H2   sing N N 154 
ILE CA  C    sing N N 155 
ILE CA  CB   sing N N 156 
ILE CA  HA   sing N N 157 
ILE C   O    doub N N 158 
ILE C   OXT  sing N N 159 
ILE CB  CG1  sing N N 160 
ILE CB  CG2  sing N N 161 
ILE CB  HB   sing N N 162 
ILE CG1 CD1  sing N N 163 
ILE CG1 HG12 sing N N 164 
ILE CG1 HG13 sing N N 165 
ILE CG2 HG21 sing N N 166 
ILE CG2 HG22 sing N N 167 
ILE CG2 HG23 sing N N 168 
ILE CD1 HD11 sing N N 169 
ILE CD1 HD12 sing N N 170 
ILE CD1 HD13 sing N N 171 
ILE OXT HXT  sing N N 172 
LEU N   CA   sing N N 173 
LEU N   H    sing N N 174 
LEU N   H2   sing N N 175 
LEU CA  C    sing N N 176 
LEU CA  CB   sing N N 177 
LEU CA  HA   sing N N 178 
LEU C   O    doub N N 179 
LEU C   OXT  sing N N 180 
LEU CB  CG   sing N N 181 
LEU CB  HB2  sing N N 182 
LEU CB  HB3  sing N N 183 
LEU CG  CD1  sing N N 184 
LEU CG  CD2  sing N N 185 
LEU CG  HG   sing N N 186 
LEU CD1 HD11 sing N N 187 
LEU CD1 HD12 sing N N 188 
LEU CD1 HD13 sing N N 189 
LEU CD2 HD21 sing N N 190 
LEU CD2 HD22 sing N N 191 
LEU CD2 HD23 sing N N 192 
LEU OXT HXT  sing N N 193 
LYS N   CA   sing N N 194 
LYS N   H    sing N N 195 
LYS N   H2   sing N N 196 
LYS CA  C    sing N N 197 
LYS CA  CB   sing N N 198 
LYS CA  HA   sing N N 199 
LYS C   O    doub N N 200 
LYS C   OXT  sing N N 201 
LYS CB  CG   sing N N 202 
LYS CB  HB2  sing N N 203 
LYS CB  HB3  sing N N 204 
LYS CG  CD   sing N N 205 
LYS CG  HG2  sing N N 206 
LYS CG  HG3  sing N N 207 
LYS CD  CE   sing N N 208 
LYS CD  HD2  sing N N 209 
LYS CD  HD3  sing N N 210 
LYS CE  NZ   sing N N 211 
LYS CE  HE2  sing N N 212 
LYS CE  HE3  sing N N 213 
LYS NZ  HZ1  sing N N 214 
LYS NZ  HZ2  sing N N 215 
LYS NZ  HZ3  sing N N 216 
LYS OXT HXT  sing N N 217 
MET N   CA   sing N N 218 
MET N   H    sing N N 219 
MET N   H2   sing N N 220 
MET CA  C    sing N N 221 
MET CA  CB   sing N N 222 
MET CA  HA   sing N N 223 
MET C   O    doub N N 224 
MET C   OXT  sing N N 225 
MET CB  CG   sing N N 226 
MET CB  HB2  sing N N 227 
MET CB  HB3  sing N N 228 
MET CG  SD   sing N N 229 
MET CG  HG2  sing N N 230 
MET CG  HG3  sing N N 231 
MET SD  CE   sing N N 232 
MET CE  HE1  sing N N 233 
MET CE  HE2  sing N N 234 
MET CE  HE3  sing N N 235 
MET OXT HXT  sing N N 236 
PHE N   CA   sing N N 237 
PHE N   H    sing N N 238 
PHE N   H2   sing N N 239 
PHE CA  C    sing N N 240 
PHE CA  CB   sing N N 241 
PHE CA  HA   sing N N 242 
PHE C   O    doub N N 243 
PHE C   OXT  sing N N 244 
PHE CB  CG   sing N N 245 
PHE CB  HB2  sing N N 246 
PHE CB  HB3  sing N N 247 
PHE CG  CD1  doub Y N 248 
PHE CG  CD2  sing Y N 249 
PHE CD1 CE1  sing Y N 250 
PHE CD1 HD1  sing N N 251 
PHE CD2 CE2  doub Y N 252 
PHE CD2 HD2  sing N N 253 
PHE CE1 CZ   doub Y N 254 
PHE CE1 HE1  sing N N 255 
PHE CE2 CZ   sing Y N 256 
PHE CE2 HE2  sing N N 257 
PHE CZ  HZ   sing N N 258 
PHE OXT HXT  sing N N 259 
PRO N   CA   sing N N 260 
PRO N   CD   sing N N 261 
PRO N   H    sing N N 262 
PRO CA  C    sing N N 263 
PRO CA  CB   sing N N 264 
PRO CA  HA   sing N N 265 
PRO C   O    doub N N 266 
PRO C   OXT  sing N N 267 
PRO CB  CG   sing N N 268 
PRO CB  HB2  sing N N 269 
PRO CB  HB3  sing N N 270 
PRO CG  CD   sing N N 271 
PRO CG  HG2  sing N N 272 
PRO CG  HG3  sing N N 273 
PRO CD  HD2  sing N N 274 
PRO CD  HD3  sing N N 275 
PRO OXT HXT  sing N N 276 
SER N   CA   sing N N 277 
SER N   H    sing N N 278 
SER N   H2   sing N N 279 
SER CA  C    sing N N 280 
SER CA  CB   sing N N 281 
SER CA  HA   sing N N 282 
SER C   O    doub N N 283 
SER C   OXT  sing N N 284 
SER CB  OG   sing N N 285 
SER CB  HB2  sing N N 286 
SER CB  HB3  sing N N 287 
SER OG  HG   sing N N 288 
SER OXT HXT  sing N N 289 
THR N   CA   sing N N 290 
THR N   H    sing N N 291 
THR N   H2   sing N N 292 
THR CA  C    sing N N 293 
THR CA  CB   sing N N 294 
THR CA  HA   sing N N 295 
THR C   O    doub N N 296 
THR C   OXT  sing N N 297 
THR CB  OG1  sing N N 298 
THR CB  CG2  sing N N 299 
THR CB  HB   sing N N 300 
THR OG1 HG1  sing N N 301 
THR CG2 HG21 sing N N 302 
THR CG2 HG22 sing N N 303 
THR CG2 HG23 sing N N 304 
THR OXT HXT  sing N N 305 
TRP N   CA   sing N N 306 
TRP N   H    sing N N 307 
TRP N   H2   sing N N 308 
TRP CA  C    sing N N 309 
TRP CA  CB   sing N N 310 
TRP CA  HA   sing N N 311 
TRP C   O    doub N N 312 
TRP C   OXT  sing N N 313 
TRP CB  CG   sing N N 314 
TRP CB  HB2  sing N N 315 
TRP CB  HB3  sing N N 316 
TRP CG  CD1  doub Y N 317 
TRP CG  CD2  sing Y N 318 
TRP CD1 NE1  sing Y N 319 
TRP CD1 HD1  sing N N 320 
TRP CD2 CE2  doub Y N 321 
TRP CD2 CE3  sing Y N 322 
TRP NE1 CE2  sing Y N 323 
TRP NE1 HE1  sing N N 324 
TRP CE2 CZ2  sing Y N 325 
TRP CE3 CZ3  doub Y N 326 
TRP CE3 HE3  sing N N 327 
TRP CZ2 CH2  doub Y N 328 
TRP CZ2 HZ2  sing N N 329 
TRP CZ3 CH2  sing Y N 330 
TRP CZ3 HZ3  sing N N 331 
TRP CH2 HH2  sing N N 332 
TRP OXT HXT  sing N N 333 
TYR N   CA   sing N N 334 
TYR N   H    sing N N 335 
TYR N   H2   sing N N 336 
TYR CA  C    sing N N 337 
TYR CA  CB   sing N N 338 
TYR CA  HA   sing N N 339 
TYR C   O    doub N N 340 
TYR C   OXT  sing N N 341 
TYR CB  CG   sing N N 342 
TYR CB  HB2  sing N N 343 
TYR CB  HB3  sing N N 344 
TYR CG  CD1  doub Y N 345 
TYR CG  CD2  sing Y N 346 
TYR CD1 CE1  sing Y N 347 
TYR CD1 HD1  sing N N 348 
TYR CD2 CE2  doub Y N 349 
TYR CD2 HD2  sing N N 350 
TYR CE1 CZ   doub Y N 351 
TYR CE1 HE1  sing N N 352 
TYR CE2 CZ   sing Y N 353 
TYR CE2 HE2  sing N N 354 
TYR CZ  OH   sing N N 355 
TYR OH  HH   sing N N 356 
TYR OXT HXT  sing N N 357 
VAL N   CA   sing N N 358 
VAL N   H    sing N N 359 
VAL N   H2   sing N N 360 
VAL CA  C    sing N N 361 
VAL CA  CB   sing N N 362 
VAL CA  HA   sing N N 363 
VAL C   O    doub N N 364 
VAL C   OXT  sing N N 365 
VAL CB  CG1  sing N N 366 
VAL CB  CG2  sing N N 367 
VAL CB  HB   sing N N 368 
VAL CG1 HG11 sing N N 369 
VAL CG1 HG12 sing N N 370 
VAL CG1 HG13 sing N N 371 
VAL CG2 HG21 sing N N 372 
VAL CG2 HG22 sing N N 373 
VAL CG2 HG23 sing N N 374 
VAL OXT HXT  sing N N 375 
ZP5 O1  C1   doub N N 376 
ZP5 C1  N1   sing N N 377 
ZP5 N1  C2   sing N N 378 
ZP5 C2  C3   sing Y N 379 
ZP5 C3  C4   doub Y N 380 
ZP5 C4  O2   sing Y N 381 
ZP5 O2  N2   sing Y N 382 
ZP5 C1  N3   sing N N 383 
ZP5 N3  C5   sing N N 384 
ZP5 C5  C6   sing N N 385 
ZP5 C6  N4   sing N N 386 
ZP5 N4  C7   sing N N 387 
ZP5 C7  C8   sing N N 388 
ZP5 N4  C9   sing N N 389 
ZP5 C9  O3   doub N N 390 
ZP5 C9  C10  sing N N 391 
ZP5 C10 C11  doub Y N 392 
ZP5 C11 C12  sing Y N 393 
ZP5 C12 C13  doub Y N 394 
ZP5 C13 O4   sing Y N 395 
ZP5 C2  N2   doub Y N 396 
ZP5 N3  C8   sing N N 397 
ZP5 C10 O4   sing Y N 398 
ZP5 N1  H1   sing N N 399 
ZP5 C4  H3   sing N N 400 
ZP5 C5  H5   sing N N 401 
ZP5 C5  H4   sing N N 402 
ZP5 C6  H7   sing N N 403 
ZP5 C6  H6   sing N N 404 
ZP5 C7  H8   sing N N 405 
ZP5 C7  H9   sing N N 406 
ZP5 C8  H11  sing N N 407 
ZP5 C8  H10  sing N N 408 
ZP5 C13 H14  sing N N 409 
ZP5 C11 H12  sing N N 410 
ZP5 C12 H13  sing N N 411 
ZP5 C3  H2   sing N N 412 
# 
_pdbx_audit_support.ordinal                1 
_pdbx_audit_support.funding_organization   'Wellcome Trust' 
_pdbx_audit_support.grant_number           None 
_pdbx_audit_support.country                'United Kingdom' 
# 
_pdbx_deposit_group.group_id            G_1002265 
_pdbx_deposit_group.group_description   
;XDomainX of XOrganismX PHIP screened against predicted false negatives and catalogue compounds by X-ray Crystallography at the XChem facility of Diamond Light Source beamline I04-1
;
_pdbx_deposit_group.group_title         'PanDDA analysis group deposition' 
_pdbx_deposit_group.group_type          'changed state' 
# 
_pdbx_entity_instance_feature.ordinal        1 
_pdbx_entity_instance_feature.comp_id        ZP5 
_pdbx_entity_instance_feature.asym_id        ? 
_pdbx_entity_instance_feature.seq_num        ? 
_pdbx_entity_instance_feature.auth_comp_id   ZP5 
_pdbx_entity_instance_feature.auth_asym_id   ? 
_pdbx_entity_instance_feature.auth_seq_num   ? 
_pdbx_entity_instance_feature.feature_type   'SUBJECT OF INVESTIGATION' 
_pdbx_entity_instance_feature.details        ? 
# 
_atom_sites.entry_id                    7FVM 
_atom_sites.fract_transf_matrix[1][1]   -0.00663526 
_atom_sites.fract_transf_matrix[1][2]   -0.00137194 
_atom_sites.fract_transf_matrix[1][3]   0.01041069 
_atom_sites.fract_transf_matrix[2][1]   -0.02831582 
_atom_sites.fract_transf_matrix[2][2]   -0.01201565 
_atom_sites.fract_transf_matrix[2][3]   -0.01963055 
_atom_sites.fract_transf_matrix[3][1]   0.00425676 
_atom_sites.fract_transf_matrix[3][2]   -0.01699958 
_atom_sites.fract_transf_matrix[3][3]   0.00426515 
_atom_sites.fract_transf_vector[1]      -0.146062 
_atom_sites.fract_transf_vector[2]      0.451648 
_atom_sites.fract_transf_vector[3]      0.219870 
# 
loop_
_atom_type.symbol 
C 
N 
O 
S 
# 
loop_
_atom_site.group_PDB 
_atom_site.id 
_atom_site.type_symbol 
_atom_site.label_atom_id 
_atom_site.label_alt_id 
_atom_site.label_comp_id 
_atom_site.label_asym_id 
_atom_site.label_entity_id 
_atom_site.label_seq_id 
_atom_site.pdbx_PDB_ins_code 
_atom_site.Cartn_x 
_atom_site.Cartn_y 
_atom_site.Cartn_z 
_atom_site.occupancy 
_atom_site.B_iso_or_equiv 
_atom_site.pdbx_formal_charge 
_atom_site.auth_seq_id 
_atom_site.auth_comp_id 
_atom_site.auth_asym_id 
_atom_site.auth_atom_id 
_atom_site.pdbx_PDB_model_num 
ATOM   1    N N   . SER A 1 24  ? -8.067  21.438  -4.011  1.00 21.68 ? 1315 SER A N   1 
ATOM   2    C CA  . SER A 1 24  ? -9.012  21.182  -2.876  1.00 20.38 ? 1315 SER A CA  1 
ATOM   3    C C   . SER A 1 24  ? -8.306  21.294  -1.519  1.00 19.73 ? 1315 SER A C   1 
ATOM   4    O O   . SER A 1 24  ? -7.271  20.600  -1.354  1.00 21.61 ? 1315 SER A O   1 
ATOM   5    C CB  . SER A 1 24  ? -9.612  19.822  -3.006  1.00 19.61 ? 1315 SER A CB  1 
ATOM   6    O OG  . SER A 1 24  ? -10.321 19.503  -1.815  1.00 17.17 ? 1315 SER A OG  1 
ATOM   7    N N   . TYR A 1 25  ? -8.873  22.017  -0.536  1.00 18.43 ? 1316 TYR A N   1 
ATOM   8    C CA  . TYR A 1 25  ? -8.288  22.058  0.836   1.00 15.43 ? 1316 TYR A CA  1 
ATOM   9    C C   . TYR A 1 25  ? -9.091  21.134  1.773   1.00 14.58 ? 1316 TYR A C   1 
ATOM   10   O O   . TYR A 1 25  ? -9.084  21.351  2.983   1.00 13.35 ? 1316 TYR A O   1 
ATOM   11   C CB  . TYR A 1 25  ? -8.158  23.475  1.391   1.00 15.69 ? 1316 TYR A CB  1 
ATOM   12   C CG  . TYR A 1 25  ? -7.333  24.434  0.562   1.00 14.75 ? 1316 TYR A CG  1 
ATOM   13   C CD1 . TYR A 1 25  ? -6.008  24.183  0.236   1.00 14.65 ? 1316 TYR A CD1 1 
ATOM   14   C CD2 . TYR A 1 25  ? -7.862  25.650  0.184   1.00 15.51 ? 1316 TYR A CD2 1 
ATOM   15   C CE1 . TYR A 1 25  ? -5.262  25.072  -0.527  1.00 14.42 ? 1316 TYR A CE1 1 
ATOM   16   C CE2 . TYR A 1 25  ? -7.131  26.558  -0.562  1.00 15.08 ? 1316 TYR A CE2 1 
ATOM   17   C CZ  . TYR A 1 25  ? -5.824  26.276  -0.910  1.00 14.95 ? 1316 TYR A CZ  1 
ATOM   18   O OH  . TYR A 1 25  ? -5.100  27.193  -1.637  1.00 16.26 ? 1316 TYR A OH  1 
ATOM   19   N N   . ASP A 1 26  ? -9.691  20.080  1.222   1.00 15.30 ? 1317 ASP A N   1 
ATOM   20   C CA  . ASP A 1 26  ? -10.492 19.087  2.013   1.00 14.33 ? 1317 ASP A CA  1 
ATOM   21   C C   . ASP A 1 26  ? -9.528  18.130  2.717   1.00 13.64 ? 1317 ASP A C   1 
ATOM   22   O O   . ASP A 1 26  ? -8.890  17.275  2.076   1.00 13.84 ? 1317 ASP A O   1 
ATOM   23   C CB  . ASP A 1 26  ? -11.475 18.352  1.120   1.00 14.66 ? 1317 ASP A CB  1 
ATOM   24   C CG  . ASP A 1 26  ? -12.393 17.366  1.818   1.00 13.99 ? 1317 ASP A CG  1 
ATOM   25   O OD1 . ASP A 1 26  ? -12.100 16.987  2.963   1.00 15.96 ? 1317 ASP A OD1 1 
ATOM   26   O OD2 . ASP A 1 26  ? -13.468 17.070  1.217   1.00 17.85 ? 1317 ASP A OD2 1 
ATOM   27   N N   . ILE A 1 27  ? -9.436  18.259  4.043   1.00 12.96 ? 1318 ILE A N   1 
ATOM   28   C CA  . ILE A 1 27  ? -8.529  17.476  4.939   1.00 13.33 ? 1318 ILE A CA  1 
ATOM   29   C C   . ILE A 1 27  ? -8.953  15.999  4.953   1.00 12.84 ? 1318 ILE A C   1 
ATOM   30   O O   . ILE A 1 27  ? -8.082  15.145  5.198   1.00 13.64 ? 1318 ILE A O   1 
ATOM   31   C CB  . ILE A 1 27  ? -8.525  18.070  6.364   1.00 14.11 ? 1318 ILE A CB  1 
ATOM   32   C CG1 . ILE A 1 27  ? -8.021  19.519  6.394   1.00 14.69 ? 1318 ILE A CG1 1 
ATOM   33   C CG2 . ILE A 1 27  ? -7.756  17.176  7.333   1.00 15.33 ? 1318 ILE A CG2 1 
ATOM   34   C CD1 . ILE A 1 27  ? -8.257  20.222  7.708   1.00 14.82 ? 1318 ILE A CD1 1 
ATOM   35   N N   . GLN A 1 28  ? -10.231 15.700  4.666   1.00 12.27 ? 1319 GLN A N   1 
ATOM   36   C CA  . GLN A 1 28  ? -10.748 14.299  4.727   1.00 12.53 ? 1319 GLN A CA  1 
ATOM   37   C C   . GLN A 1 28  ? -10.697 13.569  3.373   1.00 13.20 ? 1319 GLN A C   1 
ATOM   38   O O   . GLN A 1 28  ? -11.003 12.364  3.323   1.00 12.85 ? 1319 GLN A O   1 
ATOM   39   C CB  . GLN A 1 28  ? -12.175 14.281  5.300   1.00 13.16 ? 1319 GLN A CB  1 
ATOM   40   C CG  . GLN A 1 28  ? -12.210 14.482  6.828   1.00 13.92 ? 1319 GLN A CG  1 
ATOM   41   C CD  . GLN A 1 28  ? -12.377 15.930  7.241   1.00 12.61 ? 1319 GLN A CD  1 
ATOM   42   O OE1 . GLN A 1 28  ? -13.261 16.625  6.767   1.00 13.64 ? 1319 GLN A OE1 1 
ATOM   43   N NE2 . GLN A 1 28  ? -11.572 16.346  8.169   1.00 13.40 ? 1319 GLN A NE2 1 
ATOM   44   N N   . ALA A 1 29  ? -10.391 14.269  2.249   1.00 13.51 ? 1320 ALA A N   1 
ATOM   45   C CA  . ALA A 1 29  ? -10.657 13.719  0.911   1.00 12.63 ? 1320 ALA A CA  1 
ATOM   46   C C   . ALA A 1 29  ? -9.753  12.489  0.645   1.00 11.97 ? 1320 ALA A C   1 
ATOM   47   O O   . ALA A 1 29  ? -10.138 11.644  -0.188  1.00 12.82 ? 1320 ALA A O   1 
ATOM   48   C CB  . ALA A 1 29  ? -10.417 14.763  -0.154  1.00 13.45 ? 1320 ALA A CB  1 
ATOM   49   N N   . TRP A 1 30  ? -8.611  12.410  1.307   1.00 12.11 ? 1321 TRP A N   1 
ATOM   50   C CA  . TRP A 1 30  ? -7.675  11.295  1.052   1.00 12.44 ? 1321 TRP A CA  1 
ATOM   51   C C   . TRP A 1 30  ? -8.335  9.922   1.244   1.00 13.44 ? 1321 TRP A C   1 
ATOM   52   O O   . TRP A 1 30  ? -7.912  8.961   0.603   1.00 12.42 ? 1321 TRP A O   1 
ATOM   53   C CB  . TRP A 1 30  ? -6.453  11.413  1.955   1.00 12.55 ? 1321 TRP A CB  1 
ATOM   54   C CG  . TRP A 1 30  ? -6.792  11.312  3.424   1.00 12.40 ? 1321 TRP A CG  1 
ATOM   55   C CD1 . TRP A 1 30  ? -7.195  12.306  4.250   1.00 13.34 ? 1321 TRP A CD1 1 
ATOM   56   C CD2 . TRP A 1 30  ? -6.762  10.105  4.224   1.00 12.42 ? 1321 TRP A CD2 1 
ATOM   57   N NE1 . TRP A 1 30  ? -7.453  11.813  5.516   1.00 13.30 ? 1321 TRP A NE1 1 
ATOM   58   C CE2 . TRP A 1 30  ? -7.186  10.484  5.514   1.00 13.13 ? 1321 TRP A CE2 1 
ATOM   59   C CE3 . TRP A 1 30  ? -6.391  8.779   4.017   1.00 13.52 ? 1321 TRP A CE3 1 
ATOM   60   C CZ2 . TRP A 1 30  ? -7.253  9.592   6.584   1.00 14.90 ? 1321 TRP A CZ2 1 
ATOM   61   C CZ3 . TRP A 1 30  ? -6.479  7.884   5.066   1.00 14.03 ? 1321 TRP A CZ3 1 
ATOM   62   C CH2 . TRP A 1 30  ? -6.939  8.292   6.319   1.00 15.10 ? 1321 TRP A CH2 1 
ATOM   63   N N   . LYS A 1 31  ? -9.321  9.830   2.167   1.00 12.23 ? 1322 LYS A N   1 
ATOM   64   C CA  . LYS A 1 31  ? -9.808  8.487   2.543   1.00 12.71 ? 1322 LYS A CA  1 
ATOM   65   C C   . LYS A 1 31  ? -10.510 7.826   1.357   1.00 12.37 ? 1322 LYS A C   1 
ATOM   66   O O   . LYS A 1 31  ? -10.146 6.680   1.001   1.00 13.17 ? 1322 LYS A O   1 
ATOM   67   C CB  . LYS A 1 31  ? -10.618 8.575   3.819   1.00 12.14 ? 1322 LYS A CB  1 
ATOM   68   C CG  . LYS A 1 31  ? -11.227 7.241   4.244   1.00 13.66 ? 1322 LYS A CG  1 
ATOM   69   C CD  . LYS A 1 31  ? -11.815 7.320   5.628   1.00 13.39 ? 1322 LYS A CD  1 
ATOM   70   C CE  . LYS A 1 31  ? -12.327 5.996   6.168   1.00 14.69 ? 1322 LYS A CE  1 
ATOM   71   N NZ  . LYS A 1 31  ? -12.973 6.240   7.488   1.00 14.95 ? 1322 LYS A NZ  1 
ATOM   72   N N   . LYS A 1 32  ? -11.474 8.524   0.742   1.00 14.48 ? 1323 LYS A N   1 
ATOM   73   C CA  . LYS A 1 32  ? -12.156 7.968   -0.441  1.00 14.02 ? 1323 LYS A CA  1 
ATOM   74   C C   . LYS A 1 32  ? -11.161 7.812   -1.606  1.00 13.00 ? 1323 LYS A C   1 
ATOM   75   O O   . LYS A 1 32  ? -11.305 6.845   -2.371  1.00 14.15 ? 1323 LYS A O   1 
ATOM   76   C CB  . LYS A 1 32  ? -13.352 8.835   -0.858  1.00 17.26 ? 1323 LYS A CB  1 
ATOM   77   C CG  . LYS A 1 32  ? -14.158 8.253   -1.997  1.00 25.17 ? 1323 LYS A CG  1 
ATOM   78   C CD  . LYS A 1 32  ? -15.654 8.651   -2.118  1.00 31.17 ? 1323 LYS A CD  1 
ATOM   79   C CE  . LYS A 1 32  ? -16.422 7.600   -2.920  1.00 37.23 ? 1323 LYS A CE  1 
ATOM   80   N NZ  . LYS A 1 32  ? -17.767 8.056   -3.361  1.00 38.73 ? 1323 LYS A NZ  1 
ATOM   81   N N   . GLN A 1 33  ? -10.205 8.733   -1.748  1.00 13.51 ? 1324 GLN A N   1 
ATOM   82   C CA  . GLN A 1 33  ? -9.192  8.597   -2.821  1.00 13.59 ? 1324 GLN A CA  1 
ATOM   83   C C   . GLN A 1 33  ? -8.399  7.293   -2.602  1.00 13.36 ? 1324 GLN A C   1 
ATOM   84   O O   . GLN A 1 33  ? -8.105  6.569   -3.559  1.00 14.02 ? 1324 GLN A O   1 
ATOM   85   C CB  . GLN A 1 33  ? -8.247  9.799   -2.822  1.00 14.76 ? 1324 GLN A CB  1 
ATOM   86   C CG  . GLN A 1 33  ? -8.930  11.062  -3.327  1.00 13.99 ? 1324 GLN A CG  1 
ATOM   87   C CD  . GLN A 1 33  ? -8.227  12.320  -2.945  1.00 14.64 ? 1324 GLN A CD  1 
ATOM   88   O OE1 . GLN A 1 33  ? -7.166  12.336  -2.317  1.00 15.81 ? 1324 GLN A OE1 1 
ATOM   89   N NE2 . GLN A 1 33  ? -8.855  13.440  -3.306  1.00 16.62 ? 1324 GLN A NE2 1 
ATOM   90   N N   . CYS A 1 34  ? -8.059  6.947   -1.360  1.00 12.68 ? 1325 CYS A N   1 
ATOM   91   C CA  . CYS A 1 34  ? -7.361  5.684   -1.064  1.00 12.37 ? 1325 CYS A CA  1 
ATOM   92   C C   . CYS A 1 34  ? -8.268  4.473   -1.248  1.00 12.62 ? 1325 CYS A C   1 
ATOM   93   O O   . CYS A 1 34  ? -7.788  3.458   -1.770  1.00 13.02 ? 1325 CYS A O   1 
ATOM   94   C CB  . CYS A 1 34  ? -6.761  5.722   0.336   1.00 12.71 ? 1325 CYS A CB  1 
ATOM   95   S SG  . CYS A 1 34  ? -5.328  6.813   0.534   1.00 13.40 ? 1325 CYS A SG  1 
ATOM   96   N N   . GLU A 1 35  ? -9.554  4.581   -0.910  1.00 13.14 ? 1326 GLU A N   1 
ATOM   97   C CA  . GLU A 1 35  ? -10.502 3.479   -1.177  1.00 13.98 ? 1326 GLU A CA  1 
ATOM   98   C C   . GLU A 1 35  ? -10.531 3.176   -2.700  1.00 13.74 ? 1326 GLU A C   1 
ATOM   99   O O   . GLU A 1 35  ? -10.460 1.989   -3.083  1.00 16.01 ? 1326 GLU A O   1 
ATOM   100  C CB  . GLU A 1 35  ? -11.915 3.839   -0.707  1.00 16.42 ? 1326 GLU A CB  1 
ATOM   101  C CG  . GLU A 1 35  ? -12.100 3.959   0.794   1.00 19.25 ? 1326 GLU A CG  1 
ATOM   102  C CD  . GLU A 1 35  ? -13.397 4.597   1.282   1.00 23.57 ? 1326 GLU A CD  1 
ATOM   103  O OE1 . GLU A 1 35  ? -14.225 5.020   0.451   1.00 25.01 ? 1326 GLU A OE1 1 
ATOM   104  O OE2 . GLU A 1 35  ? -13.552 4.695   2.514   1.00 24.51 ? 1326 GLU A OE2 1 
ATOM   105  N N   . GLU A 1 36  ? -10.642 4.199   -3.535  1.00 15.25 ? 1327 GLU A N   1 
ATOM   106  C CA  . GLU A 1 36  ? -10.718 4.043   -5.004  1.00 16.74 ? 1327 GLU A CA  1 
ATOM   107  C C   . GLU A 1 36  ? -9.399  3.446   -5.499  1.00 15.02 ? 1327 GLU A C   1 
ATOM   108  O O   . GLU A 1 36  ? -9.417  2.553   -6.385  1.00 16.27 ? 1327 GLU A O   1 
ATOM   109  C CB  . GLU A 1 36  ? -11.071 5.387   -5.645  1.00 19.95 ? 1327 GLU A CB  1 
ATOM   110  C CG  . GLU A 1 36  ? -12.491 5.807   -5.304  1.00 27.61 ? 1327 GLU A CG  1 
ATOM   111  C CD  . GLU A 1 36  ? -12.898 7.238   -5.636  1.00 34.34 ? 1327 GLU A CD  1 
ATOM   112  O OE1 . GLU A 1 36  ? -12.092 8.000   -6.246  1.00 38.99 ? 1327 GLU A OE1 1 
ATOM   113  O OE2 . GLU A 1 36  ? -14.020 7.598   -5.244  1.00 39.19 ? 1327 GLU A OE2 1 
ATOM   114  N N   . LEU A 1 37  ? -8.242  3.928   -5.004  1.00 14.41 ? 1328 LEU A N   1 
ATOM   115  C CA  . LEU A 1 37  ? -6.950  3.358   -5.460  1.00 12.97 ? 1328 LEU A CA  1 
ATOM   116  C C   . LEU A 1 37  ? -6.860  1.887   -5.045  1.00 12.95 ? 1328 LEU A C   1 
ATOM   117  O O   . LEU A 1 37  ? -6.389  1.030   -5.847  1.00 13.53 ? 1328 LEU A O   1 
ATOM   118  C CB  . LEU A 1 37  ? -5.796  4.197   -4.933  1.00 14.16 ? 1328 LEU A CB  1 
ATOM   119  C CG  . LEU A 1 37  ? -4.378  3.718   -5.231  1.00 13.52 ? 1328 LEU A CG  1 
ATOM   120  C CD1 . LEU A 1 37  ? -4.180  3.559   -6.729  1.00 15.60 ? 1328 LEU A CD1 1 
ATOM   121  C CD2 . LEU A 1 37  ? -3.382  4.695   -4.728  1.00 15.30 ? 1328 LEU A CD2 1 
ATOM   122  N N   . LEU A 1 38  ? -7.306  1.522   -3.844  1.00 14.11 ? 1329 LEU A N   1 
ATOM   123  C CA  . LEU A 1 38  ? -7.278  0.102   -3.448  1.00 14.22 ? 1329 LEU A CA  1 
ATOM   124  C C   . LEU A 1 38  ? -8.188  -0.706  -4.367  1.00 15.43 ? 1329 LEU A C   1 
ATOM   125  O O   . LEU A 1 38  ? -7.827  -1.840  -4.699  1.00 17.65 ? 1329 LEU A O   1 
ATOM   126  C CB  . LEU A 1 38  ? -7.681  -0.038  -1.980  1.00 15.39 ? 1329 LEU A CB  1 
ATOM   127  C CG  . LEU A 1 38  ? -6.652  0.446   -0.968  1.00 15.25 ? 1329 LEU A CG  1 
ATOM   128  C CD1 . LEU A 1 38  ? -7.291  0.504   0.413   1.00 16.57 ? 1329 LEU A CD1 1 
ATOM   129  C CD2 . LEU A 1 38  ? -5.429  -0.467  -0.911  1.00 17.04 ? 1329 LEU A CD2 1 
ATOM   130  N N   . ASN A 1 39  ? -9.345  -0.187  -4.757  1.00 16.81 ? 1330 ASN A N   1 
ATOM   131  C CA  . ASN A 1 39  ? -10.230 -0.870  -5.742  1.00 19.78 ? 1330 ASN A CA  1 
ATOM   132  C C   . ASN A 1 39  ? -9.447  -1.123  -7.042  1.00 16.86 ? 1330 ASN A C   1 
ATOM   133  O O   . ASN A 1 39  ? -9.474  -2.299  -7.565  1.00 20.06 ? 1330 ASN A O   1 
ATOM   134  C CB  . ASN A 1 39  ? -11.513 -0.071  -5.961  1.00 21.82 ? 1330 ASN A CB  1 
ATOM   135  C CG  . ASN A 1 39  ? -12.476 -0.130  -4.794  1.00 26.14 ? 1330 ASN A CG  1 
ATOM   136  O OD1 . ASN A 1 39  ? -12.408 -1.013  -3.953  1.00 28.88 ? 1330 ASN A OD1 1 
ATOM   137  N ND2 . ASN A 1 39  ? -13.411 0.806   -4.761  1.00 29.92 ? 1330 ASN A ND2 1 
ATOM   138  N N   . LEU A 1 40  ? -8.740  -0.140  -7.551  1.00 16.33 ? 1331 LEU A N   1 
ATOM   139  C CA  . LEU A 1 40  ? -7.953  -0.296  -8.797  1.00 17.85 ? 1331 LEU A CA  1 
ATOM   140  C C   . LEU A 1 40  ? -6.886  -1.366  -8.569  1.00 17.57 ? 1331 LEU A C   1 
ATOM   141  O O   . LEU A 1 40  ? -6.722  -2.282  -9.431  1.00 18.06 ? 1331 LEU A O   1 
ATOM   142  C CB  . LEU A 1 40  ? -7.309  1.024   -9.189  1.00 17.40 ? 1331 LEU A CB  1 
ATOM   143  C CG  . LEU A 1 40  ? -8.265  2.099   -9.708  1.00 17.02 ? 1331 LEU A CG  1 
ATOM   144  C CD1 . LEU A 1 40  ? -7.493  3.367   -9.991  1.00 20.71 ? 1331 LEU A CD1 1 
ATOM   145  C CD2 . LEU A 1 40  ? -9.064  1.633   -10.935 1.00 20.98 ? 1331 LEU A CD2 1 
ATOM   146  N N   . ILE A 1 41  ? -6.228  -1.384  -7.409  1.00 15.34 ? 1332 ILE A N   1 
ATOM   147  C CA  . ILE A 1 41  ? -5.162  -2.374  -7.129  1.00 14.97 ? 1332 ILE A CA  1 
ATOM   148  C C   . ILE A 1 41  ? -5.753  -3.785  -7.092  1.00 16.38 ? 1332 ILE A C   1 
ATOM   149  O O   . ILE A 1 41  ? -5.177  -4.699  -7.715  1.00 16.42 ? 1332 ILE A O   1 
ATOM   150  C CB  . ILE A 1 41  ? -4.447  -1.988  -5.826  1.00 15.08 ? 1332 ILE A CB  1 
ATOM   151  C CG1 . ILE A 1 41  ? -3.556  -0.771  -6.093  1.00 15.55 ? 1332 ILE A CG1 1 
ATOM   152  C CG2 . ILE A 1 41  ? -3.670  -3.160  -5.273  1.00 14.81 ? 1332 ILE A CG2 1 
ATOM   153  C CD1 . ILE A 1 41  ? -2.957  -0.149  -4.894  1.00 17.16 ? 1332 ILE A CD1 1 
ATOM   154  N N   . PHE A 1 42  ? -6.926  -3.959  -6.483  1.00 17.80 ? 1333 PHE A N   1 
ATOM   155  C CA  . PHE A 1 42  ? -7.658  -5.261  -6.477  1.00 20.30 ? 1333 PHE A CA  1 
ATOM   156  C C   . PHE A 1 42  ? -8.065  -5.692  -7.910  1.00 21.39 ? 1333 PHE A C   1 
ATOM   157  O O   . PHE A 1 42  ? -8.102  -6.931  -8.131  1.00 29.31 ? 1333 PHE A O   1 
ATOM   158  C CB  . PHE A 1 42  ? -8.796  -5.232  -5.447  1.00 19.38 ? 1333 PHE A CB  1 
ATOM   159  C CG  . PHE A 1 42  ? -8.370  -5.586  -4.040  1.00 19.10 ? 1333 PHE A CG  1 
ATOM   160  C CD1 . PHE A 1 42  ? -8.441  -6.895  -3.583  1.00 21.45 ? 1333 PHE A CD1 1 
ATOM   161  C CD2 . PHE A 1 42  ? -7.953  -4.600  -3.152  1.00 23.18 ? 1333 PHE A CD2 1 
ATOM   162  C CE1 . PHE A 1 42  ? -8.086  -7.217  -2.277  1.00 25.36 ? 1333 PHE A CE1 1 
ATOM   163  C CE2 . PHE A 1 42  ? -7.618  -4.921  -1.843  1.00 21.87 ? 1333 PHE A CE2 1 
ATOM   164  C CZ  . PHE A 1 42  ? -7.633  -6.238  -1.428  1.00 23.29 ? 1333 PHE A CZ  1 
ATOM   165  N N   . GLN A 1 43  ? -8.278  -4.791  -8.879  1.00 22.65 ? 1334 GLN A N   1 
ATOM   166  C CA  . GLN A 1 43  ? -8.567  -5.149  -10.313 1.00 23.92 ? 1334 GLN A CA  1 
ATOM   167  C C   . GLN A 1 43  ? -7.305  -5.565  -11.102 1.00 23.51 ? 1334 GLN A C   1 
ATOM   168  O O   . GLN A 1 43  ? -7.424  -6.233  -12.160 1.00 24.64 ? 1334 GLN A O   1 
ATOM   169  C CB  . GLN A 1 43  ? -9.232  -3.957  -11.004 1.00 25.09 ? 1334 GLN A CB  1 
ATOM   170  C CG  . GLN A 1 43  ? -10.609 -3.620  -10.456 1.00 26.69 ? 1334 GLN A CG  1 
ATOM   171  N N   A CYS A 1 44  ? -6.127  -5.238  -10.586 0.25 20.88 ? 1335 CYS A N   1 
ATOM   172  N N   B CYS A 1 44  ? -6.127  -5.216  -10.593 0.24 22.18 ? 1335 CYS A N   1 
ATOM   173  C CA  A CYS A 1 44  ? -4.833  -5.632  -11.184 0.25 19.22 ? 1335 CYS A CA  1 
ATOM   174  C CA  B CYS A 1 44  ? -4.823  -5.607  -11.175 0.24 21.15 ? 1335 CYS A CA  1 
ATOM   175  C C   A CYS A 1 44  ? -4.590  -7.116  -10.876 0.25 18.05 ? 1335 CYS A C   1 
ATOM   176  C C   B CYS A 1 44  ? -4.595  -7.101  -10.880 0.24 19.28 ? 1335 CYS A C   1 
ATOM   177  O O   A CYS A 1 44  ? -4.629  -7.517  -9.696  0.25 17.15 ? 1335 CYS A O   1 
ATOM   178  O O   B CYS A 1 44  ? -4.644  -7.501  -9.699  0.24 18.35 ? 1335 CYS A O   1 
ATOM   179  C CB  A CYS A 1 44  ? -3.716  -4.726  -10.681 0.25 18.11 ? 1335 CYS A CB  1 
ATOM   180  C CB  B CYS A 1 44  ? -3.694  -4.735  -10.629 0.24 21.00 ? 1335 CYS A CB  1 
ATOM   181  S SG  A CYS A 1 44  ? -4.032  -3.003  -11.132 0.25 17.82 ? 1335 CYS A SG  1 
ATOM   182  S SG  B CYS A 1 44  ? -2.239  -4.708  -11.707 0.24 23.92 ? 1335 CYS A SG  1 
ATOM   183  N N   . GLU A 1 45  ? -4.374  -7.928  -11.912 1.00 17.66 ? 1336 GLU A N   1 
ATOM   184  C CA  . GLU A 1 45  ? -3.908  -9.327  -11.732 1.00 16.76 ? 1336 GLU A CA  1 
ATOM   185  C C   . GLU A 1 45  ? -2.634  -9.342  -10.880 1.00 16.14 ? 1336 GLU A C   1 
ATOM   186  O O   . GLU A 1 45  ? -2.465  -10.282 -10.079 1.00 16.02 ? 1336 GLU A O   1 
ATOM   187  C CB  . GLU A 1 45  ? -3.640  -9.989  -13.086 1.00 16.98 ? 1336 GLU A CB  1 
ATOM   188  C CG  . GLU A 1 45  ? -4.876  -10.026 -13.967 1.00 18.23 ? 1336 GLU A CG  1 
ATOM   189  C CD  . GLU A 1 45  ? -4.813  -10.891 -15.213 1.00 18.51 ? 1336 GLU A CD  1 
ATOM   190  O OE1 . GLU A 1 45  ? -3.710  -11.309 -15.603 1.00 18.02 ? 1336 GLU A OE1 1 
ATOM   191  O OE2 . GLU A 1 45  ? -5.888  -11.143 -15.795 1.00 19.60 ? 1336 GLU A OE2 1 
ATOM   192  N N   . ASP A 1 46  ? -1.763  -8.336  -11.037 1.00 15.47 ? 1337 ASP A N   1 
ATOM   193  C CA  . ASP A 1 46  ? -0.462  -8.271  -10.319 1.00 15.47 ? 1337 ASP A CA  1 
ATOM   194  C C   . ASP A 1 46  ? -0.657  -8.226  -8.798  1.00 14.66 ? 1337 ASP A C   1 
ATOM   195  O O   . ASP A 1 46  ? 0.314   -8.483  -8.086  1.00 14.16 ? 1337 ASP A O   1 
ATOM   196  C CB  . ASP A 1 46  ? 0.373   -7.072  -10.763 1.00 15.28 ? 1337 ASP A CB  1 
ATOM   197  C CG  . ASP A 1 46  ? 0.917   -7.195  -12.177 1.00 16.39 ? 1337 ASP A CG  1 
ATOM   198  O OD1 . ASP A 1 46  ? 0.932   -8.334  -12.705 1.00 17.52 ? 1337 ASP A OD1 1 
ATOM   199  O OD2 . ASP A 1 46  ? 1.348   -6.160  -12.720 1.00 15.51 ? 1337 ASP A OD2 1 
ATOM   200  N N   . SER A 1 47  ? -1.835  -7.879  -8.285  1.00 14.91 ? 1338 SER A N   1 
ATOM   201  C CA  . SER A 1 47  ? -2.041  -7.781  -6.818  1.00 15.15 ? 1338 SER A CA  1 
ATOM   202  C C   . SER A 1 47  ? -2.364  -9.146  -6.207  1.00 14.66 ? 1338 SER A C   1 
ATOM   203  O O   . SER A 1 47  ? -2.237  -9.287  -4.982  1.00 14.76 ? 1338 SER A O   1 
ATOM   204  C CB  . SER A 1 47  ? -3.112  -6.792  -6.486  1.00 14.40 ? 1338 SER A CB  1 
ATOM   205  O OG  . SER A 1 47  ? -4.406  -7.346  -6.675  1.00 14.35 ? 1338 SER A OG  1 
ATOM   206  N N   . GLU A 1 48  ? -2.776  -10.121 -7.015  1.00 14.70 ? 1339 GLU A N   1 
ATOM   207  C CA  . GLU A 1 48  ? -3.422  -11.340 -6.468  1.00 15.26 ? 1339 GLU A CA  1 
ATOM   208  C C   . GLU A 1 48  ? -2.534  -11.963 -5.384  1.00 14.36 ? 1339 GLU A C   1 
ATOM   209  O O   . GLU A 1 48  ? -3.039  -12.335 -4.327  1.00 14.77 ? 1339 GLU A O   1 
ATOM   210  C CB  . GLU A 1 48  ? -3.866  -12.283 -7.589  1.00 16.44 ? 1339 GLU A CB  1 
ATOM   211  C CG  . GLU A 1 48  ? -4.625  -13.492 -7.064  1.00 18.58 ? 1339 GLU A CG  1 
ATOM   212  C CD  . GLU A 1 48  ? -3.745  -14.479 -6.326  1.00 21.20 ? 1339 GLU A CD  1 
ATOM   213  O OE1 . GLU A 1 48  ? -2.575  -14.628 -6.737  1.00 22.03 ? 1339 GLU A OE1 1 
ATOM   214  O OE2 . GLU A 1 48  ? -4.225  -15.083 -5.328  1.00 24.08 ? 1339 GLU A OE2 1 
ATOM   215  N N   . PRO A 1 49  ? -1.188  -12.059 -5.524  1.00 14.25 ? 1340 PRO A N   1 
ATOM   216  C CA  . PRO A 1 49  ? -0.366  -12.648 -4.460  1.00 14.22 ? 1340 PRO A CA  1 
ATOM   217  C C   . PRO A 1 49  ? -0.320  -11.867 -3.138  1.00 14.42 ? 1340 PRO A C   1 
ATOM   218  O O   . PRO A 1 49  ? 0.003   -12.440 -2.113  1.00 13.66 ? 1340 PRO A O   1 
ATOM   219  C CB  . PRO A 1 49  ? 1.041   -12.677 -5.078  1.00 14.70 ? 1340 PRO A CB  1 
ATOM   220  C CG  . PRO A 1 49  ? 0.797   -12.616 -6.557  1.00 14.77 ? 1340 PRO A CG  1 
ATOM   221  C CD  . PRO A 1 49  ? -0.384  -11.681 -6.696  1.00 14.36 ? 1340 PRO A CD  1 
ATOM   222  N N   . PHE A 1 50  ? -0.682  -10.587 -3.190  1.00 14.97 ? 1341 PHE A N   1 
ATOM   223  C CA  . PHE A 1 50  ? -0.515  -9.629  -2.070  1.00 14.87 ? 1341 PHE A CA  1 
ATOM   224  C C   . PHE A 1 50  ? -1.869  -9.292  -1.438  1.00 15.36 ? 1341 PHE A C   1 
ATOM   225  O O   . PHE A 1 50  ? -1.882  -8.431  -0.550  1.00 15.62 ? 1341 PHE A O   1 
ATOM   226  C CB  . PHE A 1 50  ? 0.200   -8.372  -2.575  1.00 14.86 ? 1341 PHE A CB  1 
ATOM   227  C CG  . PHE A 1 50  ? 1.461   -8.664  -3.346  1.00 14.79 ? 1341 PHE A CG  1 
ATOM   228  C CD1 . PHE A 1 50  ? 2.556   -9.204  -2.691  1.00 15.58 ? 1341 PHE A CD1 1 
ATOM   229  C CD2 . PHE A 1 50  ? 1.532   -8.477  -4.720  1.00 15.57 ? 1341 PHE A CD2 1 
ATOM   230  C CE1 . PHE A 1 50  ? 3.709   -9.524  -3.387  1.00 16.01 ? 1341 PHE A CE1 1 
ATOM   231  C CE2 . PHE A 1 50  ? 2.693   -8.797  -5.410  1.00 15.53 ? 1341 PHE A CE2 1 
ATOM   232  C CZ  . PHE A 1 50  ? 3.774   -9.322  -4.741  1.00 15.73 ? 1341 PHE A CZ  1 
ATOM   233  N N   . ARG A 1 51  ? -2.961  -9.954  -1.833  1.00 16.39 ? 1342 ARG A N   1 
ATOM   234  C CA  . ARG A 1 51  ? -4.333  -9.577  -1.400  1.00 16.94 ? 1342 ARG A CA  1 
ATOM   235  C C   . ARG A 1 51  ? -4.576  -10.020 0.046   1.00 18.23 ? 1342 ARG A C   1 
ATOM   236  O O   . ARG A 1 51  ? -5.159  -9.223  0.800   1.00 19.40 ? 1342 ARG A O   1 
ATOM   237  C CB  . ARG A 1 51  ? -5.393  -10.147 -2.346  1.00 17.55 ? 1342 ARG A CB  1 
ATOM   238  C CG  . ARG A 1 51  ? -5.538  -9.323  -3.616  1.00 17.12 ? 1342 ARG A CG  1 
ATOM   239  C CD  . ARG A 1 51  ? -6.468  -9.916  -4.651  1.00 17.18 ? 1342 ARG A CD  1 
ATOM   240  N NE  . ARG A 1 51  ? -6.186  -9.372  -5.972  1.00 17.09 ? 1342 ARG A NE  1 
ATOM   241  C CZ  . ARG A 1 51  ? -6.613  -9.896  -7.115  1.00 17.58 ? 1342 ARG A CZ  1 
ATOM   242  N NH1 . ARG A 1 51  ? -7.400  -10.962 -7.118  1.00 17.64 ? 1342 ARG A NH1 1 
ATOM   243  N NH2 . ARG A 1 51  ? -6.268  -9.332  -8.258  1.00 16.70 ? 1342 ARG A NH2 1 
ATOM   244  N N   . GLN A 1 52  ? -4.180  -11.238 0.421   1.00 20.69 ? 1343 GLN A N   1 
ATOM   245  C CA  . GLN A 1 52  ? -4.476  -11.801 1.764   1.00 24.53 ? 1343 GLN A CA  1 
ATOM   246  C C   . GLN A 1 52  ? -3.163  -12.174 2.443   1.00 25.44 ? 1343 GLN A C   1 
ATOM   247  O O   . GLN A 1 52  ? -2.127  -12.280 1.785   1.00 25.07 ? 1343 GLN A O   1 
ATOM   248  C CB  . GLN A 1 52  ? -5.447  -12.982 1.647   1.00 26.44 ? 1343 GLN A CB  1 
ATOM   249  C CG  . GLN A 1 52  ? -6.835  -12.591 1.145   1.00 30.22 ? 1343 GLN A CG  1 
ATOM   250  C CD  . GLN A 1 52  ? -7.685  -11.806 2.123   1.00 33.22 ? 1343 GLN A CD  1 
ATOM   251  O OE1 . GLN A 1 52  ? -7.394  -11.699 3.317   1.00 36.07 ? 1343 GLN A OE1 1 
ATOM   252  N NE2 . GLN A 1 52  ? -8.779  -11.261 1.617   1.00 36.33 ? 1343 GLN A NE2 1 
ATOM   253  N N   . PRO A 1 53  ? -3.165  -12.330 3.787   1.00 27.82 ? 1344 PRO A N   1 
ATOM   254  C CA  . PRO A 1 53  ? -1.959  -12.702 4.526   1.00 29.23 ? 1344 PRO A CA  1 
ATOM   255  C C   . PRO A 1 53  ? -1.251  -13.915 3.904   1.00 29.96 ? 1344 PRO A C   1 
ATOM   256  O O   . PRO A 1 53  ? -1.927  -14.880 3.581   1.00 30.37 ? 1344 PRO A O   1 
ATOM   257  C CB  . PRO A 1 53  ? -2.492  -13.020 5.930   1.00 28.90 ? 1344 PRO A CB  1 
ATOM   258  C CG  . PRO A 1 53  ? -3.731  -12.164 6.061   1.00 28.50 ? 1344 PRO A CG  1 
ATOM   259  C CD  . PRO A 1 53  ? -4.327  -12.129 4.671   1.00 27.91 ? 1344 PRO A CD  1 
ATOM   260  N N   . VAL A 1 54  ? 0.075   -13.824 3.741   1.00 29.94 ? 1345 VAL A N   1 
ATOM   261  C CA  . VAL A 1 54  ? 0.941   -14.856 3.093   1.00 29.80 ? 1345 VAL A CA  1 
ATOM   262  C C   . VAL A 1 54  ? 0.686   -16.228 3.735   1.00 30.22 ? 1345 VAL A C   1 
ATOM   263  O O   . VAL A 1 54  ? 0.446   -16.278 4.960   1.00 29.71 ? 1345 VAL A O   1 
ATOM   264  C CB  . VAL A 1 54  ? 2.433   -14.473 3.160   1.00 29.51 ? 1345 VAL A CB  1 
ATOM   265  C CG1 . VAL A 1 54  ? 3.348   -15.659 2.888   1.00 30.58 ? 1345 VAL A CG1 1 
ATOM   266  C CG2 . VAL A 1 54  ? 2.752   -13.331 2.208   1.00 30.41 ? 1345 VAL A CG2 1 
ATOM   267  N N   . ASP A 1 55  ? 0.766   -17.279 2.911   1.00 30.21 ? 1346 ASP A N   1 
ATOM   268  C CA  . ASP A 1 55  ? 0.531   -18.707 3.261   1.00 30.22 ? 1346 ASP A CA  1 
ATOM   269  C C   . ASP A 1 55  ? 1.827   -19.290 3.838   1.00 30.45 ? 1346 ASP A C   1 
ATOM   270  O O   . ASP A 1 55  ? 2.778   -19.505 3.064   1.00 31.79 ? 1346 ASP A O   1 
ATOM   271  C CB  . ASP A 1 55  ? 0.051   -19.483 2.028   1.00 29.08 ? 1346 ASP A CB  1 
ATOM   272  C CG  . ASP A 1 55  ? -0.463  -20.891 2.292   1.00 28.63 ? 1346 ASP A CG  1 
ATOM   273  O OD1 . ASP A 1 55  ? -0.056  -21.495 3.294   1.00 27.33 ? 1346 ASP A OD1 1 
ATOM   274  O OD2 . ASP A 1 55  ? -1.258  -21.382 1.467   1.00 29.26 ? 1346 ASP A OD2 1 
ATOM   275  N N   . LEU A 1 56  ? 1.853   -19.549 5.144   1.00 30.80 ? 1347 LEU A N   1 
ATOM   276  C CA  . LEU A 1 56  ? 3.032   -20.119 5.848   1.00 32.52 ? 1347 LEU A CA  1 
ATOM   277  C C   . LEU A 1 56  ? 3.180   -21.604 5.492   1.00 32.71 ? 1347 LEU A C   1 
ATOM   278  O O   . LEU A 1 56  ? 4.325   -22.081 5.447   1.00 32.53 ? 1347 LEU A O   1 
ATOM   279  C CB  . LEU A 1 56  ? 2.884   -19.897 7.358   1.00 32.93 ? 1347 LEU A CB  1 
ATOM   280  C CG  . LEU A 1 56  ? 2.805   -18.437 7.813   1.00 34.02 ? 1347 LEU A CG  1 
ATOM   281  C CD1 . LEU A 1 56  ? 3.102   -18.319 9.300   1.00 34.26 ? 1347 LEU A CD1 1 
ATOM   282  C CD2 . LEU A 1 56  ? 3.747   -17.539 7.019   1.00 35.02 ? 1347 LEU A CD2 1 
ATOM   283  N N   . LEU A 1 57  ? 2.080   -22.303 5.192   1.00 34.67 ? 1348 LEU A N   1 
ATOM   284  C CA  . LEU A 1 57  ? 2.118   -23.748 4.835   1.00 36.67 ? 1348 LEU A CA  1 
ATOM   285  C C   . LEU A 1 57  ? 2.847   -23.930 3.497   1.00 35.90 ? 1348 LEU A C   1 
ATOM   286  O O   . LEU A 1 57  ? 3.483   -24.983 3.322   1.00 36.35 ? 1348 LEU A O   1 
ATOM   287  C CB  . LEU A 1 57  ? 0.696   -24.313 4.767   1.00 39.79 ? 1348 LEU A CB  1 
ATOM   288  C CG  . LEU A 1 57  ? -0.154  -24.148 6.028   1.00 42.33 ? 1348 LEU A CG  1 
ATOM   289  C CD1 . LEU A 1 57  ? -1.483  -24.871 5.870   1.00 44.09 ? 1348 LEU A CD1 1 
ATOM   290  C CD2 . LEU A 1 57  ? 0.579   -24.650 7.263   1.00 43.25 ? 1348 LEU A CD2 1 
ATOM   291  N N   . GLU A 1 58  ? 2.747   -22.951 2.589   1.00 33.02 ? 1349 GLU A N   1 
ATOM   292  C CA  . GLU A 1 58  ? 3.473   -22.938 1.289   1.00 32.87 ? 1349 GLU A CA  1 
ATOM   293  C C   . GLU A 1 58  ? 4.907   -22.437 1.512   1.00 30.13 ? 1349 GLU A C   1 
ATOM   294  O O   . GLU A 1 58  ? 5.835   -22.969 0.865   1.00 30.43 ? 1349 GLU A O   1 
ATOM   295  C CB  . GLU A 1 58  ? 2.766   -22.039 0.270   1.00 34.49 ? 1349 GLU A CB  1 
ATOM   296  C CG  . GLU A 1 58  ? 1.364   -22.500 -0.100  1.00 36.92 ? 1349 GLU A CG  1 
ATOM   297  C CD  . GLU A 1 58  ? 0.653   -21.654 -1.149  1.00 39.11 ? 1349 GLU A CD  1 
ATOM   298  O OE1 . GLU A 1 58  ? 1.211   -20.609 -1.560  1.00 41.56 ? 1349 GLU A OE1 1 
ATOM   299  O OE2 . GLU A 1 58  ? -0.458  -22.052 -1.568  1.00 41.56 ? 1349 GLU A OE2 1 
ATOM   300  N N   . TYR A 1 59  ? 5.071   -21.433 2.381   1.00 28.70 ? 1350 TYR A N   1 
ATOM   301  C CA  . TYR A 1 59  ? 6.339   -20.689 2.601   1.00 27.09 ? 1350 TYR A CA  1 
ATOM   302  C C   . TYR A 1 59  ? 6.721   -20.809 4.074   1.00 25.58 ? 1350 TYR A C   1 
ATOM   303  O O   . TYR A 1 59  ? 6.544   -19.875 4.849   1.00 23.70 ? 1350 TYR A O   1 
ATOM   304  C CB  . TYR A 1 59  ? 6.158   -19.251 2.101   1.00 27.09 ? 1350 TYR A CB  1 
ATOM   305  C CG  . TYR A 1 59  ? 5.912   -19.159 0.613   1.00 26.42 ? 1350 TYR A CG  1 
ATOM   306  C CD1 . TYR A 1 59  ? 6.966   -19.203 -0.284  1.00 26.90 ? 1350 TYR A CD1 1 
ATOM   307  C CD2 . TYR A 1 59  ? 4.632   -19.051 0.091   1.00 27.24 ? 1350 TYR A CD2 1 
ATOM   308  C CE1 . TYR A 1 59  ? 6.765   -19.130 -1.651  1.00 26.92 ? 1350 TYR A CE1 1 
ATOM   309  C CE2 . TYR A 1 59  ? 4.408   -18.996 -1.279  1.00 26.62 ? 1350 TYR A CE2 1 
ATOM   310  C CZ  . TYR A 1 59  ? 5.483   -19.024 -2.154  1.00 26.88 ? 1350 TYR A CZ  1 
ATOM   311  O OH  . TYR A 1 59  ? 5.324   -18.946 -3.513  1.00 25.60 ? 1350 TYR A OH  1 
ATOM   312  N N   . PRO A 1 60  ? 7.249   -21.980 4.510   1.00 24.31 ? 1351 PRO A N   1 
ATOM   313  C CA  . PRO A 1 60  ? 7.394   -22.271 5.937   1.00 21.99 ? 1351 PRO A CA  1 
ATOM   314  C C   . PRO A 1 60  ? 8.478   -21.423 6.620   1.00 20.26 ? 1351 PRO A C   1 
ATOM   315  O O   . PRO A 1 60  ? 8.415   -21.269 7.820   1.00 18.54 ? 1351 PRO A O   1 
ATOM   316  C CB  . PRO A 1 60  ? 7.723   -23.777 5.961   1.00 23.49 ? 1351 PRO A CB  1 
ATOM   317  C CG  . PRO A 1 60  ? 8.392   -24.036 4.634   1.00 24.46 ? 1351 PRO A CG  1 
ATOM   318  C CD  . PRO A 1 60  ? 7.729   -23.081 3.659   1.00 24.85 ? 1351 PRO A CD  1 
ATOM   319  N N   . ASP A 1 61  ? 9.409   -20.863 5.846   1.00 19.08 ? 1352 ASP A N   1 
ATOM   320  C CA  . ASP A 1 61  ? 10.510  -20.017 6.382   1.00 18.58 ? 1352 ASP A CA  1 
ATOM   321  C C   . ASP A 1 61  ? 10.053  -18.549 6.473   1.00 17.58 ? 1352 ASP A C   1 
ATOM   322  O O   . ASP A 1 61  ? 10.716  -17.757 7.206   1.00 17.49 ? 1352 ASP A O   1 
ATOM   323  C CB  . ASP A 1 61  ? 11.772  -20.168 5.534   1.00 18.75 ? 1352 ASP A CB  1 
ATOM   324  C CG  . ASP A 1 61  ? 11.573  -19.800 4.080   1.00 18.64 ? 1352 ASP A CG  1 
ATOM   325  O OD1 . ASP A 1 61  ? 10.408  -19.887 3.596   1.00 21.68 ? 1352 ASP A OD1 1 
ATOM   326  O OD2 . ASP A 1 61  ? 12.573  -19.449 3.434   1.00 22.29 ? 1352 ASP A OD2 1 
ATOM   327  N N   . TYR A 1 62  ? 8.927   -18.195 5.843   1.00 16.43 ? 1353 TYR A N   1 
ATOM   328  C CA  . TYR A 1 62  ? 8.564   -16.778 5.568   1.00 15.51 ? 1353 TYR A CA  1 
ATOM   329  C C   . TYR A 1 62  ? 8.795   -15.907 6.809   1.00 15.74 ? 1353 TYR A C   1 
ATOM   330  O O   . TYR A 1 62  ? 9.456   -14.841 6.669   1.00 14.67 ? 1353 TYR A O   1 
ATOM   331  C CB  . TYR A 1 62  ? 7.115   -16.669 5.094   1.00 15.23 ? 1353 TYR A CB  1 
ATOM   332  C CG  . TYR A 1 62  ? 6.737   -15.278 4.642   1.00 15.83 ? 1353 TYR A CG  1 
ATOM   333  C CD1 . TYR A 1 62  ? 7.118   -14.825 3.391   1.00 16.49 ? 1353 TYR A CD1 1 
ATOM   334  C CD2 . TYR A 1 62  ? 6.061   -14.393 5.475   1.00 16.20 ? 1353 TYR A CD2 1 
ATOM   335  C CE1 . TYR A 1 62  ? 6.810   -13.542 2.960   1.00 15.88 ? 1353 TYR A CE1 1 
ATOM   336  C CE2 . TYR A 1 62  ? 5.746   -13.105 5.058   1.00 16.69 ? 1353 TYR A CE2 1 
ATOM   337  C CZ  . TYR A 1 62  ? 6.126   -12.678 3.796   1.00 16.38 ? 1353 TYR A CZ  1 
ATOM   338  O OH  . TYR A 1 62  ? 5.823   -11.406 3.372   1.00 16.10 ? 1353 TYR A OH  1 
ATOM   339  N N   . ARG A 1 63  ? 8.280   -16.333 7.971   1.00 16.21 ? 1354 ARG A N   1 
ATOM   340  C CA  . ARG A 1 63  ? 8.280   -15.544 9.238   1.00 17.48 ? 1354 ARG A CA  1 
ATOM   341  C C   . ARG A 1 63  ? 9.649   -15.563 9.932   1.00 17.27 ? 1354 ARG A C   1 
ATOM   342  O O   . ARG A 1 63  ? 9.808   -14.810 10.913  1.00 18.04 ? 1354 ARG A O   1 
ATOM   343  C CB  . ARG A 1 63  ? 7.204   -16.033 10.210  1.00 18.87 ? 1354 ARG A CB  1 
ATOM   344  C CG  . ARG A 1 63  ? 5.776   -15.724 9.779   1.00 20.71 ? 1354 ARG A CG  1 
ATOM   345  C CD  . ARG A 1 63  ? 5.509   -14.256 9.496   1.00 22.72 ? 1354 ARG A CD  1 
ATOM   346  N NE  . ARG A 1 63  ? 5.941   -13.408 10.597  1.00 24.44 ? 1354 ARG A NE  1 
ATOM   347  C CZ  . ARG A 1 63  ? 5.217   -13.135 11.681  1.00 26.70 ? 1354 ARG A CZ  1 
ATOM   348  N NH1 . ARG A 1 63  ? 3.993   -13.622 11.815  1.00 27.00 ? 1354 ARG A NH1 1 
ATOM   349  N NH2 . ARG A 1 63  ? 5.720   -12.359 12.627  1.00 28.39 ? 1354 ARG A NH2 1 
ATOM   350  N N   . ASP A 1 64  ? 10.604  -16.363 9.452   1.00 18.12 ? 1355 ASP A N   1 
ATOM   351  C CA  . ASP A 1 64  ? 12.025  -16.257 9.878   1.00 18.52 ? 1355 ASP A CA  1 
ATOM   352  C C   . ASP A 1 64  ? 12.612  -14.974 9.278   1.00 18.32 ? 1355 ASP A C   1 
ATOM   353  O O   . ASP A 1 64  ? 13.430  -14.316 9.971   1.00 18.42 ? 1355 ASP A O   1 
ATOM   354  C CB  . ASP A 1 64  ? 12.861  -17.457 9.423   1.00 18.84 ? 1355 ASP A CB  1 
ATOM   355  C CG  . ASP A 1 64  ? 12.291  -18.823 9.772   1.00 18.45 ? 1355 ASP A CG  1 
ATOM   356  O OD1 . ASP A 1 64  ? 11.457  -18.922 10.695  1.00 18.71 ? 1355 ASP A OD1 1 
ATOM   357  O OD2 . ASP A 1 64  ? 12.689  -19.782 9.108   1.00 20.17 ? 1355 ASP A OD2 1 
ATOM   358  N N   . ILE A 1 65  ? 12.198  -14.654 8.040   1.00 17.25 ? 1356 ILE A N   1 
ATOM   359  C CA  . ILE A 1 65  ? 12.786  -13.615 7.137   1.00 16.59 ? 1356 ILE A CA  1 
ATOM   360  C C   . ILE A 1 65  ? 12.080  -12.267 7.333   1.00 16.79 ? 1356 ILE A C   1 
ATOM   361  O O   . ILE A 1 65  ? 12.780  -11.228 7.259   1.00 16.01 ? 1356 ILE A O   1 
ATOM   362  C CB  . ILE A 1 65  ? 12.698  -14.083 5.671   1.00 16.81 ? 1356 ILE A CB  1 
ATOM   363  C CG1 . ILE A 1 65  ? 13.325  -15.467 5.469   1.00 16.53 ? 1356 ILE A CG1 1 
ATOM   364  C CG2 . ILE A 1 65  ? 13.289  -13.060 4.715   1.00 16.77 ? 1356 ILE A CG2 1 
ATOM   365  C CD1 . ILE A 1 65  ? 14.811  -15.537 5.741   1.00 16.90 ? 1356 ILE A CD1 1 
ATOM   366  N N   . ILE A 1 66  ? 10.768  -12.286 7.598   1.00 16.82 ? 1357 ILE A N   1 
ATOM   367  C CA  . ILE A 1 66  ? 9.860   -11.102 7.584   1.00 17.28 ? 1357 ILE A CA  1 
ATOM   368  C C   . ILE A 1 66  ? 9.336   -10.860 9.000   1.00 17.24 ? 1357 ILE A C   1 
ATOM   369  O O   . ILE A 1 66  ? 8.652   -11.748 9.542   1.00 17.65 ? 1357 ILE A O   1 
ATOM   370  C CB  . ILE A 1 66  ? 8.703   -11.323 6.589   1.00 16.38 ? 1357 ILE A CB  1 
ATOM   371  C CG1 . ILE A 1 66  ? 9.208   -11.570 5.164   1.00 17.17 ? 1357 ILE A CG1 1 
ATOM   372  C CG2 . ILE A 1 66  ? 7.709   -10.174 6.655   1.00 16.68 ? 1357 ILE A CG2 1 
ATOM   373  C CD1 . ILE A 1 66  ? 10.058  -10.470 4.606   1.00 17.52 ? 1357 ILE A CD1 1 
ATOM   374  N N   . ASP A 1 67  ? 9.600   -9.673  9.554   1.00 19.46 ? 1358 ASP A N   1 
ATOM   375  C CA  . ASP A 1 67  ? 9.241   -9.305  10.953  1.00 21.18 ? 1358 ASP A CA  1 
ATOM   376  C C   . ASP A 1 67  ? 7.768   -8.867  11.053  1.00 20.40 ? 1358 ASP A C   1 
ATOM   377  O O   . ASP A 1 67  ? 7.169   -9.043  12.127  1.00 19.95 ? 1358 ASP A O   1 
ATOM   378  C CB  . ASP A 1 67  ? 10.148  -8.181  11.461  1.00 23.10 ? 1358 ASP A CB  1 
ATOM   379  C CG  . ASP A 1 67  ? 11.629  -8.519  11.552  1.00 23.85 ? 1358 ASP A CG  1 
ATOM   380  O OD1 . ASP A 1 67  ? 11.968  -9.713  11.697  1.00 24.16 ? 1358 ASP A OD1 1 
ATOM   381  O OD2 . ASP A 1 67  ? 12.437  -7.578  11.478  1.00 27.54 ? 1358 ASP A OD2 1 
ATOM   382  N N   . THR A 1 68  ? 7.231   -8.219  10.005  1.00 19.64 ? 1359 THR A N   1 
ATOM   383  C CA  . THR A 1 68  ? 5.883   -7.608  10.003  1.00 19.56 ? 1359 THR A CA  1 
ATOM   384  C C   . THR A 1 68  ? 5.173   -7.920  8.691   1.00 18.06 ? 1359 THR A C   1 
ATOM   385  O O   . THR A 1 68  ? 5.285   -7.129  7.727   1.00 18.03 ? 1359 THR A O   1 
ATOM   386  C CB  . THR A 1 68  ? 5.934   -6.091  10.237  1.00 20.37 ? 1359 THR A CB  1 
ATOM   387  O OG1 . THR A 1 68  ? 6.728   -5.845  11.404  1.00 22.84 ? 1359 THR A OG1 1 
ATOM   388  C CG2 . THR A 1 68  ? 4.538   -5.526  10.435  1.00 21.20 ? 1359 THR A CG2 1 
ATOM   389  N N   . PRO A 1 69  ? 4.357   -8.979  8.635   1.00 16.78 ? 1360 PRO A N   1 
ATOM   390  C CA  . PRO A 1 69  ? 3.553   -9.284  7.446   1.00 17.54 ? 1360 PRO A CA  1 
ATOM   391  C C   . PRO A 1 69  ? 2.580   -8.143  7.153   1.00 16.07 ? 1360 PRO A C   1 
ATOM   392  O O   . PRO A 1 69  ? 2.126   -7.484  8.031   1.00 16.80 ? 1360 PRO A O   1 
ATOM   393  C CB  . PRO A 1 69  ? 2.792   -10.567 7.793   1.00 18.78 ? 1360 PRO A CB  1 
ATOM   394  C CG  . PRO A 1 69  ? 3.653   -11.219 8.871   1.00 20.98 ? 1360 PRO A CG  1 
ATOM   395  C CD  . PRO A 1 69  ? 4.194   -10.041 9.683   1.00 18.25 ? 1360 PRO A CD  1 
ATOM   396  N N   . MET A 1 70  ? 2.321   -7.912  5.865   1.00 15.21 ? 1361 MET A N   1 
ATOM   397  C CA  . MET A 1 70  ? 1.299   -6.921  5.466   1.00 14.25 ? 1361 MET A CA  1 
ATOM   398  C C   . MET A 1 70  ? 0.729   -7.351  4.115   1.00 13.38 ? 1361 MET A C   1 
ATOM   399  O O   . MET A 1 70  ? 1.436   -7.972  3.339   1.00 13.86 ? 1361 MET A O   1 
ATOM   400  C CB  . MET A 1 70  ? 1.895   -5.520  5.373   1.00 13.94 ? 1361 MET A CB  1 
ATOM   401  C CG  . MET A 1 70  ? 0.901   -4.412  5.171   1.00 14.30 ? 1361 MET A CG  1 
ATOM   402  S SD  . MET A 1 70  ? -0.474  -4.339  6.318   1.00 14.09 ? 1361 MET A SD  1 
ATOM   403  C CE  . MET A 1 70  ? 0.328   -4.221  7.923   1.00 16.39 ? 1361 MET A CE  1 
ATOM   404  N N   . ASP A 1 71  ? -0.534  -7.003  3.864   1.00 12.55 ? 1362 ASP A N   1 
ATOM   405  C CA  . ASP A 1 71  ? -1.223  -7.398  2.619   1.00 13.33 ? 1362 ASP A CA  1 
ATOM   406  C C   . ASP A 1 71  ? -2.329  -6.373  2.354   1.00 12.92 ? 1362 ASP A C   1 
ATOM   407  O O   . ASP A 1 71  ? -2.686  -5.575  3.262   1.00 13.36 ? 1362 ASP A O   1 
ATOM   408  C CB  . ASP A 1 71  ? -1.755  -8.811  2.824   1.00 14.68 ? 1362 ASP A CB  1 
ATOM   409  C CG  . ASP A 1 71  ? -2.843  -8.813  3.867   1.00 16.49 ? 1362 ASP A CG  1 
ATOM   410  O OD1 . ASP A 1 71  ? -2.475  -8.897  5.056   1.00 17.55 ? 1362 ASP A OD1 1 
ATOM   411  O OD2 . ASP A 1 71  ? -4.007  -8.577  3.483   1.00 17.10 ? 1362 ASP A OD2 1 
ATOM   412  N N   . PHE A 1 72  ? -2.899  -6.353  1.150   1.00 12.87 ? 1363 PHE A N   1 
ATOM   413  C CA  . PHE A 1 72  ? -3.876  -5.295  0.783   1.00 12.74 ? 1363 PHE A CA  1 
ATOM   414  C C   . PHE A 1 72  ? -5.208  -5.430  1.508   1.00 13.62 ? 1363 PHE A C   1 
ATOM   415  O O   . PHE A 1 72  ? -5.866  -4.413  1.694   1.00 14.06 ? 1363 PHE A O   1 
ATOM   416  C CB  . PHE A 1 72  ? -4.055  -5.207  -0.741  1.00 12.48 ? 1363 PHE A CB  1 
ATOM   417  C CG  . PHE A 1 72  ? -2.880  -4.536  -1.413  1.00 12.02 ? 1363 PHE A CG  1 
ATOM   418  C CD1 . PHE A 1 72  ? -2.725  -3.175  -1.356  1.00 12.28 ? 1363 PHE A CD1 1 
ATOM   419  C CD2 . PHE A 1 72  ? -1.976  -5.241  -2.175  1.00 13.06 ? 1363 PHE A CD2 1 
ATOM   420  C CE1 . PHE A 1 72  ? -1.641  -2.557  -1.941  1.00 13.14 ? 1363 PHE A CE1 1 
ATOM   421  C CE2 . PHE A 1 72  ? -0.912  -4.625  -2.803  1.00 12.58 ? 1363 PHE A CE2 1 
ATOM   422  C CZ  . PHE A 1 72  ? -0.718  -3.285  -2.648  1.00 12.11 ? 1363 PHE A CZ  1 
ATOM   423  N N   . ALA A 1 73  ? -5.639  -6.648  1.839   1.00 12.95 ? 1364 ALA A N   1 
ATOM   424  C CA  . ALA A 1 73  ? -6.873  -6.805  2.634   1.00 13.99 ? 1364 ALA A CA  1 
ATOM   425  C C   . ALA A 1 73  ? -6.706  -6.192  4.024   1.00 14.16 ? 1364 ALA A C   1 
ATOM   426  O O   . ALA A 1 73  ? -7.610  -5.469  4.492   1.00 14.78 ? 1364 ALA A O   1 
ATOM   427  C CB  . ALA A 1 73  ? -7.304  -8.249  2.718   1.00 14.49 ? 1364 ALA A CB  1 
ATOM   428  N N   . THR A 1 74  ? -5.550  -6.366  4.631   1.00 13.42 ? 1365 THR A N   1 
ATOM   429  C CA  . THR A 1 74  ? -5.267  -5.738  5.954   1.00 13.25 ? 1365 THR A CA  1 
ATOM   430  C C   . THR A 1 74  ? -5.285  -4.207  5.810   1.00 12.23 ? 1365 THR A C   1 
ATOM   431  O O   . THR A 1 74  ? -5.888  -3.516  6.643   1.00 13.10 ? 1365 THR A O   1 
ATOM   432  C CB  . THR A 1 74  ? -3.971  -6.216  6.552   1.00 14.31 ? 1365 THR A CB  1 
ATOM   433  O OG1 . THR A 1 74  ? -4.087  -7.647  6.741   1.00 16.39 ? 1365 THR A OG1 1 
ATOM   434  C CG2 . THR A 1 74  ? -3.596  -5.507  7.837   1.00 13.86 ? 1365 THR A CG2 1 
ATOM   435  N N   . VAL A 1 75  ? -4.649  -3.685  4.755   1.00 12.07 ? 1366 VAL A N   1 
ATOM   436  C CA  . VAL A 1 75  ? -4.674  -2.203  4.547   1.00 11.82 ? 1366 VAL A CA  1 
ATOM   437  C C   . VAL A 1 75  ? -6.118  -1.705  4.388   1.00 12.35 ? 1366 VAL A C   1 
ATOM   438  O O   . VAL A 1 75  ? -6.514  -0.688  5.007   1.00 12.48 ? 1366 VAL A O   1 
ATOM   439  C CB  . VAL A 1 75  ? -3.782  -1.813  3.361   1.00 12.55 ? 1366 VAL A CB  1 
ATOM   440  C CG1 . VAL A 1 75  ? -3.955  -0.342  3.063   1.00 12.75 ? 1366 VAL A CG1 1 
ATOM   441  C CG2 . VAL A 1 75  ? -2.345  -2.185  3.588   1.00 13.04 ? 1366 VAL A CG2 1 
ATOM   442  N N   . ARG A 1 76  ? -6.931  -2.347  3.546   1.00 11.69 ? 1367 ARG A N   1 
ATOM   443  C CA  . ARG A 1 76  ? -8.344  -1.933  3.322   1.00 13.38 ? 1367 ARG A CA  1 
ATOM   444  C C   . ARG A 1 76  ? -9.171  -2.014  4.617   1.00 13.73 ? 1367 ARG A C   1 
ATOM   445  O O   . ARG A 1 76  ? -9.944  -1.070  4.915   1.00 13.69 ? 1367 ARG A O   1 
ATOM   446  C CB  . ARG A 1 76  ? -8.968  -2.807  2.232   1.00 14.95 ? 1367 ARG A CB  1 
ATOM   447  C CG  . ARG A 1 76  ? -10.423 -2.508  1.938   1.00 20.20 ? 1367 ARG A CG  1 
ATOM   448  C CD  . ARG A 1 76  ? -10.826 -3.542  0.891   1.00 24.98 ? 1367 ARG A CD  1 
ATOM   449  N NE  . ARG A 1 76  ? -10.776 -3.005  -0.440  1.00 25.38 ? 1367 ARG A NE  1 
ATOM   450  C CZ  . ARG A 1 76  ? -10.958 -3.702  -1.569  1.00 27.01 ? 1367 ARG A CZ  1 
ATOM   451  N NH1 . ARG A 1 76  ? -11.022 -5.027  -1.562  1.00 27.94 ? 1367 ARG A NH1 1 
ATOM   452  N NH2 . ARG A 1 76  ? -11.026 -3.043  -2.702  1.00 28.52 ? 1367 ARG A NH2 1 
ATOM   453  N N   . GLU A 1 77  ? -8.970  -3.087  5.384   1.00 13.41 ? 1368 GLU A N   1 
ATOM   454  C CA  . GLU A 1 77  ? -9.697  -3.210  6.664   1.00 14.47 ? 1368 GLU A CA  1 
ATOM   455  C C   . GLU A 1 77  ? -9.280  -2.113  7.638   1.00 14.75 ? 1368 GLU A C   1 
ATOM   456  O O   . GLU A 1 77  ? -10.149 -1.601  8.369   1.00 14.47 ? 1368 GLU A O   1 
ATOM   457  C CB  . GLU A 1 77  ? -9.420  -4.607  7.204   1.00 17.80 ? 1368 GLU A CB  1 
ATOM   458  C CG  . GLU A 1 77  ? -10.127 -5.707  6.439   1.00 21.47 ? 1368 GLU A CG  1 
ATOM   459  C CD  . GLU A 1 77  ? -9.547  -7.117  6.556   1.00 30.87 ? 1368 GLU A CD  1 
ATOM   460  O OE1 . GLU A 1 77  ? -8.603  -7.335  7.365   1.00 34.05 ? 1368 GLU A OE1 1 
ATOM   461  O OE2 . GLU A 1 77  ? -10.071 -8.019  5.837   1.00 40.80 ? 1368 GLU A OE2 1 
ATOM   462  N N   . THR A 1 78  ? -7.999  -1.827  7.728   1.00 13.35 ? 1369 THR A N   1 
ATOM   463  C CA  . THR A 1 78  ? -7.500  -0.768  8.645   1.00 12.73 ? 1369 THR A CA  1 
ATOM   464  C C   . THR A 1 78  ? -8.130  0.575   8.247   1.00 13.72 ? 1369 THR A C   1 
ATOM   465  O O   . THR A 1 78  ? -8.589  1.376   9.144   1.00 13.43 ? 1369 THR A O   1 
ATOM   466  C CB  . THR A 1 78  ? -5.961  -0.718  8.628   1.00 13.53 ? 1369 THR A CB  1 
ATOM   467  O OG1 . THR A 1 78  ? -5.402  -1.981  9.002   1.00 14.02 ? 1369 THR A OG1 1 
ATOM   468  C CG2 . THR A 1 78  ? -5.353  0.323   9.544   1.00 13.88 ? 1369 THR A CG2 1 
ATOM   469  N N   . LEU A 1 79  ? -8.135  0.884   6.933   1.00 12.45 ? 1370 LEU A N   1 
ATOM   470  C CA  . LEU A 1 79  ? -8.756  2.136   6.439   1.00 12.47 ? 1370 LEU A CA  1 
ATOM   471  C C   . LEU A 1 79  ? -10.246 2.161   6.815   1.00 12.53 ? 1370 LEU A C   1 
ATOM   472  O O   . LEU A 1 79  ? -10.729 3.207   7.377   1.00 13.06 ? 1370 LEU A O   1 
ATOM   473  C CB  . LEU A 1 79  ? -8.527  2.188   4.918   1.00 12.32 ? 1370 LEU A CB  1 
ATOM   474  C CG  . LEU A 1 79  ? -9.019  3.470   4.237   1.00 12.61 ? 1370 LEU A CG  1 
ATOM   475  C CD1 . LEU A 1 79  ? -8.198  4.662   4.733   1.00 12.99 ? 1370 LEU A CD1 1 
ATOM   476  C CD2 . LEU A 1 79  ? -8.920  3.356   2.713   1.00 14.55 ? 1370 LEU A CD2 1 
ATOM   477  N N   . GLU A 1 80  ? -10.996 1.086   6.520   1.00 13.66 ? 1371 GLU A N   1 
ATOM   478  C CA  . GLU A 1 80  ? -12.467 1.040   6.720   1.00 15.58 ? 1371 GLU A CA  1 
ATOM   479  C C   . GLU A 1 80  ? -12.811 1.049   8.220   1.00 14.11 ? 1371 GLU A C   1 
ATOM   480  O O   . GLU A 1 80  ? -13.898 1.557   8.547   1.00 16.77 ? 1371 GLU A O   1 
ATOM   481  C CB  . GLU A 1 80  ? -13.035 -0.137  5.934   1.00 16.07 ? 1371 GLU A CB  1 
ATOM   482  C CG  . GLU A 1 80  ? -12.874 0.045   4.408   1.00 22.22 ? 1371 GLU A CG  1 
ATOM   483  C CD  . GLU A 1 80  ? -13.397 1.403   3.891   1.00 30.53 ? 1371 GLU A CD  1 
ATOM   484  O OE1 . GLU A 1 80  ? -14.629 1.450   3.627   1.00 40.56 ? 1371 GLU A OE1 1 
ATOM   485  O OE2 . GLU A 1 80  ? -12.629 2.466   3.854   1.00 23.94 ? 1371 GLU A OE2 1 
ATOM   486  N N   . ALA A 1 81  ? -11.942 0.571   9.089   1.00 14.37 ? 1372 ALA A N   1 
ATOM   487  C CA  . ALA A 1 81  ? -12.114 0.635   10.568  1.00 15.07 ? 1372 ALA A CA  1 
ATOM   488  C C   . ALA A 1 81  ? -11.908 2.052   11.094  1.00 15.65 ? 1372 ALA A C   1 
ATOM   489  O O   . ALA A 1 81  ? -12.148 2.319   12.291  1.00 16.17 ? 1372 ALA A O   1 
ATOM   490  C CB  . ALA A 1 81  ? -11.167 -0.297  11.265  1.00 16.53 ? 1372 ALA A CB  1 
ATOM   491  N N   . GLY A 1 82  ? -11.360 2.971   10.285  1.00 14.00 ? 1373 GLY A N   1 
ATOM   492  C CA  . GLY A 1 82  ? -10.997 4.293   10.798  1.00 13.08 ? 1373 GLY A CA  1 
ATOM   493  C C   . GLY A 1 82  ? -9.764  4.247   11.632  1.00 13.58 ? 1373 GLY A C   1 
ATOM   494  O O   . GLY A 1 82  ? -9.676  4.977   12.624  1.00 14.32 ? 1373 GLY A O   1 
ATOM   495  N N   . ASN A 1 83  ? -8.779  3.399   11.300  1.00 12.68 ? 1374 ASN A N   1 
ATOM   496  C CA  . ASN A 1 83  ? -7.544  3.243   12.084  1.00 13.14 ? 1374 ASN A CA  1 
ATOM   497  C C   . ASN A 1 83  ? -6.302  3.774   11.346  1.00 12.18 ? 1374 ASN A C   1 
ATOM   498  O O   . ASN A 1 83  ? -5.174  3.571   11.798  1.00 13.82 ? 1374 ASN A O   1 
ATOM   499  C CB  . ASN A 1 83  ? -7.382  1.787   12.484  1.00 14.14 ? 1374 ASN A CB  1 
ATOM   500  C CG  . ASN A 1 83  ? -8.340  1.314   13.572  1.00 16.36 ? 1374 ASN A CG  1 
ATOM   501  O OD1 . ASN A 1 83  ? -8.291  0.114   13.887  1.00 19.42 ? 1374 ASN A OD1 1 
ATOM   502  N ND2 . ASN A 1 83  ? -9.233  2.139   14.110  1.00 15.20 ? 1374 ASN A ND2 1 
ATOM   503  N N   . TYR A 1 84  ? -6.504  4.498   10.227  1.00 13.57 ? 1375 TYR A N   1 
ATOM   504  C CA  . TYR A 1 84  ? -5.449  5.386   9.682   1.00 13.00 ? 1375 TYR A CA  1 
ATOM   505  C C   . TYR A 1 84  ? -5.846  6.846   9.985   1.00 12.96 ? 1375 TYR A C   1 
ATOM   506  O O   . TYR A 1 84  ? -6.993  7.212   9.700   1.00 13.76 ? 1375 TYR A O   1 
ATOM   507  C CB  . TYR A 1 84  ? -5.271  5.200   8.164   1.00 13.04 ? 1375 TYR A CB  1 
ATOM   508  C CG  . TYR A 1 84  ? -4.630  3.909   7.731   1.00 11.81 ? 1375 TYR A CG  1 
ATOM   509  C CD1 . TYR A 1 84  ? -3.429  3.473   8.290   1.00 11.82 ? 1375 TYR A CD1 1 
ATOM   510  C CD2 . TYR A 1 84  ? -5.225  3.083   6.806   1.00 12.01 ? 1375 TYR A CD2 1 
ATOM   511  C CE1 . TYR A 1 84  ? -2.816  2.304   7.883   1.00 11.18 ? 1375 TYR A CE1 1 
ATOM   512  C CE2 . TYR A 1 84  ? -4.647  1.898   6.403   1.00 11.43 ? 1375 TYR A CE2 1 
ATOM   513  C CZ  . TYR A 1 84  ? -3.426  1.514   6.932   1.00 11.54 ? 1375 TYR A CZ  1 
ATOM   514  O OH  . TYR A 1 84  ? -2.901  0.318   6.526   1.00 12.94 ? 1375 TYR A OH  1 
ATOM   515  N N   . GLU A 1 85  ? -4.885  7.634   10.502  1.00 14.09 ? 1376 GLU A N   1 
ATOM   516  C CA  . GLU A 1 85  ? -5.088  9.110   10.701  1.00 14.66 ? 1376 GLU A CA  1 
ATOM   517  C C   . GLU A 1 85  ? -4.759  9.892   9.411   1.00 15.28 ? 1376 GLU A C   1 
ATOM   518  O O   . GLU A 1 85  ? -5.310  11.005  9.212   1.00 19.46 ? 1376 GLU A O   1 
ATOM   519  C CB  . GLU A 1 85  ? -4.250  9.613   11.872  1.00 16.97 ? 1376 GLU A CB  1 
ATOM   520  C CG  . GLU A 1 85  ? -4.581  11.057  12.139  1.00 23.60 ? 1376 GLU A CG  1 
ATOM   521  C CD  . GLU A 1 85  ? -3.939  11.611  13.384  1.00 26.05 ? 1376 GLU A CD  1 
ATOM   522  O OE1 . GLU A 1 85  ? -3.043  10.927  13.924  1.00 32.59 ? 1376 GLU A OE1 1 
ATOM   523  O OE2 . GLU A 1 85  ? -4.412  12.717  13.841  1.00 31.63 ? 1376 GLU A OE2 1 
ATOM   524  N N   . SER A 1 86  ? -3.928  9.361   8.514   1.00 13.67 ? 1377 SER A N   1 
ATOM   525  C CA  . SER A 1 86  ? -3.382  10.146  7.388   1.00 14.20 ? 1377 SER A CA  1 
ATOM   526  C C   . SER A 1 86  ? -3.079  9.187   6.262   1.00 13.69 ? 1377 SER A C   1 
ATOM   527  O O   . SER A 1 86  ? -2.865  7.993   6.481   1.00 13.16 ? 1377 SER A O   1 
ATOM   528  C CB  . SER A 1 86  ? -2.141  10.875  7.769   1.00 14.00 ? 1377 SER A CB  1 
ATOM   529  O OG  . SER A 1 86  ? -1.051  9.981   7.960   1.00 15.12 ? 1377 SER A OG  1 
ATOM   530  N N   . PRO A 1 87  ? -2.986  9.692   5.014   1.00 13.80 ? 1378 PRO A N   1 
ATOM   531  C CA  . PRO A 1 87  ? -2.577  8.828   3.905   1.00 12.89 ? 1378 PRO A CA  1 
ATOM   532  C C   . PRO A 1 87  ? -1.094  8.446   3.989   1.00 12.40 ? 1378 PRO A C   1 
ATOM   533  O O   . PRO A 1 87  ? -0.754  7.423   3.433   1.00 12.04 ? 1378 PRO A O   1 
ATOM   534  C CB  . PRO A 1 87  ? -2.798  9.690   2.642   1.00 12.95 ? 1378 PRO A CB  1 
ATOM   535  C CG  . PRO A 1 87  ? -2.744  11.132  3.156   1.00 12.52 ? 1378 PRO A CG  1 
ATOM   536  C CD  . PRO A 1 87  ? -3.390  11.045  4.536   1.00 13.24 ? 1378 PRO A CD  1 
ATOM   537  N N   . MET A 1 88  ? -0.267  9.178   4.753   1.00 11.26 ? 1379 MET A N   1 
ATOM   538  C CA  . MET A 1 88  ? 1.135   8.767   4.985   1.00 12.46 ? 1379 MET A CA  1 
ATOM   539  C C   . MET A 1 88  ? 1.190   7.409   5.685   1.00 10.91 ? 1379 MET A C   1 
ATOM   540  O O   . MET A 1 88  ? 2.035   6.583   5.412   1.00 12.06 ? 1379 MET A O   1 
ATOM   541  C CB  . MET A 1 88  ? 1.918   9.820   5.765   1.00 13.16 ? 1379 MET A CB  1 
ATOM   542  C CG  . MET A 1 88  ? 2.005   11.135  4.990   1.00 14.62 ? 1379 MET A CG  1 
ATOM   543  S SD  . MET A 1 88  ? 0.629   12.301  5.152   1.00 15.06 ? 1379 MET A SD  1 
ATOM   544  C CE  . MET A 1 88  ? 0.992   12.942  6.781   1.00 17.41 ? 1379 MET A CE  1 
ATOM   545  N N   . GLU A 1 89  ? 0.303   7.201   6.673   1.00 12.21 ? 1380 GLU A N   1 
ATOM   546  C CA  . GLU A 1 89  ? 0.304   5.926   7.404   1.00 12.06 ? 1380 GLU A CA  1 
ATOM   547  C C   . GLU A 1 89  ? -0.099  4.787   6.463   1.00 12.11 ? 1380 GLU A C   1 
ATOM   548  O O   . GLU A 1 89  ? 0.477   3.685   6.542   1.00 12.14 ? 1380 GLU A O   1 
ATOM   549  C CB  . GLU A 1 89  ? -0.652  5.972   8.597   1.00 13.22 ? 1380 GLU A CB  1 
ATOM   550  C CG  . GLU A 1 89  ? -0.266  6.929   9.706   1.00 13.75 ? 1380 GLU A CG  1 
ATOM   551  C CD  . GLU A 1 89  ? -1.293  6.932   10.829  1.00 15.18 ? 1380 GLU A CD  1 
ATOM   552  O OE1 . GLU A 1 89  ? -2.388  6.428   10.645  1.00 15.36 ? 1380 GLU A OE1 1 
ATOM   553  O OE2 . GLU A 1 89  ? -0.959  7.567   11.902  1.00 20.70 ? 1380 GLU A OE2 1 
ATOM   554  N N   . LEU A 1 90  ? -1.118  4.991   5.637   1.00 11.57 ? 1381 LEU A N   1 
ATOM   555  C CA  . LEU A 1 90  ? -1.549  3.956   4.658   1.00 11.72 ? 1381 LEU A CA  1 
ATOM   556  C C   . LEU A 1 90  ? -0.381  3.650   3.694   1.00 12.14 ? 1381 LEU A C   1 
ATOM   557  O O   . LEU A 1 90  ? -0.084  2.474   3.410   1.00 11.98 ? 1381 LEU A O   1 
ATOM   558  C CB  . LEU A 1 90  ? -2.797  4.429   3.897   1.00 12.10 ? 1381 LEU A CB  1 
ATOM   559  C CG  . LEU A 1 90  ? -3.333  3.474   2.810   1.00 12.04 ? 1381 LEU A CG  1 
ATOM   560  C CD1 . LEU A 1 90  ? -4.850  3.472   2.723   1.00 12.25 ? 1381 LEU A CD1 1 
ATOM   561  C CD2 . LEU A 1 90  ? -2.713  3.781   1.444   1.00 12.92 ? 1381 LEU A CD2 1 
ATOM   562  N N   A CYS A 1 91  ? 0.317   4.703   3.256   0.35 12.16 ? 1382 CYS A N   1 
ATOM   563  N N   B CYS A 1 91  ? 0.318   4.679   3.216   0.15 12.34 ? 1382 CYS A N   1 
ATOM   564  C CA  A CYS A 1 91  ? 1.445   4.591   2.299   0.35 12.62 ? 1382 CYS A CA  1 
ATOM   565  C CA  B CYS A 1 91  ? 1.493   4.495   2.324   0.15 12.51 ? 1382 CYS A CA  1 
ATOM   566  C C   A CYS A 1 91  ? 2.562   3.744   2.941   0.35 12.09 ? 1382 CYS A C   1 
ATOM   567  C C   B CYS A 1 91  ? 2.540   3.623   2.986   0.15 12.41 ? 1382 CYS A C   1 
ATOM   568  O O   A CYS A 1 91  ? 3.152   2.905   2.236   0.35 13.97 ? 1382 CYS A O   1 
ATOM   569  O O   B CYS A 1 91  ? 3.094   2.723   2.319   0.15 13.50 ? 1382 CYS A O   1 
ATOM   570  C CB  A CYS A 1 91  ? 1.897   5.996   1.894   0.35 13.32 ? 1382 CYS A CB  1 
ATOM   571  C CB  B CYS A 1 91  ? 2.206   5.800   2.053   0.15 12.77 ? 1382 CYS A CB  1 
ATOM   572  S SG  A CYS A 1 91  ? 3.070   6.001   0.515   0.35 13.76 ? 1382 CYS A SG  1 
ATOM   573  S SG  B CYS A 1 91  ? 1.318   6.696   0.778   0.15 12.69 ? 1382 CYS A SG  1 
ATOM   574  N N   . LYS A 1 92  ? 2.841   3.945   4.241   1.00 12.79 ? 1383 LYS A N   1 
ATOM   575  C CA  . LYS A 1 92  ? 3.894   3.191   4.925   1.00 13.70 ? 1383 LYS A CA  1 
ATOM   576  C C   . LYS A 1 92  ? 3.522   1.695   4.893   1.00 13.17 ? 1383 LYS A C   1 
ATOM   577  O O   . LYS A 1 92  ? 4.402   0.845   4.645   1.00 14.02 ? 1383 LYS A O   1 
ATOM   578  C CB  . LYS A 1 92  ? 4.030   3.748   6.334   1.00 15.87 ? 1383 LYS A CB  1 
ATOM   579  C CG  . LYS A 1 92  ? 5.047   3.043   7.194   1.00 18.61 ? 1383 LYS A CG  1 
ATOM   580  C CD  . LYS A 1 92  ? 5.306   3.760   8.501   1.00 22.44 ? 1383 LYS A CD  1 
ATOM   581  C CE  . LYS A 1 92  ? 6.132   2.898   9.431   1.00 29.91 ? 1383 LYS A CE  1 
ATOM   582  N NZ  . LYS A 1 92  ? 6.360   3.521   10.763  1.00 33.99 ? 1383 LYS A NZ  1 
ATOM   583  N N   . ASP A 1 93  ? 2.273   1.341   5.188   1.00 11.68 ? 1384 ASP A N   1 
ATOM   584  C CA  . ASP A 1 93  ? 1.861   -0.088  5.159   1.00 12.48 ? 1384 ASP A CA  1 
ATOM   585  C C   . ASP A 1 93  ? 1.929   -0.672  3.745   1.00 11.78 ? 1384 ASP A C   1 
ATOM   586  O O   . ASP A 1 93  ? 2.353   -1.805  3.569   1.00 11.35 ? 1384 ASP A O   1 
ATOM   587  C CB  . ASP A 1 93  ? 0.497   -0.293  5.804   1.00 12.59 ? 1384 ASP A CB  1 
ATOM   588  C CG  . ASP A 1 93  ? 0.456   -0.254  7.322   1.00 14.97 ? 1384 ASP A CG  1 
ATOM   589  O OD1 . ASP A 1 93  ? 1.566   -0.273  7.915   1.00 18.61 ? 1384 ASP A OD1 1 
ATOM   590  O OD2 . ASP A 1 93  ? -0.692  -0.233  7.891   1.00 15.07 ? 1384 ASP A OD2 1 
ATOM   591  N N   . VAL A 1 94  ? 1.486   0.086   2.725   1.00 11.57 ? 1385 VAL A N   1 
ATOM   592  C CA  . VAL A 1 94  ? 1.562   -0.441  1.333   1.00 11.36 ? 1385 VAL A CA  1 
ATOM   593  C C   . VAL A 1 94  ? 3.034   -0.639  0.965   1.00 11.55 ? 1385 VAL A C   1 
ATOM   594  O O   . VAL A 1 94  ? 3.394   -1.655  0.386   1.00 12.33 ? 1385 VAL A O   1 
ATOM   595  C CB  . VAL A 1 94  ? 0.829   0.489   0.358   1.00 11.53 ? 1385 VAL A CB  1 
ATOM   596  C CG1 . VAL A 1 94  ? 1.129   0.112   -1.055  1.00 11.88 ? 1385 VAL A CG1 1 
ATOM   597  C CG2 . VAL A 1 94  ? -0.668  0.468   0.587   1.00 11.63 ? 1385 VAL A CG2 1 
ATOM   598  N N   . ARG A 1 95  ? 3.917   0.301   1.304   1.00 11.64 ? 1386 ARG A N   1 
ATOM   599  C CA  . ARG A 1 95  ? 5.353   0.150   0.986   1.00 11.54 ? 1386 ARG A CA  1 
ATOM   600  C C   . ARG A 1 95  ? 5.917   -1.076  1.702   1.00 12.41 ? 1386 ARG A C   1 
ATOM   601  O O   . ARG A 1 95  ? 6.834   -1.712  1.139   1.00 12.24 ? 1386 ARG A O   1 
ATOM   602  C CB  . ARG A 1 95  ? 6.086   1.465   1.272   1.00 12.19 ? 1386 ARG A CB  1 
ATOM   603  C CG  . ARG A 1 95  ? 5.781   2.518   0.224   1.00 12.71 ? 1386 ARG A CG  1 
ATOM   604  C CD  . ARG A 1 95  ? 6.319   3.877   0.640   1.00 15.27 ? 1386 ARG A CD  1 
ATOM   605  N NE  . ARG A 1 95  ? 6.046   4.900   -0.364  1.00 15.49 ? 1386 ARG A NE  1 
ATOM   606  C CZ  . ARG A 1 95  ? 6.344   6.198   -0.226  1.00 18.42 ? 1386 ARG A CZ  1 
ATOM   607  N NH1 . ARG A 1 95  ? 6.841   6.676   0.915   1.00 20.05 ? 1386 ARG A NH1 1 
ATOM   608  N NH2 . ARG A 1 95  ? 6.081   7.034   -1.221  1.00 20.34 ? 1386 ARG A NH2 1 
ATOM   609  N N   . LEU A 1 96  ? 5.403   -1.416  2.893   1.00 12.02 ? 1387 LEU A N   1 
ATOM   610  C CA  . LEU A 1 96  ? 5.867   -2.624  3.626   1.00 12.29 ? 1387 LEU A CA  1 
ATOM   611  C C   . LEU A 1 96  ? 5.487   -3.891  2.846   1.00 11.96 ? 1387 LEU A C   1 
ATOM   612  O O   . LEU A 1 96  ? 6.272   -4.857  2.851   1.00 12.81 ? 1387 LEU A O   1 
ATOM   613  C CB  . LEU A 1 96  ? 5.224   -2.636  5.005   1.00 13.70 ? 1387 LEU A CB  1 
ATOM   614  C CG  . LEU A 1 96  ? 5.559   -3.794  5.932   1.00 14.44 ? 1387 LEU A CG  1 
ATOM   615  C CD1 . LEU A 1 96  ? 7.029   -3.907  6.205   1.00 15.48 ? 1387 LEU A CD1 1 
ATOM   616  C CD2 . LEU A 1 96  ? 4.790   -3.623  7.231   1.00 14.43 ? 1387 LEU A CD2 1 
ATOM   617  N N   . ILE A 1 97  ? 4.334   -3.921  2.179   1.00 12.15 ? 1388 ILE A N   1 
ATOM   618  C CA  . ILE A 1 97  ? 3.976   -5.085  1.304   1.00 11.47 ? 1388 ILE A CA  1 
ATOM   619  C C   . ILE A 1 97  ? 5.129   -5.287  0.306   1.00 12.08 ? 1388 ILE A C   1 
ATOM   620  O O   . ILE A 1 97  ? 5.618   -6.412  0.084   1.00 12.66 ? 1388 ILE A O   1 
ATOM   621  C CB  . ILE A 1 97  ? 2.645   -4.871  0.566   1.00 12.01 ? 1388 ILE A CB  1 
ATOM   622  C CG1 . ILE A 1 97  ? 1.497   -4.754  1.557   1.00 11.54 ? 1388 ILE A CG1 1 
ATOM   623  C CG2 . ILE A 1 97  ? 2.395   -5.980  -0.448  1.00 12.77 ? 1388 ILE A CG2 1 
ATOM   624  C CD1 . ILE A 1 97  ? 0.189   -4.232  0.988   1.00 11.85 ? 1388 ILE A CD1 1 
ATOM   625  N N   . PHE A 1 98  ? 5.581   -4.213  -0.306  1.00 11.47 ? 1389 PHE A N   1 
ATOM   626  C CA  . PHE A 1 98  ? 6.588   -4.290  -1.379  1.00 12.49 ? 1389 PHE A CA  1 
ATOM   627  C C   . PHE A 1 98  ? 7.968   -4.584  -0.783  1.00 11.90 ? 1389 PHE A C   1 
ATOM   628  O O   . PHE A 1 98  ? 8.701   -5.394  -1.356  1.00 12.59 ? 1389 PHE A O   1 
ATOM   629  C CB  . PHE A 1 98  ? 6.561   -3.046  -2.280  1.00 12.90 ? 1389 PHE A CB  1 
ATOM   630  C CG  . PHE A 1 98  ? 5.215   -2.789  -2.919  1.00 12.06 ? 1389 PHE A CG  1 
ATOM   631  C CD1 . PHE A 1 98  ? 4.514   -3.790  -3.575  1.00 14.69 ? 1389 PHE A CD1 1 
ATOM   632  C CD2 . PHE A 1 98  ? 4.642   -1.519  -2.884  1.00 13.83 ? 1389 PHE A CD2 1 
ATOM   633  C CE1 . PHE A 1 98  ? 3.287   -3.526  -4.196  1.00 15.38 ? 1389 PHE A CE1 1 
ATOM   634  C CE2 . PHE A 1 98  ? 3.404   -1.291  -3.493  1.00 13.26 ? 1389 PHE A CE2 1 
ATOM   635  C CZ  . PHE A 1 98  ? 2.769   -2.284  -4.162  1.00 14.85 ? 1389 PHE A CZ  1 
ATOM   636  N N   . SER A 1 99  ? 8.337   -3.975  0.344   1.00 11.93 ? 1390 SER A N   1 
ATOM   637  C CA  . SER A 1 99  ? 9.673   -4.312  0.930   1.00 13.20 ? 1390 SER A CA  1 
ATOM   638  C C   . SER A 1 99  ? 9.677   -5.763  1.401   1.00 13.29 ? 1390 SER A C   1 
ATOM   639  O O   . SER A 1 99  ? 10.757  -6.416  1.304   1.00 13.56 ? 1390 SER A O   1 
ATOM   640  C CB  . SER A 1 99  ? 10.030  -3.310  1.999   1.00 14.29 ? 1390 SER A CB  1 
ATOM   641  O OG  . SER A 1 99  ? 9.149   -3.312  3.069   1.00 15.89 ? 1390 SER A OG  1 
ATOM   642  N N   . ASN A 1 100 ? 8.575   -6.280  1.917   1.00 13.02 ? 1391 ASN A N   1 
ATOM   643  C CA  . ASN A 1 100 ? 8.536   -7.692  2.333   1.00 13.42 ? 1391 ASN A CA  1 
ATOM   644  C C   . ASN A 1 100 ? 8.800   -8.590  1.121   1.00 13.41 ? 1391 ASN A C   1 
ATOM   645  O O   . ASN A 1 100 ? 9.597   -9.554  1.212   1.00 14.17 ? 1391 ASN A O   1 
ATOM   646  C CB  . ASN A 1 100 ? 7.244   -8.053  3.008   1.00 13.37 ? 1391 ASN A CB  1 
ATOM   647  C CG  . ASN A 1 100 ? 7.081   -7.494  4.406   1.00 13.21 ? 1391 ASN A CG  1 
ATOM   648  O OD1 . ASN A 1 100 ? 8.046   -7.050  5.032   1.00 15.05 ? 1391 ASN A OD1 1 
ATOM   649  N ND2 . ASN A 1 100 ? 5.882   -7.604  4.915   1.00 13.96 ? 1391 ASN A ND2 1 
ATOM   650  N N   . SER A 1 101 ? 8.217   -8.277  -0.035  1.00 13.52 ? 1392 SER A N   1 
ATOM   651  C CA  . SER A 1 101 ? 8.422   -9.082  -1.269  1.00 14.02 ? 1392 SER A CA  1 
ATOM   652  C C   . SER A 1 101 ? 9.893   -8.998  -1.715  1.00 13.86 ? 1392 SER A C   1 
ATOM   653  O O   . SER A 1 101 ? 10.482  -10.025 -2.134  1.00 12.52 ? 1392 SER A O   1 
ATOM   654  C CB  . SER A 1 101 ? 7.476   -8.632  -2.350  1.00 13.41 ? 1392 SER A CB  1 
ATOM   655  O OG  . SER A 1 101 ? 7.364   -9.618  -3.371  1.00 13.37 ? 1392 SER A OG  1 
ATOM   656  N N   . LYS A 1 102 ? 10.497  -7.817  -1.644  1.00 14.44 ? 1393 LYS A N   1 
ATOM   657  C CA  . LYS A 1 102 ? 11.920  -7.610  -2.025  1.00 15.42 ? 1393 LYS A CA  1 
ATOM   658  C C   . LYS A 1 102 ? 12.859  -8.401  -1.105  1.00 15.76 ? 1393 LYS A C   1 
ATOM   659  O O   . LYS A 1 102 ? 13.932  -8.813  -1.579  1.00 14.73 ? 1393 LYS A O   1 
ATOM   660  C CB  . LYS A 1 102 ? 12.259  -6.125  -1.956  1.00 15.79 ? 1393 LYS A CB  1 
ATOM   661  C CG  . LYS A 1 102 ? 13.605  -5.748  -2.554  1.00 16.47 ? 1393 LYS A CG  1 
ATOM   662  C CD  . LYS A 1 102 ? 13.734  -4.280  -2.816  1.00 16.39 ? 1393 LYS A CD  1 
ATOM   663  C CE  . LYS A 1 102 ? 15.019  -3.903  -3.523  1.00 17.01 ? 1393 LYS A CE  1 
ATOM   664  N NZ  . LYS A 1 102 ? 15.156  -2.432  -3.637  1.00 17.96 ? 1393 LYS A NZ  1 
ATOM   665  N N   . ALA A 1 103 ? 12.469  -8.600  0.153   1.00 14.70 ? 1394 ALA A N   1 
ATOM   666  C CA  . ALA A 1 103 ? 13.299  -9.248  1.199   1.00 15.31 ? 1394 ALA A CA  1 
ATOM   667  C C   . ALA A 1 103 ? 13.008  -10.754 1.276   1.00 15.63 ? 1394 ALA A C   1 
ATOM   668  O O   . ALA A 1 103 ? 13.939  -11.533 1.620   1.00 14.66 ? 1394 ALA A O   1 
ATOM   669  C CB  . ALA A 1 103 ? 13.055  -8.574  2.526   1.00 14.64 ? 1394 ALA A CB  1 
ATOM   670  N N   . TYR A 1 104 ? 11.789  -11.204 0.981   1.00 15.44 ? 1395 TYR A N   1 
ATOM   671  C CA  . TYR A 1 104 ? 11.485  -12.657 1.011   1.00 16.19 ? 1395 TYR A CA  1 
ATOM   672  C C   . TYR A 1 104 ? 11.909  -13.331 -0.299  1.00 15.83 ? 1395 TYR A C   1 
ATOM   673  O O   . TYR A 1 104 ? 12.115  -14.558 -0.299  1.00 16.44 ? 1395 TYR A O   1 
ATOM   674  C CB  . TYR A 1 104 ? 10.015  -12.980 1.279   1.00 16.48 ? 1395 TYR A CB  1 
ATOM   675  C CG  . TYR A 1 104 ? 9.811   -14.474 1.308   1.00 16.62 ? 1395 TYR A CG  1 
ATOM   676  C CD1 . TYR A 1 104 ? 10.452  -15.234 2.270   1.00 16.66 ? 1395 TYR A CD1 1 
ATOM   677  C CD2 . TYR A 1 104 ? 9.081   -15.139 0.336   1.00 17.45 ? 1395 TYR A CD2 1 
ATOM   678  C CE1 . TYR A 1 104 ? 10.352  -16.616 2.291   1.00 16.71 ? 1395 TYR A CE1 1 
ATOM   679  C CE2 . TYR A 1 104 ? 8.955   -16.522 0.351   1.00 17.43 ? 1395 TYR A CE2 1 
ATOM   680  C CZ  . TYR A 1 104 ? 9.583   -17.261 1.342   1.00 16.51 ? 1395 TYR A CZ  1 
ATOM   681  O OH  . TYR A 1 104 ? 9.475   -18.624 1.369   1.00 15.93 ? 1395 TYR A OH  1 
ATOM   682  N N   . THR A 1 105 ? 12.015  -12.585 -1.400  1.00 16.59 ? 1396 THR A N   1 
ATOM   683  C CA  . THR A 1 105 ? 12.264  -13.187 -2.732  1.00 14.93 ? 1396 THR A CA  1 
ATOM   684  C C   . THR A 1 105 ? 13.627  -13.880 -2.737  1.00 16.34 ? 1396 THR A C   1 
ATOM   685  O O   . THR A 1 105 ? 14.625  -13.320 -2.284  1.00 16.14 ? 1396 THR A O   1 
ATOM   686  C CB  . THR A 1 105 ? 12.102  -12.188 -3.887  1.00 15.64 ? 1396 THR A CB  1 
ATOM   687  O OG1 . THR A 1 105 ? 12.079  -12.996 -5.061  1.00 14.90 ? 1396 THR A OG1 1 
ATOM   688  C CG2 . THR A 1 105 ? 13.193  -11.147 -3.992  1.00 15.64 ? 1396 THR A CG2 1 
ATOM   689  N N   . PRO A 1 106 ? 13.709  -15.120 -3.277  1.00 17.41 ? 1397 PRO A N   1 
ATOM   690  C CA  . PRO A 1 106 ? 14.997  -15.798 -3.410  1.00 17.75 ? 1397 PRO A CA  1 
ATOM   691  C C   . PRO A 1 106 ? 15.823  -15.293 -4.605  1.00 18.31 ? 1397 PRO A C   1 
ATOM   692  O O   . PRO A 1 106 ? 17.001  -15.633 -4.702  1.00 19.70 ? 1397 PRO A O   1 
ATOM   693  C CB  . PRO A 1 106 ? 14.609  -17.267 -3.609  1.00 18.30 ? 1397 PRO A CB  1 
ATOM   694  C CG  . PRO A 1 106 ? 13.220  -17.245 -4.210  1.00 17.91 ? 1397 PRO A CG  1 
ATOM   695  C CD  . PRO A 1 106 ? 12.584  -15.947 -3.751  1.00 17.36 ? 1397 PRO A CD  1 
ATOM   696  N N   . SER A 1 107 ? 15.195  -14.498 -5.481  1.00 19.49 ? 1398 SER A N   1 
ATOM   697  C CA  . SER A 1 107 ? 15.772  -13.995 -6.754  1.00 20.09 ? 1398 SER A CA  1 
ATOM   698  C C   . SER A 1 107 ? 15.072  -12.694 -7.168  1.00 20.13 ? 1398 SER A C   1 
ATOM   699  O O   . SER A 1 107 ? 13.835  -12.581 -7.002  1.00 21.32 ? 1398 SER A O   1 
ATOM   700  C CB  . SER A 1 107 ? 15.661  -15.059 -7.825  1.00 20.29 ? 1398 SER A CB  1 
ATOM   701  O OG  . SER A 1 107 ? 15.682  -14.497 -9.123  1.00 20.85 ? 1398 SER A OG  1 
ATOM   702  N N   . LYS A 1 108 ? 15.833  -11.737 -7.702  1.00 22.37 ? 1399 LYS A N   1 
ATOM   703  C CA  . LYS A 1 108 ? 15.278  -10.449 -8.191  1.00 23.28 ? 1399 LYS A CA  1 
ATOM   704  C C   . LYS A 1 108 ? 14.657  -10.651 -9.581  1.00 24.65 ? 1399 LYS A C   1 
ATOM   705  O O   . LYS A 1 108 ? 13.997  -9.699  -10.057 1.00 23.62 ? 1399 LYS A O   1 
ATOM   706  C CB  . LYS A 1 108 ? 16.347  -9.353  -8.119  1.00 24.20 ? 1399 LYS A CB  1 
ATOM   707  C CG  . LYS A 1 108 ? 16.605  -8.850  -6.702  1.00 24.44 ? 1399 LYS A CG  1 
ATOM   708  C CD  . LYS A 1 108 ? 17.559  -7.685  -6.591  1.00 25.65 ? 1399 LYS A CD  1 
ATOM   709  C CE  . LYS A 1 108 ? 17.586  -7.088  -5.198  1.00 27.24 ? 1399 LYS A CE  1 
ATOM   710  N NZ  . LYS A 1 108 ? 18.500  -5.926  -5.110  1.00 28.08 ? 1399 LYS A NZ  1 
ATOM   711  N N   . ARG A 1 109 ? 14.815  -11.841 -10.185 1.00 24.67 ? 1400 ARG A N   1 
ATOM   712  C CA  . ARG A 1 109 ? 14.186  -12.240 -11.478 1.00 27.49 ? 1400 ARG A CA  1 
ATOM   713  C C   . ARG A 1 109 ? 12.936  -13.091 -11.231 1.00 26.78 ? 1400 ARG A C   1 
ATOM   714  O O   . ARG A 1 109 ? 12.464  -13.732 -12.190 1.00 28.38 ? 1400 ARG A O   1 
ATOM   715  C CB  . ARG A 1 109 ? 15.164  -13.045 -12.342 1.00 30.39 ? 1400 ARG A CB  1 
ATOM   716  C CG  . ARG A 1 109 ? 16.362  -12.245 -12.834 1.00 32.87 ? 1400 ARG A CG  1 
ATOM   717  C CD  . ARG A 1 109 ? 17.299  -13.079 -13.692 1.00 34.89 ? 1400 ARG A CD  1 
ATOM   718  N NE  . ARG A 1 109 ? 16.644  -13.578 -14.897 1.00 36.43 ? 1400 ARG A NE  1 
ATOM   719  C CZ  . ARG A 1 109 ? 16.151  -14.808 -15.071 1.00 37.74 ? 1400 ARG A CZ  1 
ATOM   720  N NH1 . ARG A 1 109 ? 16.222  -15.720 -14.112 1.00 40.57 ? 1400 ARG A NH1 1 
ATOM   721  N NH2 . ARG A 1 109 ? 15.575  -15.122 -16.220 1.00 38.12 ? 1400 ARG A NH2 1 
ATOM   722  N N   . SER A 1 110 ? 12.412  -13.119 -10.006 1.00 24.03 ? 1401 SER A N   1 
ATOM   723  C CA  . SER A 1 110 ? 11.264  -13.996 -9.662  1.00 21.49 ? 1401 SER A CA  1 
ATOM   724  C C   . SER A 1 110 ? 9.958   -13.393 -10.197 1.00 19.28 ? 1401 SER A C   1 
ATOM   725  O O   . SER A 1 110 ? 9.845   -12.145 -10.330 1.00 17.12 ? 1401 SER A O   1 
ATOM   726  C CB  . SER A 1 110 ? 11.195  -14.279 -8.188  1.00 22.27 ? 1401 SER A CB  1 
ATOM   727  O OG  . SER A 1 110 ? 10.166  -13.535 -7.553  1.00 25.06 ? 1401 SER A OG  1 
ATOM   728  N N   . ARG A 1 111 ? 9.006   -14.265 -10.518 1.00 17.20 ? 1402 ARG A N   1 
ATOM   729  C CA  . ARG A 1 111 ? 7.672   -13.891 -11.043 1.00 17.60 ? 1402 ARG A CA  1 
ATOM   730  C C   . ARG A 1 111 ? 6.985   -12.970 -10.035 1.00 16.84 ? 1402 ARG A C   1 
ATOM   731  O O   . ARG A 1 111 ? 6.647   -11.836 -10.410 1.00 16.55 ? 1402 ARG A O   1 
ATOM   732  C CB  . ARG A 1 111 ? 6.833   -15.150 -11.291 1.00 17.74 ? 1402 ARG A CB  1 
ATOM   733  C CG  . ARG A 1 111 ? 5.343   -14.890 -11.460 1.00 18.11 ? 1402 ARG A CG  1 
ATOM   734  C CD  . ARG A 1 111 ? 5.060   -14.294 -12.821 1.00 18.78 ? 1402 ARG A CD  1 
ATOM   735  N NE  . ARG A 1 111 ? 3.702   -13.802 -13.014 1.00 20.12 ? 1402 ARG A NE  1 
ATOM   736  C CZ  . ARG A 1 111 ? 2.700   -14.478 -13.573 1.00 20.51 ? 1402 ARG A CZ  1 
ATOM   737  N NH1 . ARG A 1 111 ? 2.874   -15.707 -14.032 1.00 22.44 ? 1402 ARG A NH1 1 
ATOM   738  N NH2 . ARG A 1 111 ? 1.520   -13.901 -13.711 1.00 20.39 ? 1402 ARG A NH2 1 
ATOM   739  N N   . ILE A 1 112 ? 6.751   -13.465 -8.820  1.00 15.55 ? 1403 ILE A N   1 
ATOM   740  C CA  . ILE A 1 112 ? 5.959   -12.748 -7.770  1.00 15.80 ? 1403 ILE A CA  1 
ATOM   741  C C   . ILE A 1 112 ? 6.678   -11.441 -7.425  1.00 15.82 ? 1403 ILE A C   1 
ATOM   742  O O   . ILE A 1 112 ? 5.981   -10.426 -7.208  1.00 15.21 ? 1403 ILE A O   1 
ATOM   743  C CB  . ILE A 1 112 ? 5.691   -13.645 -6.542  1.00 15.75 ? 1403 ILE A CB  1 
ATOM   744  C CG1 . ILE A 1 112 ? 4.701   -14.760 -6.899  1.00 15.95 ? 1403 ILE A CG1 1 
ATOM   745  C CG2 . ILE A 1 112 ? 5.203   -12.839 -5.345  1.00 16.90 ? 1403 ILE A CG2 1 
ATOM   746  C CD1 . ILE A 1 112 ? 4.557   -15.848 -5.847  1.00 16.00 ? 1403 ILE A CD1 1 
ATOM   747  N N   . TYR A 1 113 ? 8.016   -11.416 -7.441  1.00 14.99 ? 1404 TYR A N   1 
ATOM   748  C CA  . TYR A 1 113 ? 8.784   -10.186 -7.126  1.00 15.18 ? 1404 TYR A CA  1 
ATOM   749  C C   . TYR A 1 113 ? 8.553   -9.157  -8.236  1.00 15.27 ? 1404 TYR A C   1 
ATOM   750  O O   . TYR A 1 113 ? 8.248   -7.990  -7.902  1.00 14.90 ? 1404 TYR A O   1 
ATOM   751  C CB  . TYR A 1 113 ? 10.273  -10.469 -6.939  1.00 15.81 ? 1404 TYR A CB  1 
ATOM   752  C CG  . TYR A 1 113 ? 11.081  -9.220  -6.704  1.00 16.02 ? 1404 TYR A CG  1 
ATOM   753  C CD1 . TYR A 1 113 ? 10.749  -8.342  -5.683  1.00 16.46 ? 1404 TYR A CD1 1 
ATOM   754  C CD2 . TYR A 1 113 ? 12.161  -8.899  -7.511  1.00 16.83 ? 1404 TYR A CD2 1 
ATOM   755  C CE1 . TYR A 1 113 ? 11.484  -7.185  -5.460  1.00 16.82 ? 1404 TYR A CE1 1 
ATOM   756  C CE2 . TYR A 1 113 ? 12.912  -7.759  -7.289  1.00 17.67 ? 1404 TYR A CE2 1 
ATOM   757  C CZ  . TYR A 1 113 ? 12.573  -6.896  -6.261  1.00 17.06 ? 1404 TYR A CZ  1 
ATOM   758  O OH  . TYR A 1 113 ? 13.311  -5.765  -6.058  1.00 17.49 ? 1404 TYR A OH  1 
ATOM   759  N N   A SER A 1 114 ? 8.674   -9.567  -9.505  0.25 15.23 ? 1405 SER A N   1 
ATOM   760  N N   B SER A 1 114 ? 8.686   -9.547  -9.507  0.24 14.98 ? 1405 SER A N   1 
ATOM   761  C CA  A SER A 1 114 ? 8.428   -8.702  -10.691 0.25 15.60 ? 1405 SER A CA  1 
ATOM   762  C CA  B SER A 1 114 ? 8.428   -8.670  -10.678 0.24 15.25 ? 1405 SER A CA  1 
ATOM   763  C C   A SER A 1 114 ? 6.997   -8.145  -10.663 0.25 14.52 ? 1405 SER A C   1 
ATOM   764  C C   B SER A 1 114 ? 6.993   -8.123  -10.642 0.24 14.30 ? 1405 SER A C   1 
ATOM   765  O O   A SER A 1 114 ? 6.785   -6.992  -11.102 0.25 13.53 ? 1405 SER A O   1 
ATOM   766  O O   B SER A 1 114 ? 6.772   -6.970  -11.077 0.24 13.33 ? 1405 SER A O   1 
ATOM   767  C CB  A SER A 1 114 ? 8.712   -9.422  -11.994 0.25 15.69 ? 1405 SER A CB  1 
ATOM   768  C CB  B SER A 1 114 ? 8.682   -9.380  -11.982 0.24 15.11 ? 1405 SER A CB  1 
ATOM   769  O OG  A SER A 1 114 ? 7.713   -10.393 -12.297 0.25 16.45 ? 1405 SER A OG  1 
ATOM   770  O OG  B SER A 1 114 ? 10.063  -9.641  -12.163 0.24 15.50 ? 1405 SER A OG  1 
ATOM   771  N N   . MET A 1 115 ? 6.030   -8.923  -10.189 1.00 13.68 ? 1406 MET A N   1 
ATOM   772  C CA  . MET A 1 115 ? 4.625   -8.463  -10.030 1.00 13.42 ? 1406 MET A CA  1 
ATOM   773  C C   . MET A 1 115 ? 4.610   -7.325  -8.994  1.00 12.99 ? 1406 MET A C   1 
ATOM   774  O O   . MET A 1 115 ? 3.907   -6.310  -9.205  1.00 12.66 ? 1406 MET A O   1 
ATOM   775  C CB  . MET A 1 115 ? 3.714   -9.611  -9.593  1.00 13.68 ? 1406 MET A CB  1 
ATOM   776  C CG  . MET A 1 115 ? 3.599   -10.704 -10.640 1.00 13.60 ? 1406 MET A CG  1 
ATOM   777  S SD  . MET A 1 115 ? 2.765   -12.184 -10.016 1.00 14.56 ? 1406 MET A SD  1 
ATOM   778  C CE  . MET A 1 115 ? 1.067   -11.647 -10.070 1.00 14.03 ? 1406 MET A CE  1 
ATOM   779  N N   . SER A 1 116 ? 5.387   -7.457  -7.914  1.00 12.75 ? 1407 SER A N   1 
ATOM   780  C CA  . SER A 1 116 ? 5.483   -6.409  -6.865  1.00 12.29 ? 1407 SER A CA  1 
ATOM   781  C C   . SER A 1 116 ? 6.047   -5.123  -7.456  1.00 12.54 ? 1407 SER A C   1 
ATOM   782  O O   . SER A 1 116 ? 5.586   -4.037  -7.103  1.00 13.42 ? 1407 SER A O   1 
ATOM   783  C CB  . SER A 1 116 ? 6.261   -6.867  -5.628  1.00 13.23 ? 1407 SER A CB  1 
ATOM   784  O OG  . SER A 1 116 ? 7.654   -6.680  -5.751  1.00 13.64 ? 1407 SER A OG  1 
ATOM   785  N N   . LEU A 1 117 ? 7.051   -5.210  -8.326  1.00 13.54 ? 1408 LEU A N   1 
ATOM   786  C CA  . LEU A 1 117 ? 7.689   -3.984  -8.838  1.00 13.37 ? 1408 LEU A CA  1 
ATOM   787  C C   . LEU A 1 117 ? 6.711   -3.221  -9.736  1.00 12.96 ? 1408 LEU A C   1 
ATOM   788  O O   . LEU A 1 117 ? 6.712   -1.973  -9.700  1.00 12.60 ? 1408 LEU A O   1 
ATOM   789  C CB  . LEU A 1 117 ? 8.979   -4.299  -9.579  1.00 15.13 ? 1408 LEU A CB  1 
ATOM   790  C CG  . LEU A 1 117 ? 10.130  -4.855  -8.730  1.00 15.93 ? 1408 LEU A CG  1 
ATOM   791  C CD1 . LEU A 1 117 ? 11.343  -5.075  -9.626  1.00 17.08 ? 1408 LEU A CD1 1 
ATOM   792  C CD2 . LEU A 1 117 ? 10.475  -3.929  -7.564  1.00 18.21 ? 1408 LEU A CD2 1 
ATOM   793  N N   . ARG A 1 118 ? 5.956   -3.931  -10.601 1.00 12.74 ? 1409 ARG A N   1 
ATOM   794  C CA  . ARG A 1 118 ? 4.992   -3.225  -11.471 1.00 12.46 ? 1409 ARG A CA  1 
ATOM   795  C C   . ARG A 1 118 ? 3.917   -2.601  -10.590 1.00 12.64 ? 1409 ARG A C   1 
ATOM   796  O O   . ARG A 1 118 ? 3.494   -1.426  -10.802 1.00 13.02 ? 1409 ARG A O   1 
ATOM   797  C CB  . ARG A 1 118 ? 4.376   -4.178  -12.501 1.00 13.02 ? 1409 ARG A CB  1 
ATOM   798  C CG  . ARG A 1 118 ? 5.358   -4.647  -13.581 1.00 12.99 ? 1409 ARG A CG  1 
ATOM   799  C CD  . ARG A 1 118 ? 4.639   -5.405  -14.704 1.00 14.39 ? 1409 ARG A CD  1 
ATOM   800  N NE  . ARG A 1 118 ? 4.035   -6.634  -14.273 1.00 14.01 ? 1409 ARG A NE  1 
ATOM   801  C CZ  . ARG A 1 118 ? 4.566   -7.838  -14.370 1.00 15.67 ? 1409 ARG A CZ  1 
ATOM   802  N NH1 . ARG A 1 118 ? 5.748   -8.005  -14.913 1.00 16.90 ? 1409 ARG A NH1 1 
ATOM   803  N NH2 . ARG A 1 118 ? 3.877   -8.885  -13.921 1.00 17.69 ? 1409 ARG A NH2 1 
ATOM   804  N N   . LEU A 1 119 ? 3.411   -3.340  -9.615  1.00 12.25 ? 1410 LEU A N   1 
ATOM   805  C CA  . LEU A 1 119 ? 2.318   -2.833  -8.778  1.00 12.37 ? 1410 LEU A CA  1 
ATOM   806  C C   . LEU A 1 119 ? 2.800   -1.645  -7.946  1.00 11.28 ? 1410 LEU A C   1 
ATOM   807  O O   . LEU A 1 119 ? 2.025   -0.645  -7.769  1.00 11.69 ? 1410 LEU A O   1 
ATOM   808  C CB  . LEU A 1 119 ? 1.772   -3.946  -7.901  1.00 13.53 ? 1410 LEU A CB  1 
ATOM   809  C CG  . LEU A 1 119 ? 0.432   -3.662  -7.226  1.00 14.50 ? 1410 LEU A CG  1 
ATOM   810  C CD1 . LEU A 1 119 ? -0.651  -3.587  -8.289  1.00 16.12 ? 1410 LEU A CD1 1 
ATOM   811  C CD2 . LEU A 1 119 ? 0.088   -4.775  -6.259  1.00 14.89 ? 1410 LEU A CD2 1 
ATOM   812  N N   . SER A 1 120 ? 4.046   -1.664  -7.477  1.00 11.29 ? 1411 SER A N   1 
ATOM   813  C CA  . SER A 1 120 ? 4.639   -0.538  -6.712  1.00 12.15 ? 1411 SER A CA  1 
ATOM   814  C C   . SER A 1 120 ? 4.667   0.700   -7.613  1.00 12.41 ? 1411 SER A C   1 
ATOM   815  O O   . SER A 1 120 ? 4.343   1.815   -7.158  1.00 11.95 ? 1411 SER A O   1 
ATOM   816  C CB  . SER A 1 120 ? 6.016   -0.934  -6.206  1.00 12.34 ? 1411 SER A CB  1 
ATOM   817  O OG  . SER A 1 120 ? 6.681   0.206   -5.664  1.00 14.24 ? 1411 SER A OG  1 
ATOM   818  N N   . ALA A 1 121 ? 5.136   0.565   -8.861  1.00 11.63 ? 1412 ALA A N   1 
ATOM   819  C CA  . ALA A 1 121 ? 5.180   1.722   -9.787  1.00 12.52 ? 1412 ALA A CA  1 
ATOM   820  C C   . ALA A 1 121 ? 3.792   2.313   -9.988  1.00 11.45 ? 1412 ALA A C   1 
ATOM   821  O O   . ALA A 1 121 ? 3.624   3.545   -9.957  1.00 12.19 ? 1412 ALA A O   1 
ATOM   822  C CB  . ALA A 1 121 ? 5.764   1.329   -11.126 1.00 12.24 ? 1412 ALA A CB  1 
ATOM   823  N N   . PHE A 1 122 ? 2.784   1.453   -10.132 1.00 11.50 ? 1413 PHE A N   1 
ATOM   824  C CA  . PHE A 1 122 ? 1.384   1.925   -10.308 1.00 11.62 ? 1413 PHE A CA  1 
ATOM   825  C C   . PHE A 1 122 ? 0.917   2.672   -9.058  1.00 12.42 ? 1413 PHE A C   1 
ATOM   826  O O   . PHE A 1 122 ? 0.334   3.775   -9.108  1.00 12.90 ? 1413 PHE A O   1 
ATOM   827  C CB  . PHE A 1 122 ? 0.497   0.726   -10.603 1.00 12.26 ? 1413 PHE A CB  1 
ATOM   828  C CG  . PHE A 1 122 ? -0.965  1.047   -10.704 1.00 13.03 ? 1413 PHE A CG  1 
ATOM   829  C CD1 . PHE A 1 122 ? -1.506  1.578   -11.855 1.00 15.15 ? 1413 PHE A CD1 1 
ATOM   830  C CD2 . PHE A 1 122 ? -1.824  0.835   -9.639  1.00 15.20 ? 1413 PHE A CD2 1 
ATOM   831  C CE1 . PHE A 1 122 ? -2.846  1.952   -11.910 1.00 17.56 ? 1413 PHE A CE1 1 
ATOM   832  C CE2 . PHE A 1 122 ? -3.180  1.120   -9.742  1.00 16.24 ? 1413 PHE A CE2 1 
ATOM   833  C CZ  . PHE A 1 122 ? -3.692  1.681   -10.874 1.00 19.40 ? 1413 PHE A CZ  1 
ATOM   834  N N   . PHE A 1 123 ? 1.142   2.053   -7.883  1.00 11.64 ? 1414 PHE A N   1 
ATOM   835  C CA  . PHE A 1 123 ? 0.747   2.675   -6.608  1.00 11.44 ? 1414 PHE A CA  1 
ATOM   836  C C   . PHE A 1 123 ? 1.428   4.038   -6.430  1.00 11.58 ? 1414 PHE A C   1 
ATOM   837  O O   . PHE A 1 123 ? 0.740   5.043   -6.080  1.00 12.40 ? 1414 PHE A O   1 
ATOM   838  C CB  . PHE A 1 123 ? 1.113   1.759   -5.420  1.00 12.39 ? 1414 PHE A CB  1 
ATOM   839  C CG  . PHE A 1 123 ? 0.869   2.385   -4.058  1.00 11.99 ? 1414 PHE A CG  1 
ATOM   840  C CD1 . PHE A 1 123 ? -0.413  2.546   -3.572  1.00 13.04 ? 1414 PHE A CD1 1 
ATOM   841  C CD2 . PHE A 1 123 ? 1.939   2.890   -3.314  1.00 12.70 ? 1414 PHE A CD2 1 
ATOM   842  C CE1 . PHE A 1 123 ? -0.608  3.179   -2.334  1.00 12.75 ? 1414 PHE A CE1 1 
ATOM   843  C CE2 . PHE A 1 123 ? 1.725   3.519   -2.097  1.00 13.47 ? 1414 PHE A CE2 1 
ATOM   844  C CZ  . PHE A 1 123 ? 0.458   3.656   -1.636  1.00 13.47 ? 1414 PHE A CZ  1 
ATOM   845  N N   . GLU A 1 124 ? 2.745   4.122   -6.620  1.00 11.49 ? 1415 GLU A N   1 
ATOM   846  C CA  . GLU A 1 124 ? 3.457   5.407   -6.405  1.00 12.51 ? 1415 GLU A CA  1 
ATOM   847  C C   . GLU A 1 124 ? 2.937   6.454   -7.385  1.00 13.80 ? 1415 GLU A C   1 
ATOM   848  O O   . GLU A 1 124 ? 2.825   7.627   -7.013  1.00 14.35 ? 1415 GLU A O   1 
ATOM   849  C CB  . GLU A 1 124 ? 4.960   5.206   -6.543  1.00 13.73 ? 1415 GLU A CB  1 
ATOM   850  C CG  . GLU A 1 124 ? 5.582   4.356   -5.435  1.00 14.59 ? 1415 GLU A CG  1 
ATOM   851  C CD  . GLU A 1 124 ? 5.494   4.908   -4.021  1.00 16.20 ? 1415 GLU A CD  1 
ATOM   852  O OE1 . GLU A 1 124 ? 5.461   6.163   -3.889  1.00 17.26 ? 1415 GLU A OE1 1 
ATOM   853  O OE2 . GLU A 1 124 ? 5.426   4.116   -3.072  1.00 15.42 ? 1415 GLU A OE2 1 
ATOM   854  N N   . GLU A 1 125 ? 2.637   6.073   -8.624  1.00 12.91 ? 1416 GLU A N   1 
ATOM   855  C CA  . GLU A 1 125 ? 2.120   7.049   -9.618  1.00 13.30 ? 1416 GLU A CA  1 
ATOM   856  C C   . GLU A 1 125 ? 0.822   7.685   -9.129  1.00 13.46 ? 1416 GLU A C   1 
ATOM   857  O O   . GLU A 1 125 ? 0.611   8.895   -9.331  1.00 14.28 ? 1416 GLU A O   1 
ATOM   858  C CB  . GLU A 1 125 ? 1.892   6.240   -10.898 1.00 13.09 ? 1416 GLU A CB  1 
ATOM   859  C CG  . GLU A 1 125 ? 1.251   6.998   -12.048 1.00 14.62 ? 1416 GLU A CG  1 
ATOM   860  C CD  . GLU A 1 125 ? 1.169   6.118   -13.294 1.00 14.81 ? 1416 GLU A CD  1 
ATOM   861  O OE1 . GLU A 1 125 ? 2.261   5.783   -13.833 1.00 15.41 ? 1416 GLU A OE1 1 
ATOM   862  O OE2 . GLU A 1 125 ? 0.084   5.613   -13.622 1.00 16.22 ? 1416 GLU A OE2 1 
ATOM   863  N N   . HIS A 1 126 ? -0.055  6.895   -8.515  1.00 13.71 ? 1417 HIS A N   1 
ATOM   864  C CA  . HIS A 1 126 ? -1.405  7.323   -8.063  1.00 14.99 ? 1417 HIS A CA  1 
ATOM   865  C C   . HIS A 1 126 ? -1.359  8.010   -6.680  1.00 14.98 ? 1417 HIS A C   1 
ATOM   866  O O   . HIS A 1 126 ? -2.071  9.018   -6.484  1.00 16.66 ? 1417 HIS A O   1 
ATOM   867  C CB  . HIS A 1 126 ? -2.363  6.121   -8.115  1.00 15.25 ? 1417 HIS A CB  1 
ATOM   868  C CG  . HIS A 1 126 ? -2.769  5.707   -9.498  1.00 16.18 ? 1417 HIS A CG  1 
ATOM   869  N ND1 . HIS A 1 126 ? -1.888  5.143   -10.399 1.00 17.13 ? 1417 HIS A ND1 1 
ATOM   870  C CD2 . HIS A 1 126 ? -3.955  5.807   -10.139 1.00 16.93 ? 1417 HIS A CD2 1 
ATOM   871  C CE1 . HIS A 1 126 ? -2.523  4.927   -11.542 1.00 18.47 ? 1417 HIS A CE1 1 
ATOM   872  N NE2 . HIS A 1 126 ? -3.787  5.293   -11.402 1.00 17.10 ? 1417 HIS A NE2 1 
ATOM   873  N N   . ILE A 1 127 ? -0.545  7.518   -5.738  1.00 13.99 ? 1418 ILE A N   1 
ATOM   874  C CA  . ILE A 1 127 ? -0.571  8.050   -4.356  1.00 13.28 ? 1418 ILE A CA  1 
ATOM   875  C C   . ILE A 1 127 ? 0.027   9.456   -4.251  1.00 13.23 ? 1418 ILE A C   1 
ATOM   876  O O   . ILE A 1 127 ? -0.282  10.181  -3.310  1.00 13.24 ? 1418 ILE A O   1 
ATOM   877  C CB  . ILE A 1 127 ? 0.097   7.084   -3.372  1.00 13.54 ? 1418 ILE A CB  1 
ATOM   878  C CG1 . ILE A 1 127 ? -0.422  7.253   -1.931  1.00 14.67 ? 1418 ILE A CG1 1 
ATOM   879  C CG2 . ILE A 1 127 ? 1.606   7.191   -3.411  1.00 13.42 ? 1418 ILE A CG2 1 
ATOM   880  C CD1 . ILE A 1 127 ? -1.867  6.968   -1.725  1.00 15.34 ? 1418 ILE A CD1 1 
ATOM   881  N N   A SER A 1 128 ? 0.888   9.839   -5.196  0.25 13.80 ? 1419 SER A N   1 
ATOM   882  N N   B SER A 1 128 ? 0.888   9.826   -5.200  0.25 13.47 ? 1419 SER A N   1 
ATOM   883  C CA  A SER A 1 128 ? 1.627   11.128  -5.164  0.25 14.42 ? 1419 SER A CA  1 
ATOM   884  C CA  B SER A 1 128 ? 1.620   11.117  -5.206  0.25 13.83 ? 1419 SER A CA  1 
ATOM   885  C C   A SER A 1 128 ? 0.655   12.308  -4.979  0.25 14.46 ? 1419 SER A C   1 
ATOM   886  C C   B SER A 1 128 ? 0.656   12.293  -4.983  0.25 14.17 ? 1419 SER A C   1 
ATOM   887  O O   A SER A 1 128 ? 0.880   13.145  -4.070  0.25 15.34 ? 1419 SER A O   1 
ATOM   888  O O   B SER A 1 128 ? 0.889   13.110  -4.060  0.25 15.23 ? 1419 SER A O   1 
ATOM   889  C CB  A SER A 1 128 ? 2.477   11.284  -6.397  0.25 15.40 ? 1419 SER A CB  1 
ATOM   890  C CB  B SER A 1 128 ? 2.398   11.271  -6.487  0.25 14.34 ? 1419 SER A CB  1 
ATOM   891  O OG  A SER A 1 128 ? 1.692   11.119  -7.565  0.25 17.49 ? 1419 SER A OG  1 
ATOM   892  O OG  B SER A 1 128 ? 2.632   12.644  -6.759  0.25 15.16 ? 1419 SER A OG  1 
ATOM   893  N N   . SER A 1 129 ? -0.409  12.377  -5.773  1.00 13.59 ? 1420 SER A N   1 
ATOM   894  C CA  . SER A 1 129 ? -1.383  13.494  -5.702  1.00 14.13 ? 1420 SER A CA  1 
ATOM   895  C C   . SER A 1 129 ? -2.155  13.437  -4.376  1.00 13.81 ? 1420 SER A C   1 
ATOM   896  O O   . SER A 1 129 ? -2.535  14.489  -3.845  1.00 13.99 ? 1420 SER A O   1 
ATOM   897  C CB  . SER A 1 129 ? -2.316  13.545  -6.881  1.00 15.68 ? 1420 SER A CB  1 
ATOM   898  O OG  . SER A 1 129 ? -3.095  12.395  -7.018  1.00 20.97 ? 1420 SER A OG  1 
ATOM   899  N N   . VAL A 1 130 ? -2.474  12.228  -3.939  1.00 12.76 ? 1421 VAL A N   1 
ATOM   900  C CA  . VAL A 1 130 ? -3.226  12.058  -2.664  1.00 13.24 ? 1421 VAL A CA  1 
ATOM   901  C C   . VAL A 1 130 ? -2.420  12.647  -1.521  1.00 13.41 ? 1421 VAL A C   1 
ATOM   902  O O   . VAL A 1 130 ? -2.971  13.446  -0.676  1.00 13.13 ? 1421 VAL A O   1 
ATOM   903  C CB  . VAL A 1 130 ? -3.545  10.601  -2.423  1.00 12.08 ? 1421 VAL A CB  1 
ATOM   904  C CG1 . VAL A 1 130 ? -4.250  10.440  -1.082  1.00 12.72 ? 1421 VAL A CG1 1 
ATOM   905  C CG2 . VAL A 1 130 ? -4.394  10.033  -3.540  1.00 13.12 ? 1421 VAL A CG2 1 
ATOM   906  N N   . LEU A 1 131 ? -1.120  12.336  -1.435  1.00 12.70 ? 1422 LEU A N   1 
ATOM   907  C CA  . LEU A 1 131 ? -0.259  12.884  -0.379  1.00 12.93 ? 1422 LEU A CA  1 
ATOM   908  C C   . LEU A 1 131 ? -0.096  14.392  -0.504  1.00 12.74 ? 1422 LEU A C   1 
ATOM   909  O O   . LEU A 1 131 ? -0.194  15.121  0.501   1.00 13.03 ? 1422 LEU A O   1 
ATOM   910  C CB  . LEU A 1 131 ? 1.129   12.233  -0.445  1.00 13.28 ? 1422 LEU A CB  1 
ATOM   911  C CG  . LEU A 1 131 ? 1.162   10.740  -0.132  1.00 13.42 ? 1422 LEU A CG  1 
ATOM   912  C CD1 . LEU A 1 131 ? 2.495   10.106  -0.522  1.00 15.40 ? 1422 LEU A CD1 1 
ATOM   913  C CD2 . LEU A 1 131 ? 0.844   10.505  1.334   1.00 15.01 ? 1422 LEU A CD2 1 
ATOM   914  N N   . SER A 1 132 ? 0.166   14.872  -1.719  1.00 13.65 ? 1423 SER A N   1 
ATOM   915  C CA  . SER A 1 132 ? 0.358   16.326  -1.964  1.00 13.97 ? 1423 SER A CA  1 
ATOM   916  C C   . SER A 1 132 ? -0.898  17.090  -1.531  1.00 13.73 ? 1423 SER A C   1 
ATOM   917  O O   . SER A 1 132 ? -0.769  18.098  -0.802  1.00 13.97 ? 1423 SER A O   1 
ATOM   918  C CB  . SER A 1 132 ? 0.677   16.597  -3.410  1.00 14.46 ? 1423 SER A CB  1 
ATOM   919  O OG  . SER A 1 132 ? 1.966   16.126  -3.733  1.00 15.82 ? 1423 SER A OG  1 
ATOM   920  N N   . ASP A 1 133 ? -2.071  16.635  -1.963  1.00 13.49 ? 1424 ASP A N   1 
ATOM   921  C CA  . ASP A 1 133 ? -3.337  17.358  -1.649  1.00 13.83 ? 1424 ASP A CA  1 
ATOM   922  C C   . ASP A 1 133 ? -3.588  17.357  -0.149  1.00 13.34 ? 1424 ASP A C   1 
ATOM   923  O O   . ASP A 1 133 ? -3.970  18.400  0.420   1.00 14.12 ? 1424 ASP A O   1 
ATOM   924  C CB  . ASP A 1 133 ? -4.551  16.821  -2.401  1.00 15.23 ? 1424 ASP A CB  1 
ATOM   925  C CG  . ASP A 1 133 ? -4.584  17.029  -3.892  1.00 18.75 ? 1424 ASP A CG  1 
ATOM   926  O OD1 . ASP A 1 133 ? -3.698  17.693  -4.428  1.00 19.65 ? 1424 ASP A OD1 1 
ATOM   927  O OD2 . ASP A 1 133 ? -5.521  16.497  -4.492  1.00 23.52 ? 1424 ASP A OD2 1 
ATOM   928  N N   . TYR A 1 134 ? -3.393  16.218  0.515   1.00 12.32 ? 1425 TYR A N   1 
ATOM   929  C CA  . TYR A 1 134 ? -3.553  16.160  1.985   1.00 12.53 ? 1425 TYR A CA  1 
ATOM   930  C C   . TYR A 1 134 ? -2.610  17.143  2.664   1.00 12.78 ? 1425 TYR A C   1 
ATOM   931  O O   . TYR A 1 134 ? -3.047  17.897  3.545   1.00 13.17 ? 1425 TYR A O   1 
ATOM   932  C CB  . TYR A 1 134 ? -3.377  14.720  2.513   1.00 12.14 ? 1425 TYR A CB  1 
ATOM   933  C CG  . TYR A 1 134 ? -3.455  14.633  4.009   1.00 12.52 ? 1425 TYR A CG  1 
ATOM   934  C CD1 . TYR A 1 134 ? -4.688  14.648  4.634   1.00 13.74 ? 1425 TYR A CD1 1 
ATOM   935  C CD2 . TYR A 1 134 ? -2.324  14.607  4.795   1.00 14.15 ? 1425 TYR A CD2 1 
ATOM   936  C CE1 . TYR A 1 134 ? -4.798  14.536  6.007   1.00 14.61 ? 1425 TYR A CE1 1 
ATOM   937  C CE2 . TYR A 1 134 ? -2.415  14.485  6.160   1.00 14.77 ? 1425 TYR A CE2 1 
ATOM   938  C CZ  . TYR A 1 134 ? -3.647  14.516  6.762   1.00 15.57 ? 1425 TYR A CZ  1 
ATOM   939  O OH  . TYR A 1 134 ? -3.747  14.411  8.135   1.00 19.02 ? 1425 TYR A OH  1 
ATOM   940  N N   . LYS A 1 135 ? -1.313  17.097  2.341   1.00 12.41 ? 1426 LYS A N   1 
ATOM   941  C CA  . LYS A 1 135 ? -0.361  17.944  3.077   1.00 12.51 ? 1426 LYS A CA  1 
ATOM   942  C C   . LYS A 1 135 ? -0.666  19.438  2.820   1.00 12.43 ? 1426 LYS A C   1 
ATOM   943  O O   . LYS A 1 135 ? -0.542  20.262  3.732   1.00 12.34 ? 1426 LYS A O   1 
ATOM   944  C CB  . LYS A 1 135 ? 1.057   17.547  2.677   1.00 13.73 ? 1426 LYS A CB  1 
ATOM   945  C CG  . LYS A 1 135 ? 1.408   16.133  3.124   1.00 14.91 ? 1426 LYS A CG  1 
ATOM   946  C CD  . LYS A 1 135 ? 2.861   15.770  2.761   1.00 15.75 ? 1426 LYS A CD  1 
ATOM   947  C CE  . LYS A 1 135 ? 3.245   14.377  3.224   1.00 19.20 ? 1426 LYS A CE  1 
ATOM   948  N NZ  . LYS A 1 135 ? 4.686   14.100  2.964   1.00 25.41 ? 1426 LYS A NZ  1 
ATOM   949  N N   A SER A 1 136 ? -1.071  19.774  1.601   0.40 12.52 ? 1427 SER A N   1 
ATOM   950  N N   B SER A 1 136 ? -1.102  19.779  1.606   0.10 12.74 ? 1427 SER A N   1 
ATOM   951  C CA  A SER A 1 136 ? -1.501  21.148  1.228   0.40 13.65 ? 1427 SER A CA  1 
ATOM   952  C CA  B SER A 1 136 ? -1.480  21.168  1.232   0.10 13.11 ? 1427 SER A CA  1 
ATOM   953  C C   A SER A 1 136 ? -2.729  21.566  2.053   0.40 13.15 ? 1427 SER A C   1 
ATOM   954  C C   B SER A 1 136 ? -2.767  21.596  1.958   0.10 13.30 ? 1427 SER A C   1 
ATOM   955  O O   A SER A 1 136 ? -2.730  22.692  2.617   0.40 11.55 ? 1427 SER A O   1 
ATOM   956  O O   B SER A 1 136 ? -2.860  22.786  2.317   0.10 13.31 ? 1427 SER A O   1 
ATOM   957  C CB  A SER A 1 136 ? -1.783  21.200  -0.231  0.40 14.44 ? 1427 SER A CB  1 
ATOM   958  C CB  B SER A 1 136 ? -1.592  21.321  -0.258  0.10 13.12 ? 1427 SER A CB  1 
ATOM   959  O OG  A SER A 1 136 ? -2.499  22.377  -0.556  0.40 18.50 ? 1427 SER A OG  1 
ATOM   960  O OG  B SER A 1 136 ? -2.511  20.392  -0.805  0.10 13.54 ? 1427 SER A OG  1 
ATOM   961  N N   . ALA A 1 137 ? -3.710  20.673  2.192   1.00 13.51 ? 1428 ALA A N   1 
ATOM   962  C CA  . ALA A 1 137 ? -4.944  20.958  2.966   1.00 14.43 ? 1428 ALA A CA  1 
ATOM   963  C C   . ALA A 1 137 ? -4.574  21.202  4.414   1.00 14.67 ? 1428 ALA A C   1 
ATOM   964  O O   . ALA A 1 137 ? -5.122  22.138  5.116   1.00 15.14 ? 1428 ALA A O   1 
ATOM   965  C CB  . ALA A 1 137 ? -5.899  19.777  2.865   1.00 15.66 ? 1428 ALA A CB  1 
ATOM   966  N N   . LEU A 1 138 ? -3.657  20.446  4.990   1.00 13.40 ? 1429 LEU A N   1 
ATOM   967  C CA  . LEU A 1 138 ? -3.278  20.624  6.383   1.00 15.22 ? 1429 LEU A CA  1 
ATOM   968  C C   . LEU A 1 138 ? -2.536  21.942  6.546   1.00 13.98 ? 1429 LEU A C   1 
ATOM   969  O O   . LEU A 1 138 ? -2.755  22.669  7.536   1.00 14.90 ? 1429 LEU A O   1 
ATOM   970  C CB  . LEU A 1 138 ? -2.481  19.413  6.866   1.00 20.74 ? 1429 LEU A CB  1 
ATOM   971  C CG  . LEU A 1 138 ? -2.852  18.818  8.201   1.00 26.28 ? 1429 LEU A CG  1 
ATOM   972  C CD1 . LEU A 1 138 ? -4.333  18.556  8.390   1.00 25.08 ? 1429 LEU A CD1 1 
ATOM   973  C CD2 . LEU A 1 138 ? -2.018  17.565  8.386   1.00 24.96 ? 1429 LEU A CD2 1 
ATOM   974  N N   . ARG A 1 139 ? -1.647  22.285  5.593   1.00 12.43 ? 1430 ARG A N   1 
ATOM   975  C CA  . ARG A 1 139 ? -0.969  23.582  5.693   1.00 13.44 ? 1430 ARG A CA  1 
ATOM   976  C C   . ARG A 1 139 ? -2.012  24.726  5.627   1.00 12.05 ? 1430 ARG A C   1 
ATOM   977  O O   . ARG A 1 139 ? -1.859  25.707  6.389   1.00 14.15 ? 1430 ARG A O   1 
ATOM   978  C CB  . ARG A 1 139 ? 0.092   23.775  4.611   1.00 12.68 ? 1430 ARG A CB  1 
ATOM   979  C CG  . ARG A 1 139 ? 1.314   22.864  4.747   1.00 13.96 ? 1430 ARG A CG  1 
ATOM   980  C CD  . ARG A 1 139 ? 2.394   23.182  3.725   1.00 13.76 ? 1430 ARG A CD  1 
ATOM   981  N NE  . ARG A 1 139 ? 2.048   22.945  2.345   1.00 13.90 ? 1430 ARG A NE  1 
ATOM   982  C CZ  . ARG A 1 139 ? 2.300   21.828  1.656   1.00 13.04 ? 1430 ARG A CZ  1 
ATOM   983  N NH1 . ARG A 1 139 ? 2.821   20.763  2.257   1.00 15.18 ? 1430 ARG A NH1 1 
ATOM   984  N NH2 . ARG A 1 139 ? 2.044   21.775  0.359   1.00 13.96 ? 1430 ARG A NH2 1 
ATOM   985  N N   . PHE A 1 140 ? -3.008  24.642  4.749   1.00 11.33 ? 1431 PHE A N   1 
ATOM   986  C CA  . PHE A 1 140 ? -4.046  25.686  4.644   1.00 12.95 ? 1431 PHE A CA  1 
ATOM   987  C C   . PHE A 1 140 ? -4.820  25.797  5.965   1.00 13.38 ? 1431 PHE A C   1 
ATOM   988  O O   . PHE A 1 140 ? -5.036  26.886  6.478   1.00 13.88 ? 1431 PHE A O   1 
ATOM   989  C CB  . PHE A 1 140 ? -4.944  25.419  3.468   1.00 13.31 ? 1431 PHE A CB  1 
ATOM   990  C CG  . PHE A 1 140 ? -5.912  26.539  3.210   1.00 14.45 ? 1431 PHE A CG  1 
ATOM   991  C CD1 . PHE A 1 140 ? -5.486  27.683  2.528   1.00 16.71 ? 1431 PHE A CD1 1 
ATOM   992  C CD2 . PHE A 1 140 ? -7.217  26.480  3.646   1.00 15.59 ? 1431 PHE A CD2 1 
ATOM   993  C CE1 . PHE A 1 140 ? -6.378  28.719  2.269   1.00 17.51 ? 1431 PHE A CE1 1 
ATOM   994  C CE2 . PHE A 1 140 ? -8.099  27.533  3.405   1.00 18.50 ? 1431 PHE A CE2 1 
ATOM   995  C CZ  . PHE A 1 140 ? -7.666  28.639  2.709   1.00 18.45 ? 1431 PHE A CZ  1 
ATOM   996  N N   . HIS A 1 141 ? -5.098  24.666  6.586   1.00 14.81 ? 1432 HIS A N   1 
ATOM   997  C CA  . HIS A 1 141 ? -5.802  24.671  7.899   1.00 16.74 ? 1432 HIS A CA  1 
ATOM   998  C C   . HIS A 1 141 ? -5.012  25.439  8.962   1.00 20.43 ? 1432 HIS A C   1 
ATOM   999  O O   . HIS A 1 141 ? -5.632  26.125  9.816   1.00 20.26 ? 1432 HIS A O   1 
ATOM   1000 C CB  . HIS A 1 141 ? -6.081  23.222  8.296   1.00 16.95 ? 1432 HIS A CB  1 
ATOM   1001 C CG  . HIS A 1 141 ? -7.005  23.144  9.471   1.00 16.42 ? 1432 HIS A CG  1 
ATOM   1002 N ND1 . HIS A 1 141 ? -8.357  23.420  9.343   1.00 15.81 ? 1432 HIS A ND1 1 
ATOM   1003 C CD2 . HIS A 1 141 ? -6.766  22.834  10.755  1.00 18.67 ? 1432 HIS A CD2 1 
ATOM   1004 C CE1 . HIS A 1 141 ? -8.939  23.248  10.537  1.00 16.23 ? 1432 HIS A CE1 1 
ATOM   1005 N NE2 . HIS A 1 141 ? -7.984  22.899  11.421  1.00 16.88 ? 1432 HIS A NE2 1 
ATOM   1006 N N   . LYS A 1 142 ? -3.682  25.343  8.941   1.00 20.94 ? 1433 LYS A N   1 
ATOM   1007 C CA  . LYS A 1 142 ? -2.789  25.991  9.943   1.00 23.64 ? 1433 LYS A CA  1 
ATOM   1008 C C   . LYS A 1 142 ? -2.235  27.323  9.416   1.00 25.59 ? 1433 LYS A C   1 
ATOM   1009 O O   . LYS A 1 142 ? -1.270  27.843  10.022  1.00 29.31 ? 1433 LYS A O   1 
ATOM   1010 C CB  . LYS A 1 142 ? -1.677  25.003  10.308  1.00 26.12 ? 1433 LYS A CB  1 
ATOM   1011 C CG  . LYS A 1 142 ? -2.183  23.688  10.880  1.00 27.69 ? 1433 LYS A CG  1 
ATOM   1012 C CD  . LYS A 1 142 ? -1.259  22.518  10.651  1.00 29.61 ? 1433 LYS A CD  1 
ATOM   1013 C CE  . LYS A 1 142 ? -2.013  21.256  10.298  1.00 29.95 ? 1433 LYS A CE  1 
ATOM   1014 N NZ  . LYS A 1 142 ? -2.373  20.457  11.493  1.00 30.99 ? 1433 LYS A NZ  1 
ATOM   1015 N N   . ARG A 1 143 ? -2.818  27.886  8.355   1.00 24.92 ? 1434 ARG A N   1 
ATOM   1016 C CA  . ARG A 1 143 ? -2.275  29.114  7.724   1.00 27.02 ? 1434 ARG A CA  1 
ATOM   1017 C C   . ARG A 1 143 ? -2.286  30.352  8.651   1.00 36.39 ? 1434 ARG A C   1 
ATOM   1018 O O   . ARG A 1 143 ? -1.539  31.310  8.350   1.00 39.42 ? 1434 ARG A O   1 
ATOM   1019 C CB  . ARG A 1 143 ? -2.996  29.426  6.422   1.00 24.45 ? 1434 ARG A CB  1 
ATOM   1020 C CG  . ARG A 1 143 ? -4.397  29.980  6.622   1.00 24.08 ? 1434 ARG A CG  1 
ATOM   1021 C CD  . ARG A 1 143 ? -5.150  29.960  5.333   1.00 24.26 ? 1434 ARG A CD  1 
ATOM   1022 N NE  . ARG A 1 143 ? -6.473  30.508  5.524   1.00 22.41 ? 1434 ARG A NE  1 
ATOM   1023 C CZ  . ARG A 1 143 ? -7.500  29.900  6.053   1.00 23.14 ? 1434 ARG A CZ  1 
ATOM   1024 N NH1 . ARG A 1 143 ? -7.424  28.647  6.473   1.00 19.60 ? 1434 ARG A NH1 1 
ATOM   1025 N NH2 . ARG A 1 143 ? -8.669  30.527  6.094   1.00 24.79 ? 1434 ARG A NH2 1 
ATOM   1026 N N   . ASN A 1 144 ? -3.135  30.372  9.679   1.00 34.35 ? 1435 ASN A N   1 
ATOM   1027 C CA  . ASN A 1 144 ? -3.288  31.524  10.615  1.00 39.03 ? 1435 ASN A CA  1 
ATOM   1028 C C   . ASN A 1 144 ? -3.055  31.045  12.053  1.00 39.47 ? 1435 ASN A C   1 
ATOM   1029 O O   . ASN A 1 144 ? -3.502  31.768  12.973  1.00 43.61 ? 1435 ASN A O   1 
ATOM   1030 C CB  . ASN A 1 144 ? -4.664  32.195  10.513  1.00 38.76 ? 1435 ASN A CB  1 
ATOM   1031 C CG  . ASN A 1 144 ? -4.938  32.843  9.168   1.00 40.42 ? 1435 ASN A CG  1 
ATOM   1032 O OD1 . ASN A 1 144 ? -4.120  33.603  8.652   1.00 41.18 ? 1435 ASN A OD1 1 
ATOM   1033 N ND2 . ASN A 1 144 ? -6.100  32.561  8.601   1.00 38.01 ? 1435 ASN A ND2 1 
HETATM 1034 N N1  . ZP5 B 2 .   ? 0.783   -15.081 -1.011  0.49 34.19 ? 1901 ZP5 A N1  1 
HETATM 1035 N N3  . ZP5 B 2 .   ? 3.059   -15.075 -1.439  0.49 31.52 ? 1901 ZP5 A N3  1 
HETATM 1036 C C4  . ZP5 B 2 .   ? -2.112  -16.880 0.053   0.49 38.91 ? 1901 ZP5 A C4  1 
HETATM 1037 C C5  . ZP5 B 2 .   ? 4.371   -15.715 -1.529  0.49 30.66 ? 1901 ZP5 A C5  1 
HETATM 1038 C C6  . ZP5 B 2 .   ? 5.433   -14.887 -0.834  0.49 29.78 ? 1901 ZP5 A C6  1 
HETATM 1039 C C7  . ZP5 B 2 .   ? 4.125   -12.880 -1.209  0.49 30.48 ? 1901 ZP5 A C7  1 
HETATM 1040 C C8  . ZP5 B 2 .   ? 3.065   -13.694 -1.920  0.49 29.99 ? 1901 ZP5 A C8  1 
HETATM 1041 C C10 . ZP5 B 2 .   ? 7.440   -13.621 -2.804  0.49 28.20 ? 1901 ZP5 A C10 1 
HETATM 1042 C C13 . ZP5 B 2 .   ? 8.333   -15.354 -3.816  0.49 27.47 ? 1901 ZP5 A C13 1 
HETATM 1043 C C1  . ZP5 B 2 .   ? 1.976   -15.745 -0.973  0.49 33.72 ? 1901 ZP5 A C1  1 
HETATM 1044 C C11 . ZP5 B 2 .   ? 8.583   -13.180 -3.383  0.49 27.57 ? 1901 ZP5 A C11 1 
HETATM 1045 C C12 . ZP5 B 2 .   ? 9.168   -14.287 -4.042  0.49 25.71 ? 1901 ZP5 A C12 1 
HETATM 1046 C C2  . ZP5 B 2 .   ? -0.475  -15.590 -0.668  0.49 36.73 ? 1901 ZP5 A C2  1 
HETATM 1047 C C3  . ZP5 B 2 .   ? -0.780  -16.833 -0.112  0.49 37.55 ? 1901 ZP5 A C3  1 
HETATM 1048 C C9  . ZP5 B 2 .   ? 6.430   -12.919 -2.033  0.49 28.34 ? 1901 ZP5 A C9  1 
HETATM 1049 N N2  . ZP5 B 2 .   ? -1.562  -14.891 -0.837  0.49 37.13 ? 1901 ZP5 A N2  1 
HETATM 1050 N N4  . ZP5 B 2 .   ? 5.427   -13.528 -1.382  0.49 30.24 ? 1901 ZP5 A N4  1 
HETATM 1051 O O1  . ZP5 B 2 .   ? 2.072   -16.898 -0.549  0.49 33.47 ? 1901 ZP5 A O1  1 
HETATM 1052 O O2  . ZP5 B 2 .   ? -2.621  -15.716 -0.375  0.49 39.85 ? 1901 ZP5 A O2  1 
HETATM 1053 O O3  . ZP5 B 2 .   ? 6.471   -11.694 -2.047  0.49 28.20 ? 1901 ZP5 A O3  1 
HETATM 1054 O O4  . ZP5 B 2 .   ? 7.267   -14.955 -3.067  0.49 26.10 ? 1901 ZP5 A O4  1 
HETATM 1055 O O   . HOH C 3 .   ? 9.300   -19.486 11.275  1.00 38.03 ? 2001 HOH A O   1 
HETATM 1056 O O   . HOH C 3 .   ? -4.011  13.946  15.839  1.00 34.84 ? 2002 HOH A O   1 
HETATM 1057 O O   . HOH C 3 .   ? -5.909  14.280  9.289   1.00 36.21 ? 2003 HOH A O   1 
HETATM 1058 O O   . HOH C 3 .   ? 15.936  -11.133 3.033   0.49 14.85 ? 2004 HOH A O   1 
HETATM 1059 O O   . HOH C 3 .   ? -1.165  0.123   10.327  1.00 37.19 ? 2005 HOH A O   1 
HETATM 1060 O O   . HOH C 3 .   ? 5.255   13.830  0.534   1.00 29.90 ? 2006 HOH A O   1 
HETATM 1061 O O   . HOH C 3 .   ? -2.289  -15.083 -9.199  1.00 35.22 ? 2007 HOH A O   1 
HETATM 1062 O O   . HOH C 3 .   ? 5.669   -11.220 -13.555 1.00 30.40 ? 2008 HOH A O   1 
HETATM 1063 O O   . HOH C 3 .   ? -3.161  -13.164 -1.792  0.49 15.68 ? 2009 HOH A O   1 
HETATM 1064 O O   . HOH C 3 .   ? 7.421   -9.413  14.647  1.00 42.48 ? 2010 HOH A O   1 
HETATM 1065 O O   . HOH C 3 .   ? 1.311   -7.489  10.463  1.00 28.82 ? 2011 HOH A O   1 
HETATM 1066 O O   . HOH C 3 .   ? 0.623   10.800  9.725   1.00 30.20 ? 2012 HOH A O   1 
HETATM 1067 O O   . HOH C 3 .   ? 14.877  -20.240 7.839   1.00 30.32 ? 2013 HOH A O   1 
HETATM 1068 O O   . HOH C 3 .   ? 11.475  -10.736 -14.017 1.00 43.19 ? 2014 HOH A O   1 
HETATM 1069 O O   . HOH C 3 .   ? -1.430  24.652  -1.210  1.00 26.67 ? 2015 HOH A O   1 
HETATM 1070 O O   . HOH C 3 .   ? 8.231   -19.107 9.249   0.49 24.92 ? 2016 HOH A O   1 
HETATM 1071 O O   . HOH C 3 .   ? -2.818  33.458  6.389   1.00 40.53 ? 2017 HOH A O   1 
HETATM 1072 O O   . HOH C 3 .   ? -4.291  9.727   -7.679  1.00 29.41 ? 2018 HOH A O   1 
HETATM 1073 O O   . HOH C 3 .   ? 6.298   -10.992 0.803   1.00 17.26 ? 2019 HOH A O   1 
HETATM 1074 O O   . HOH C 3 .   ? -7.608  30.786  9.858   1.00 47.37 ? 2020 HOH A O   1 
HETATM 1075 O O   . HOH C 3 .   ? -8.234  -11.424 -14.595 1.00 23.25 ? 2021 HOH A O   1 
HETATM 1076 O O   . HOH C 3 .   ? 5.917   1.518   -3.283  1.00 17.37 ? 2022 HOH A O   1 
HETATM 1077 O O   . HOH C 3 .   ? -6.195  12.697  11.061  1.00 37.19 ? 2023 HOH A O   1 
HETATM 1078 O O   . HOH C 3 .   ? -0.799  11.151  -8.502  1.00 19.55 ? 2024 HOH A O   1 
HETATM 1079 O O   . HOH C 3 .   ? 0.766   -10.855 -13.545 1.00 33.02 ? 2025 HOH A O   1 
HETATM 1080 O O   . HOH C 3 .   ? -14.982 6.769   3.380   1.00 28.77 ? 2026 HOH A O   1 
HETATM 1081 O O   . HOH C 3 .   ? -15.972 0.608   9.926   1.00 46.25 ? 2027 HOH A O   1 
HETATM 1082 O O   . HOH C 3 .   ? 10.081  -5.330  4.718   1.00 19.62 ? 2028 HOH A O   1 
HETATM 1083 O O   . HOH C 3 .   ? -8.114  26.530  10.763  1.00 35.88 ? 2029 HOH A O   1 
HETATM 1084 O O   . HOH C 3 .   ? 0.389   3.110   -14.563 1.00 15.39 ? 2030 HOH A O   1 
HETATM 1085 O O   . HOH C 3 .   ? -0.163  -9.880  6.021   1.00 19.50 ? 2031 HOH A O   1 
HETATM 1086 O O   . HOH C 3 .   ? -9.143  24.127  6.857   1.00 15.74 ? 2032 HOH A O   1 
HETATM 1087 O O   . HOH C 3 .   ? 4.554   7.187   -13.545 1.00 23.21 ? 2033 HOH A O   1 
HETATM 1088 O O   . HOH C 3 .   ? -14.487 4.192   8.729   1.00 18.30 ? 2034 HOH A O   1 
HETATM 1089 O O   . HOH C 3 .   ? 4.433   -8.780  0.655   0.49 11.65 ? 2035 HOH A O   1 
HETATM 1090 O O   . HOH C 3 .   ? -13.643 16.814  -1.487  1.00 37.69 ? 2036 HOH A O   1 
HETATM 1091 O O   . HOH C 3 .   ? 3.790   -9.644  3.789   0.49 13.18 ? 2037 HOH A O   1 
HETATM 1092 O O   . HOH C 3 .   ? 2.163   -9.632  1.306   0.49 13.11 ? 2038 HOH A O   1 
HETATM 1093 O O   . HOH C 3 .   ? 7.082   0.879   5.136   1.00 16.79 ? 2039 HOH A O   1 
HETATM 1094 O O   . HOH C 3 .   ? -9.692  -8.734  -6.842  0.49 21.66 ? 2040 HOH A O   1 
HETATM 1095 O O   . HOH C 3 .   ? -1.375  19.051  -4.879  1.00 30.56 ? 2041 HOH A O   1 
HETATM 1096 O O   . HOH C 3 .   ? -8.570  -12.766 -5.429  1.00 31.12 ? 2042 HOH A O   1 
HETATM 1097 O O   . HOH C 3 .   ? -13.921 0.757   13.668  1.00 29.15 ? 2043 HOH A O   1 
HETATM 1098 O O   . HOH C 3 .   ? -12.830 10.898  1.907   1.00 14.16 ? 2044 HOH A O   1 
HETATM 1099 O O   . HOH C 3 .   ? 4.224   -0.201  8.571   1.00 29.01 ? 2045 HOH A O   1 
HETATM 1100 O O   . HOH C 3 .   ? -7.725  22.939  4.822   1.00 16.32 ? 2046 HOH A O   1 
HETATM 1101 O O   . HOH C 3 .   ? 9.097   -5.000  -4.128  1.00 16.79 ? 2047 HOH A O   1 
HETATM 1102 O O   . HOH C 3 .   ? -1.568  14.338  9.808   1.00 26.41 ? 2048 HOH A O   1 
HETATM 1103 O O   . HOH C 3 .   ? 4.614   8.524   -5.015  1.00 17.71 ? 2049 HOH A O   1 
HETATM 1104 O O   . HOH C 3 .   ? 8.991   -0.757  4.075   1.00 17.46 ? 2050 HOH A O   1 
HETATM 1105 O O   . HOH C 3 .   ? 11.235  -7.969  8.125   1.00 31.71 ? 2051 HOH A O   1 
HETATM 1106 O O   . HOH C 3 .   ? -11.460 13.503  -4.218  1.00 42.13 ? 2052 HOH A O   1 
HETATM 1107 O O   . HOH C 3 .   ? 8.804   -0.265  -9.120  1.00 24.01 ? 2053 HOH A O   1 
HETATM 1108 O O   . HOH C 3 .   ? 16.066  -11.207 -1.239  1.00 20.13 ? 2054 HOH A O   1 
HETATM 1109 O O   . HOH C 3 .   ? -5.707  28.882  10.015  1.00 36.91 ? 2055 HOH A O   1 
HETATM 1110 O O   . HOH C 3 .   ? 1.123   13.667  -8.841  1.00 29.90 ? 2056 HOH A O   1 
HETATM 1111 O O   . HOH C 3 .   ? 9.267   -0.460  -4.918  1.00 25.82 ? 2057 HOH A O   1 
HETATM 1112 O O   . HOH C 3 .   ? 2.439   10.544  -10.620 1.00 26.36 ? 2058 HOH A O   1 
HETATM 1113 O O   . HOH C 3 .   ? -10.374 -1.123  15.251  1.00 35.05 ? 2059 HOH A O   1 
HETATM 1114 O O   . HOH C 3 .   ? 12.986  -2.405  -5.387  1.00 28.36 ? 2060 HOH A O   1 
HETATM 1115 O O   . HOH C 3 .   ? 1.979   15.506  -6.451  1.00 22.10 ? 2061 HOH A O   1 
HETATM 1116 O O   . HOH C 3 .   ? 0.662   26.726  7.025   1.00 28.83 ? 2062 HOH A O   1 
HETATM 1117 O O   . HOH C 3 .   ? -3.587  -8.524  9.346   1.00 32.83 ? 2063 HOH A O   1 
HETATM 1118 O O   . HOH C 3 .   ? 8.947   -0.468  -0.200  1.00 15.05 ? 2064 HOH A O   1 
HETATM 1119 O O   . HOH C 3 .   ? 3.546   13.410  -3.250  1.00 18.98 ? 2065 HOH A O   1 
HETATM 1120 O O   . HOH C 3 .   ? 9.007   -12.803 12.686  1.00 30.70 ? 2066 HOH A O   1 
HETATM 1121 O O   . HOH C 3 .   ? -2.314  -12.921 -10.990 1.00 25.02 ? 2067 HOH A O   1 
HETATM 1122 O O   . HOH C 3 .   ? -15.160 7.965   7.251   1.00 18.68 ? 2068 HOH A O   1 
HETATM 1123 O O   . HOH C 3 .   ? -5.831  13.974  -0.484  1.00 11.98 ? 2069 HOH A O   1 
HETATM 1124 O O   . HOH C 3 .   ? -3.091  -2.464  10.503  1.00 30.74 ? 2070 HOH A O   1 
HETATM 1125 O O   . HOH C 3 .   ? -7.794  7.555   -6.159  1.00 25.89 ? 2071 HOH A O   1 
HETATM 1126 O O   . HOH C 3 .   ? 0.998   -5.164  -15.313 0.49 15.32 ? 2072 HOH A O   1 
HETATM 1127 O O   . HOH C 3 .   ? -9.525  26.883  7.035   1.00 22.60 ? 2073 HOH A O   1 
HETATM 1128 O O   . HOH C 3 .   ? -2.753  2.155   11.716  1.00 25.21 ? 2074 HOH A O   1 
HETATM 1129 O O   . HOH C 3 .   ? -11.813 -3.837  -7.356  1.00 27.59 ? 2075 HOH A O   1 
HETATM 1130 O O   . HOH C 3 .   ? -1.379  7.850   -14.480 1.00 26.56 ? 2076 HOH A O   1 
HETATM 1131 O O   . HOH C 3 .   ? 13.232  -5.090  1.254   1.00 22.80 ? 2077 HOH A O   1 
HETATM 1132 O O   . HOH C 3 .   ? 4.570   7.377   4.491   1.00 21.41 ? 2078 HOH A O   1 
HETATM 1133 O O   . HOH C 3 .   ? 0.905   25.314  1.350   1.00 19.12 ? 2079 HOH A O   1 
HETATM 1134 O O   . HOH C 3 .   ? 1.019   19.360  5.892   1.00 18.13 ? 2080 HOH A O   1 
HETATM 1135 O O   . HOH C 3 .   ? -1.746  25.249  1.537   1.00 15.92 ? 2081 HOH A O   1 
HETATM 1136 O O   . HOH C 3 .   ? -12.357 12.228  -1.833  1.00 23.05 ? 2082 HOH A O   1 
HETATM 1137 O O   . HOH C 3 .   ? -1.227  -13.392 -13.246 1.00 33.96 ? 2083 HOH A O   1 
HETATM 1138 O O   . HOH C 3 .   ? 1.316   2.697   9.061   1.00 22.23 ? 2084 HOH A O   1 
HETATM 1139 O O   . HOH C 3 .   ? -15.138 4.510   -2.184  1.00 39.20 ? 2085 HOH A O   1 
HETATM 1140 O O   . HOH C 3 .   ? 2.419   -0.975  -13.389 1.00 18.70 ? 2086 HOH A O   1 
HETATM 1141 O O   . HOH C 3 .   ? -8.826  5.070   8.358   1.00 13.41 ? 2087 HOH A O   1 
HETATM 1142 O O   . HOH C 3 .   ? 7.898   -6.276  -15.593 1.00 18.04 ? 2088 HOH A O   1 
HETATM 1143 O O   . HOH C 3 .   ? 9.010   4.111   9.905   1.00 36.52 ? 2089 HOH A O   1 
HETATM 1144 O O   . HOH C 3 .   ? 8.741   -5.958  -12.896 1.00 19.39 ? 2090 HOH A O   1 
HETATM 1145 O O   . HOH C 3 .   ? -4.728  21.377  -2.402  1.00 31.72 ? 2091 HOH A O   1 
HETATM 1146 O O   . HOH C 3 .   ? 5.888   5.230   -10.452 1.00 23.15 ? 2092 HOH A O   1 
HETATM 1147 O O   . HOH C 3 .   ? 8.007   1.974   -7.495  1.00 21.91 ? 2093 HOH A O   1 
HETATM 1148 O O   . HOH C 3 .   ? 0.436   -11.609 0.611   0.49 10.29 ? 2094 HOH A O   1 
HETATM 1149 O O   . HOH C 3 .   ? 8.799   -6.958  7.814   1.00 19.78 ? 2095 HOH A O   1 
HETATM 1150 O O   . HOH C 3 .   ? -1.692  -15.848 -4.166  1.00 32.09 ? 2096 HOH A O   1 
HETATM 1151 O O   . HOH C 3 .   ? -8.225  -2.223  12.166  1.00 41.21 ? 2097 HOH A O   1 
HETATM 1152 O O   . HOH C 3 .   ? 3.891   10.262  -9.274  1.00 31.77 ? 2098 HOH A O   1 
HETATM 1153 O O   . HOH C 3 .   ? -0.522  10.422  12.354  1.00 31.30 ? 2099 HOH A O   1 
HETATM 1154 O O   . HOH C 3 .   ? 1.551   -11.487 4.708   0.49 14.91 ? 2100 HOH A O   1 
HETATM 1155 O O   . HOH C 3 .   ? 6.337   9.550   1.171   1.00 31.43 ? 2101 HOH A O   1 
HETATM 1156 O O   . HOH C 3 .   ? 5.530   11.788  4.559   1.00 28.06 ? 2102 HOH A O   1 
HETATM 1157 O O   . HOH C 3 .   ? -6.692  -9.353  6.428   1.00 40.86 ? 2103 HOH A O   1 
HETATM 1158 O O   . HOH C 3 .   ? -7.922  16.172  -2.782  1.00 20.42 ? 2104 HOH A O   1 
HETATM 1159 O O   . HOH C 3 .   ? 0.855   -3.345  -12.045 1.00 23.70 ? 2105 HOH A O   1 
HETATM 1160 O O   . HOH C 3 .   ? -11.291 -0.237  -1.294  1.00 32.41 ? 2106 HOH A O   1 
HETATM 1161 O O   . HOH C 3 .   ? 6.566   -22.715 9.597   1.00 30.47 ? 2107 HOH A O   1 
HETATM 1162 O O   . HOH C 3 .   ? 1.783   -18.742 -3.788  0.49 23.13 ? 2108 HOH A O   1 
HETATM 1163 O O   . HOH C 3 .   ? -7.096  14.926  1.876   1.00 13.10 ? 2109 HOH A O   1 
HETATM 1164 O O   . HOH C 3 .   ? 3.574   20.149  5.057   1.00 19.67 ? 2110 HOH A O   1 
HETATM 1165 O O   . HOH C 3 .   ? 2.043   -1.834  10.389  1.00 38.35 ? 2111 HOH A O   1 
HETATM 1166 O O   . HOH C 3 .   ? -11.720 2.467   -8.251  1.00 29.16 ? 2112 HOH A O   1 
HETATM 1167 O O   . HOH C 3 .   ? -13.716 14.246  2.105   1.00 18.77 ? 2113 HOH A O   1 
HETATM 1168 O O   . HOH C 3 .   ? -6.060  14.445  12.071  0.50 33.53 ? 2114 HOH A O   1 
HETATM 1169 O O   . HOH C 3 .   ? 15.067  -4.952  -8.327  1.00 31.16 ? 2115 HOH A O   1 
HETATM 1170 O O   . HOH C 3 .   ? -9.620  14.898  9.900   1.00 22.92 ? 2116 HOH A O   1 
HETATM 1171 O O   . HOH C 3 .   ? 6.387   10.009  -1.287  1.00 23.68 ? 2117 HOH A O   1 
HETATM 1172 O O   . HOH C 3 .   ? -9.311  12.463  7.776   1.00 20.89 ? 2118 HOH A O   1 
HETATM 1173 O O   . HOH C 3 .   ? -11.131 11.137  6.056   1.00 16.02 ? 2119 HOH A O   1 
HETATM 1174 O O   . HOH C 3 .   ? 0.054   -16.486 -14.736 0.49 31.57 ? 2120 HOH A O   1 
HETATM 1175 O O   . HOH C 3 .   ? -12.349 -7.129  -3.260  1.00 34.32 ? 2121 HOH A O   1 
HETATM 1176 O O   . HOH C 3 .   ? -8.360  -9.009  -12.895 1.00 25.73 ? 2122 HOH A O   1 
HETATM 1177 O O   . HOH C 3 .   ? -18.590 5.263   -4.242  1.00 41.18 ? 2123 HOH A O   1 
HETATM 1178 O O   . HOH C 3 .   ? 5.169   14.095  -7.614  1.00 40.13 ? 2124 HOH A O   1 
HETATM 1179 O O   . HOH C 3 .   ? -10.605 -6.957  0.759   1.00 39.86 ? 2125 HOH A O   1 
HETATM 1180 O O   . HOH C 3 .   ? 15.069  -15.230 12.387  1.00 39.77 ? 2126 HOH A O   1 
HETATM 1181 O O   . HOH C 3 .   ? -1.075  -18.490 6.441   1.00 40.92 ? 2127 HOH A O   1 
HETATM 1182 O O   . HOH C 3 .   ? -5.545  13.483  -5.075  1.00 30.63 ? 2128 HOH A O   1 
HETATM 1183 O O   . HOH C 3 .   ? -6.665  -1.396  -12.378 1.00 34.13 ? 2129 HOH A O   1 
HETATM 1184 O O   . HOH C 3 .   ? -10.393 -6.062  3.317   1.00 33.58 ? 2130 HOH A O   1 
HETATM 1185 O O   . HOH C 3 .   ? 1.866   -13.930 6.397   1.00 25.82 ? 2131 HOH A O   1 
HETATM 1186 O O   . HOH C 3 .   ? 6.507   5.483   3.765   1.00 17.42 ? 2132 HOH A O   1 
HETATM 1187 O O   . HOH C 3 .   ? -7.777  -10.171 -10.877 1.00 37.95 ? 2133 HOH A O   1 
HETATM 1188 O O   . HOH C 3 .   ? 9.950   -16.330 -6.137  0.49 34.09 ? 2134 HOH A O   1 
HETATM 1189 O O   . HOH C 3 .   ? 11.342  -6.873  -13.039 1.00 24.32 ? 2135 HOH A O   1 
HETATM 1190 O O   . HOH C 3 .   ? 9.949   -20.894 -0.819  1.00 50.38 ? 2136 HOH A O   1 
HETATM 1191 O O   . HOH C 3 .   ? 7.753   -16.242 -7.550  0.49 12.39 ? 2137 HOH A O   1 
HETATM 1192 O O   . HOH C 3 .   ? 16.872  -3.544  -6.547  1.00 34.24 ? 2138 HOH A O   1 
HETATM 1193 O O   . HOH C 3 .   ? -4.540  -6.486  -14.802 1.00 35.65 ? 2139 HOH A O   1 
HETATM 1194 O O   . HOH C 3 .   ? -0.727  20.435  -3.562  1.00 38.88 ? 2140 HOH A O   1 
HETATM 1195 O O   . HOH C 3 .   ? 19.516  -14.422 -6.466  1.00 20.88 ? 2141 HOH A O   1 
HETATM 1196 O O   . HOH C 3 .   ? -10.202 -10.344 -8.959  1.00 31.03 ? 2142 HOH A O   1 
HETATM 1197 O O   . HOH C 3 .   ? -2.364  8.887   -11.174 1.00 40.55 ? 2143 HOH A O   1 
HETATM 1198 O O   . HOH C 3 .   ? 3.330   7.564   8.516   1.00 33.08 ? 2144 HOH A O   1 
HETATM 1199 O O   . HOH C 3 .   ? -10.451 -12.624 -7.627  1.00 33.65 ? 2145 HOH A O   1 
HETATM 1200 O O   . HOH C 3 .   ? -5.734  -13.921 -2.345  0.49 32.60 ? 2146 HOH A O   1 
HETATM 1201 O O   . HOH C 3 .   ? -4.902  20.949  -5.535  1.00 42.65 ? 2147 HOH A O   1 
HETATM 1202 O O   . HOH C 3 .   ? -1.779  27.606  3.221   1.00 17.61 ? 2148 HOH A O   1 
HETATM 1203 O O   . HOH C 3 .   ? 10.831  -2.053  -1.387  1.00 17.22 ? 2149 HOH A O   1 
HETATM 1204 O O   . HOH C 3 .   ? 5.668   7.933   -9.296  1.00 37.90 ? 2150 HOH A O   1 
HETATM 1205 O O   . HOH C 3 .   ? 0.626   20.881  8.130   1.00 30.98 ? 2151 HOH A O   1 
HETATM 1206 O O   . HOH C 3 .   ? 6.093   12.644  -5.498  1.00 42.07 ? 2152 HOH A O   1 
HETATM 1207 O O   . HOH C 3 .   ? -1.217  -7.301  -15.605 1.00 38.56 ? 2153 HOH A O   1 
HETATM 1208 O O   . HOH C 3 .   ? -11.904 -0.674  -9.926  1.00 42.19 ? 2154 HOH A O   1 
HETATM 1209 O O   . HOH C 3 .   ? -20.596 6.679   -5.451  1.00 26.36 ? 2155 HOH A O   1 
HETATM 1210 O O   . HOH C 3 .   ? 0.471   28.189  4.709   1.00 35.82 ? 2156 HOH A O   1 
HETATM 1211 O O   . HOH C 3 .   ? 10.171  4.909   0.331   1.00 34.26 ? 2157 HOH A O   1 
HETATM 1212 O O   . HOH C 3 .   ? 15.653  -6.829  1.318   0.49 33.96 ? 2158 HOH A O   1 
HETATM 1213 O O   . HOH C 3 .   ? 9.332   -4.361  9.011   1.00 35.32 ? 2159 HOH A O   1 
HETATM 1214 O O   . HOH C 3 .   ? 7.769   -1.027  -13.268 1.00 28.13 ? 2160 HOH A O   1 
HETATM 1215 O O   . HOH C 3 .   ? 16.221  -16.977 10.782  1.00 45.56 ? 2161 HOH A O   1 
HETATM 1216 O O   . HOH C 3 .   ? 8.462   1.306   -2.245  1.00 20.81 ? 2162 HOH A O   1 
HETATM 1217 O O   . HOH C 3 .   ? -15.515 -0.981  -7.677  1.00 30.95 ? 2163 HOH A O   1 
HETATM 1218 O O   . HOH C 3 .   ? -3.442  13.459  -10.877 1.00 36.91 ? 2164 HOH A O   1 
HETATM 1219 O O   . HOH C 3 .   ? 9.348   1.447   9.049   1.00 34.03 ? 2165 HOH A O   1 
HETATM 1220 O O   . HOH C 3 .   ? 2.288   -25.024 -1.225  0.49 30.55 ? 2166 HOH A O   1 
HETATM 1221 O O   . HOH C 3 .   ? -11.173 4.539   -9.474  1.00 42.06 ? 2167 HOH A O   1 
HETATM 1222 O O   . HOH C 3 .   ? 3.934   16.032  6.485   1.00 43.01 ? 2168 HOH A O   1 
HETATM 1223 O O   . HOH C 3 .   ? 9.150   9.840   2.200   1.00 51.64 ? 2169 HOH A O   1 
HETATM 1224 O O   . HOH C 3 .   ? -11.571 -5.792  -12.342 0.46 19.37 ? 2170 HOH A O   1 
HETATM 1225 O O   . HOH C 3 .   ? 9.280   -3.015  -12.982 1.00 34.76 ? 2171 HOH A O   1 
HETATM 1226 O O   . HOH C 3 .   ? 10.164  0.715   1.938   0.46 13.58 ? 2172 HOH A O   1 
HETATM 1227 O O   . HOH C 3 .   ? 15.030  -5.649  -10.646 1.00 33.66 ? 2173 HOH A O   1 
HETATM 1228 O O   . HOH C 3 .   ? -14.520 9.426   3.544   1.00 20.75 ? 2174 HOH A O   1 
HETATM 1229 O O   . HOH C 3 .   ? -14.309 12.442  0.039   1.00 26.30 ? 2175 HOH A O   1 
HETATM 1230 O O   . HOH C 3 .   ? -0.963  -10.823 8.550   1.00 32.76 ? 2176 HOH A O   1 
HETATM 1231 O O   . HOH C 3 .   ? -16.367 2.680   -7.226  1.00 40.29 ? 2177 HOH A O   1 
HETATM 1232 O O   . HOH C 3 .   ? 7.114   0.034   7.868   1.00 25.46 ? 2178 HOH A O   1 
HETATM 1233 O O   . HOH C 3 .   ? 10.480  -2.627  -4.132  1.00 16.02 ? 2179 HOH A O   1 
HETATM 1234 O O   . HOH C 3 .   ? 3.080   9.908   9.193   1.00 38.64 ? 2180 HOH A O   1 
HETATM 1235 O O   . HOH C 3 .   ? 4.859   10.842  -3.513  1.00 19.73 ? 2181 HOH A O   1 
HETATM 1236 O O   . HOH C 3 .   ? 4.451   9.634   2.992   1.00 29.70 ? 2182 HOH A O   1 
HETATM 1237 O O   . HOH C 3 .   ? -5.783  7.140   -7.893  1.00 31.62 ? 2183 HOH A O   1 
HETATM 1238 O O   . HOH C 3 .   ? 0.006   17.970  -7.234  1.00 34.23 ? 2184 HOH A O   1 
HETATM 1239 O O   . HOH C 3 .   ? 5.863   7.453   -11.472 1.00 31.11 ? 2185 HOH A O   1 
HETATM 1240 O O   . HOH C 3 .   ? 1.743   23.431  8.406   1.00 42.14 ? 2186 HOH A O   1 
HETATM 1241 O O   . HOH C 3 .   ? 13.324  -1.213  -7.684  1.00 37.96 ? 2187 HOH A O   1 
HETATM 1242 O O   . HOH C 3 .   ? -2.033  -14.976 8.639   0.49 32.35 ? 2188 HOH A O   1 
HETATM 1243 O O   . HOH C 3 .   ? 17.639  -8.779  2.167   0.49 29.06 ? 2189 HOH A O   1 
HETATM 1244 O O   . HOH C 3 .   ? -14.186 10.997  6.438   0.50 11.32 ? 2190 HOH A O   1 
HETATM 1245 O O   . HOH C 3 .   ? 8.005   4.403   -8.473  1.00 29.40 ? 2191 HOH A O   1 
HETATM 1246 O O   . HOH C 3 .   ? -1.771  -4.102  11.045  1.00 39.25 ? 2192 HOH A O   1 
HETATM 1247 O O   . HOH C 3 .   ? 8.332   3.433   4.744   0.46 22.85 ? 2193 HOH A O   1 
HETATM 1248 O O   . HOH C 3 .   ? 4.720   21.990  6.450   1.00 33.83 ? 2194 HOH A O   1 
HETATM 1249 O O   . HOH C 3 .   ? 11.348  -0.578  -9.629  1.00 37.18 ? 2195 HOH A O   1 
HETATM 1250 O O   . HOH C 3 .   ? -0.980  14.862  -10.760 1.00 39.74 ? 2196 HOH A O   1 
HETATM 1251 O O   . HOH C 3 .   ? 1.229   16.554  6.749   1.00 23.99 ? 2197 HOH A O   1 
# 
